data_6XXE
#
_entry.id   6XXE
#
_entity_poly.entity_id   1
_entity_poly.type   'polypeptide(L)'
_entity_poly.pdbx_seq_one_letter_code
;FTLIELAIVIVIIGILVAIAVPRFVDLTDQANQANVDATAAAVRSAYAIATVQAKGIPTCDQVFANPEGGSTSGSTWTSS
DNSTTVSCNASADTFTISRGGKTRTLNLTVN
;
_entity_poly.pdbx_strand_id   A,B,C,D,E,F,G,H,I,J,K,L,M,N,O,P
#
# COMPACT_ATOMS: atom_id res chain seq x y z
N PHE A 1 -33.25 33.84 -9.88
CA PHE A 1 -33.22 33.26 -8.50
C PHE A 1 -34.38 33.80 -7.67
N THR A 2 -35.29 32.90 -7.27
CA THR A 2 -36.41 33.26 -6.39
C THR A 2 -35.97 33.25 -4.93
N LEU A 3 -36.80 33.81 -4.07
CA LEU A 3 -36.54 33.85 -2.63
C LEU A 3 -36.54 32.46 -2.01
N ILE A 4 -37.50 31.64 -2.45
CA ILE A 4 -37.68 30.28 -1.91
C ILE A 4 -36.50 29.36 -2.24
N GLU A 5 -35.86 29.59 -3.38
CA GLU A 5 -34.73 28.79 -3.86
C GLU A 5 -33.51 29.00 -2.96
N LEU A 6 -33.23 30.25 -2.62
CA LEU A 6 -32.11 30.58 -1.74
C LEU A 6 -32.35 30.06 -0.32
N ALA A 7 -33.60 30.16 0.16
CA ALA A 7 -34.00 29.62 1.46
C ALA A 7 -33.71 28.13 1.57
N ILE A 8 -33.96 27.39 0.49
CA ILE A 8 -33.68 25.96 0.42
C ILE A 8 -32.17 25.71 0.34
N VAL A 9 -31.43 26.58 -0.34
CA VAL A 9 -29.96 26.48 -0.38
C VAL A 9 -29.35 26.73 1.01
N ILE A 10 -29.94 27.66 1.76
CA ILE A 10 -29.50 27.94 3.15
C ILE A 10 -29.69 26.71 4.05
N VAL A 11 -30.77 25.97 3.83
CA VAL A 11 -31.03 24.72 4.57
C VAL A 11 -29.99 23.66 4.21
N ILE A 12 -29.76 23.46 2.91
CA ILE A 12 -28.88 22.40 2.43
C ILE A 12 -27.42 22.65 2.83
N ILE A 13 -26.94 23.89 2.65
CA ILE A 13 -25.56 24.25 3.02
C ILE A 13 -25.28 23.99 4.51
N GLY A 14 -26.27 24.24 5.36
CA GLY A 14 -26.17 23.92 6.79
C GLY A 14 -25.89 22.45 7.05
N ILE A 15 -26.53 21.57 6.29
CA ILE A 15 -26.38 20.13 6.44
C ILE A 15 -25.07 19.65 5.80
N LEU A 16 -24.84 20.05 4.55
CA LEU A 16 -23.68 19.56 3.78
C LEU A 16 -22.34 20.14 4.22
N VAL A 17 -22.35 21.20 5.03
CA VAL A 17 -21.14 21.68 5.73
C VAL A 17 -21.29 21.40 7.23
N ALA A 18 -21.56 20.14 7.54
CA ALA A 18 -21.70 19.66 8.90
C ALA A 18 -21.43 18.17 8.88
N ILE A 19 -20.19 17.84 8.52
CA ILE A 19 -19.74 16.47 8.33
C ILE A 19 -18.37 16.27 8.94
N ALA A 20 -18.05 15.02 9.25
CA ALA A 20 -16.69 14.67 9.62
C ALA A 20 -15.84 14.75 8.36
N VAL A 21 -14.66 15.34 8.48
CA VAL A 21 -13.70 15.43 7.38
C VAL A 21 -12.32 15.22 7.99
N PRO A 22 -11.57 14.22 7.50
CA PRO A 22 -10.32 13.89 8.18
C PRO A 22 -9.22 14.87 7.85
N ARG A 23 -8.24 14.98 8.73
CA ARG A 23 -7.13 15.91 8.53
C ARG A 23 -5.84 15.19 8.20
N PHE A 24 -4.90 15.96 7.66
CA PHE A 24 -3.60 15.44 7.28
C PHE A 24 -2.77 15.21 8.54
N VAL A 25 -2.72 13.95 8.98
CA VAL A 25 -1.80 13.54 10.03
C VAL A 25 -0.48 13.24 9.33
N ASP A 26 0.59 13.89 9.79
CA ASP A 26 1.91 13.69 9.19
C ASP A 26 2.48 12.35 9.69
N LEU A 27 2.57 11.39 8.76
CA LEU A 27 3.05 10.05 9.06
C LEU A 27 4.37 9.76 8.34
N THR A 28 5.23 10.77 8.22
CA THR A 28 6.54 10.59 7.60
C THR A 28 7.43 9.80 8.56
N ASP A 29 7.51 10.27 9.79
CA ASP A 29 8.21 9.58 10.89
C ASP A 29 7.88 8.09 11.02
N GLN A 30 6.63 7.72 10.73
CA GLN A 30 6.22 6.31 10.70
C GLN A 30 6.85 5.59 9.52
N ALA A 31 6.77 6.21 8.35
CA ALA A 31 7.36 5.64 7.12
C ALA A 31 8.88 5.67 7.11
N ASN A 32 9.49 6.62 7.82
CA ASN A 32 10.95 6.71 7.90
C ASN A 32 11.56 5.51 8.63
N GLN A 33 10.92 5.05 9.69
CA GLN A 33 11.36 3.85 10.40
C GLN A 33 11.08 2.58 9.58
N ALA A 34 10.02 2.60 8.77
CA ALA A 34 9.75 1.51 7.82
C ALA A 34 10.79 1.49 6.70
N ASN A 35 11.14 2.67 6.20
CA ASN A 35 12.16 2.84 5.17
C ASN A 35 13.51 2.35 5.69
N VAL A 36 13.91 2.84 6.85
CA VAL A 36 15.22 2.53 7.43
C VAL A 36 15.35 1.03 7.79
N ASP A 37 14.23 0.36 8.03
CA ASP A 37 14.22 -1.10 8.17
C ASP A 37 14.43 -1.79 6.82
N ALA A 38 13.63 -1.40 5.83
CA ALA A 38 13.72 -1.96 4.48
C ALA A 38 15.09 -1.77 3.83
N THR A 39 15.69 -0.61 4.08
CA THR A 39 17.06 -0.35 3.65
C THR A 39 18.05 -1.25 4.40
N ALA A 40 17.88 -1.33 5.71
CA ALA A 40 18.73 -2.20 6.55
C ALA A 40 18.62 -3.69 6.19
N ALA A 41 17.45 -4.10 5.71
CA ALA A 41 17.25 -5.47 5.21
C ALA A 41 18.12 -5.74 3.97
N ALA A 42 18.17 -4.74 3.08
CA ALA A 42 18.98 -4.82 1.87
C ALA A 42 20.48 -4.76 2.16
N VAL A 43 20.87 -3.97 3.15
CA VAL A 43 22.28 -3.83 3.54
C VAL A 43 22.83 -5.16 4.07
N ARG A 44 21.99 -5.92 4.78
CA ARG A 44 22.35 -7.28 5.20
C ARG A 44 22.55 -8.21 4.01
N SER A 45 21.58 -8.18 3.09
CA SER A 45 21.64 -9.02 1.89
C SER A 45 22.82 -8.67 1.00
N ALA A 46 23.03 -7.37 0.78
CA ALA A 46 24.17 -6.88 0.00
C ALA A 46 25.51 -7.31 0.59
N TYR A 47 25.62 -7.27 1.91
CA TYR A 47 26.82 -7.75 2.61
C TYR A 47 27.04 -9.24 2.39
N ALA A 48 25.95 -10.02 2.47
CA ALA A 48 26.01 -11.45 2.24
C ALA A 48 26.40 -11.82 0.80
N ILE A 49 26.02 -10.98 -0.16
CA ILE A 49 26.43 -11.16 -1.56
C ILE A 49 27.90 -10.75 -1.73
N ALA A 50 28.31 -9.68 -1.05
CA ALA A 50 29.71 -9.25 -1.08
C ALA A 50 30.68 -10.32 -0.57
N THR A 51 30.24 -11.08 0.43
CA THR A 51 31.06 -12.15 1.01
C THR A 51 31.29 -13.32 0.07
N VAL A 52 30.34 -13.59 -0.83
CA VAL A 52 30.50 -14.64 -1.84
C VAL A 52 31.42 -14.14 -2.96
N GLN A 53 31.27 -12.87 -3.34
CA GLN A 53 32.13 -12.23 -4.34
C GLN A 53 33.58 -12.14 -3.86
N ALA A 54 33.75 -11.57 -2.67
CA ALA A 54 35.07 -11.36 -2.08
C ALA A 54 35.72 -12.62 -1.50
N LYS A 55 34.95 -13.70 -1.33
CA LYS A 55 35.38 -14.93 -0.63
C LYS A 55 36.17 -14.63 0.66
N GLY A 56 35.54 -13.81 1.50
CA GLY A 56 36.15 -13.30 2.73
C GLY A 56 35.36 -12.12 3.25
N ILE A 57 35.88 -11.47 4.30
CA ILE A 57 35.27 -10.23 4.81
C ILE A 57 35.40 -9.13 3.75
N PRO A 58 34.26 -8.64 3.20
CA PRO A 58 34.32 -7.70 2.10
C PRO A 58 34.58 -6.27 2.54
N THR A 59 35.09 -5.45 1.61
CA THR A 59 35.30 -4.02 1.87
C THR A 59 33.98 -3.27 1.80
N CYS A 60 33.97 -2.06 2.36
CA CYS A 60 32.75 -1.25 2.42
C CYS A 60 32.27 -0.78 1.04
N ASP A 61 33.20 -0.64 0.10
CA ASP A 61 32.86 -0.30 -1.29
C ASP A 61 32.21 -1.47 -2.02
N GLN A 62 32.71 -2.69 -1.79
CA GLN A 62 32.11 -3.91 -2.35
C GLN A 62 30.68 -4.16 -1.88
N VAL A 63 30.38 -3.75 -0.65
CA VAL A 63 29.03 -3.89 -0.08
C VAL A 63 28.05 -2.92 -0.76
N PHE A 64 28.46 -1.67 -0.97
CA PHE A 64 27.60 -0.67 -1.65
C PHE A 64 27.53 -0.85 -3.16
N ALA A 65 28.33 -1.73 -3.73
CA ALA A 65 28.21 -2.09 -5.14
C ALA A 65 26.90 -2.83 -5.45
N ASN A 66 26.38 -3.58 -4.47
CA ASN A 66 25.20 -4.43 -4.69
C ASN A 66 23.83 -3.72 -4.65
N PRO A 67 23.58 -2.82 -3.66
CA PRO A 67 22.31 -2.09 -3.63
C PRO A 67 22.08 -1.17 -4.81
N GLU A 68 20.82 -1.02 -5.20
CA GLU A 68 20.43 -0.14 -6.28
C GLU A 68 19.27 0.75 -5.85
N GLY A 69 19.01 1.77 -6.67
CA GLY A 69 18.03 2.81 -6.35
C GLY A 69 18.65 3.90 -5.50
N GLY A 70 19.84 4.34 -5.90
CA GLY A 70 20.60 5.36 -5.16
C GLY A 70 22.09 5.26 -5.41
N SER A 71 22.76 6.40 -5.31
CA SER A 71 24.17 6.54 -5.67
C SER A 71 25.08 6.45 -4.46
N THR A 72 26.37 6.22 -4.75
CA THR A 72 27.42 6.19 -3.72
C THR A 72 28.37 7.37 -3.86
N SER A 73 29.13 7.62 -2.80
CA SER A 73 30.19 8.63 -2.81
C SER A 73 31.16 8.37 -1.66
N GLY A 74 32.36 7.88 -2.01
CA GLY A 74 33.39 7.58 -1.02
C GLY A 74 33.06 6.33 -0.22
N SER A 75 32.24 6.50 0.81
CA SER A 75 31.83 5.39 1.67
C SER A 75 30.44 5.59 2.28
N THR A 76 29.53 6.21 1.52
CA THR A 76 28.17 6.49 1.97
C THR A 76 27.19 6.38 0.81
N TRP A 77 26.49 5.25 0.73
CA TRP A 77 25.42 5.07 -0.24
C TRP A 77 24.21 5.87 0.23
N THR A 78 23.77 6.83 -0.58
CA THR A 78 22.52 7.57 -0.36
C THR A 78 21.50 7.12 -1.39
N SER A 79 20.21 7.25 -1.07
CA SER A 79 19.15 6.88 -2.01
C SER A 79 19.10 7.86 -3.20
N SER A 80 18.27 7.53 -4.19
CA SER A 80 18.07 8.39 -5.36
C SER A 80 17.76 9.82 -4.95
N ASP A 81 16.72 9.97 -4.14
CA ASP A 81 16.45 11.23 -3.44
C ASP A 81 17.38 11.31 -2.23
N ASN A 82 17.75 12.53 -1.84
CA ASN A 82 18.77 12.73 -0.81
C ASN A 82 18.26 12.38 0.59
N SER A 83 18.30 11.09 0.90
CA SER A 83 17.97 10.56 2.22
C SER A 83 18.60 9.17 2.40
N THR A 84 18.42 8.57 3.57
CA THR A 84 18.81 7.18 3.84
C THR A 84 20.32 6.91 3.65
N THR A 85 21.13 7.74 4.29
CA THR A 85 22.57 7.59 4.21
C THR A 85 23.03 6.38 5.04
N VAL A 86 23.18 5.24 4.38
CA VAL A 86 23.83 4.07 5.01
C VAL A 86 25.35 4.28 5.00
N SER A 87 25.84 4.90 6.07
CA SER A 87 27.25 5.20 6.25
C SER A 87 27.89 4.13 7.10
N CYS A 88 29.01 3.59 6.63
CA CYS A 88 29.80 2.64 7.40
C CYS A 88 31.10 3.30 7.86
N ASN A 89 31.83 2.57 8.69
CA ASN A 89 33.20 2.92 9.04
C ASN A 89 33.96 1.62 9.30
N ALA A 90 34.73 1.19 8.30
CA ALA A 90 35.43 -0.10 8.31
C ALA A 90 36.28 -0.34 9.56
N SER A 91 36.85 0.73 10.11
CA SER A 91 37.58 0.66 11.37
C SER A 91 36.70 0.26 12.56
N ALA A 92 35.47 0.79 12.59
CA ALA A 92 34.52 0.49 13.67
C ALA A 92 33.71 -0.81 13.47
N ASP A 93 33.68 -1.31 12.23
CA ASP A 93 32.97 -2.55 11.87
C ASP A 93 31.47 -2.45 12.12
N THR A 94 30.85 -1.45 11.50
CA THR A 94 29.40 -1.24 11.63
C THR A 94 28.83 -0.27 10.59
N PHE A 95 27.71 -0.67 9.97
CA PHE A 95 26.92 0.22 9.11
C PHE A 95 25.88 0.93 9.97
N THR A 96 25.44 2.09 9.51
CA THR A 96 24.36 2.83 10.18
C THR A 96 23.48 3.51 9.15
N ILE A 97 22.23 3.03 9.04
CA ILE A 97 21.24 3.57 8.11
C ILE A 97 20.40 4.59 8.87
N SER A 98 20.11 5.72 8.22
CA SER A 98 19.37 6.82 8.84
C SER A 98 18.56 7.59 7.78
N ARG A 99 17.25 7.39 7.79
CA ARG A 99 16.35 8.05 6.83
C ARG A 99 16.22 9.53 7.13
N GLY A 100 15.71 9.86 8.32
CA GLY A 100 15.47 11.24 8.71
C GLY A 100 15.18 11.38 10.19
N GLY A 101 16.15 10.96 11.00
CA GLY A 101 16.01 10.91 12.45
C GLY A 101 15.92 9.48 12.93
N LYS A 102 15.00 8.72 12.33
CA LYS A 102 14.82 7.31 12.65
C LYS A 102 15.98 6.54 12.03
N THR A 103 16.72 5.83 12.86
CA THR A 103 17.98 5.19 12.44
C THR A 103 18.07 3.73 12.89
N ARG A 104 19.06 3.02 12.34
CA ARG A 104 19.23 1.58 12.59
C ARG A 104 20.68 1.14 12.32
N THR A 105 21.45 1.02 13.40
CA THR A 105 22.86 0.64 13.33
C THR A 105 23.02 -0.88 13.37
N LEU A 106 23.79 -1.43 12.44
CA LEU A 106 24.06 -2.86 12.36
C LEU A 106 25.55 -3.12 12.21
N ASN A 107 26.04 -4.15 12.91
CA ASN A 107 27.48 -4.40 13.07
C ASN A 107 27.92 -5.70 12.37
N LEU A 108 28.65 -5.53 11.27
CA LEU A 108 29.20 -6.63 10.48
C LEU A 108 30.70 -6.42 10.27
N THR A 109 31.43 -7.51 10.10
CA THR A 109 32.88 -7.46 9.95
C THR A 109 33.28 -6.90 8.58
N VAL A 110 33.71 -5.64 8.56
CA VAL A 110 34.17 -4.95 7.35
C VAL A 110 35.61 -4.50 7.56
N ASN A 111 36.39 -4.50 6.47
CA ASN A 111 37.81 -4.17 6.51
C ASN A 111 38.15 -3.10 5.47
N PHE B 1 19.69 -23.64 5.15
CA PHE B 1 21.02 -23.12 4.70
C PHE B 1 20.94 -21.64 4.34
N THR B 2 21.64 -20.79 5.10
CA THR B 2 21.73 -19.37 4.82
C THR B 2 22.80 -19.09 3.76
N LEU B 3 22.78 -17.87 3.22
CA LEU B 3 23.76 -17.45 2.22
C LEU B 3 25.17 -17.37 2.80
N ILE B 4 25.27 -16.86 4.03
CA ILE B 4 26.56 -16.67 4.70
C ILE B 4 27.26 -18.00 5.02
N GLU B 5 26.47 -19.05 5.27
CA GLU B 5 26.99 -20.38 5.60
C GLU B 5 27.69 -21.01 4.41
N LEU B 6 27.08 -20.90 3.24
CA LEU B 6 27.66 -21.43 2.01
C LEU B 6 28.92 -20.65 1.62
N ALA B 7 28.89 -19.34 1.80
CA ALA B 7 30.05 -18.47 1.57
C ALA B 7 31.27 -18.90 2.38
N ILE B 8 31.02 -19.28 3.63
CA ILE B 8 32.06 -19.79 4.53
C ILE B 8 32.52 -21.19 4.10
N VAL B 9 31.60 -22.01 3.60
CA VAL B 9 31.97 -23.33 3.05
C VAL B 9 32.84 -23.19 1.79
N ILE B 10 32.54 -22.19 0.95
CA ILE B 10 33.35 -21.91 -0.23
C ILE B 10 34.79 -21.52 0.14
N VAL B 11 34.94 -20.78 1.24
CA VAL B 11 36.27 -20.41 1.76
C VAL B 11 37.02 -21.65 2.25
N ILE B 12 36.35 -22.47 3.05
CA ILE B 12 37.00 -23.63 3.68
C ILE B 12 37.38 -24.70 2.65
N ILE B 13 36.49 -25.00 1.71
CA ILE B 13 36.77 -25.98 0.66
C ILE B 13 38.00 -25.59 -0.18
N GLY B 14 38.17 -24.31 -0.44
CA GLY B 14 39.37 -23.80 -1.11
C GLY B 14 40.66 -24.15 -0.40
N ILE B 15 40.64 -24.07 0.93
CA ILE B 15 41.81 -24.35 1.75
C ILE B 15 42.01 -25.87 1.89
N LEU B 16 40.96 -26.58 2.29
CA LEU B 16 41.05 -28.02 2.57
C LEU B 16 41.22 -28.91 1.34
N VAL B 17 40.99 -28.37 0.14
CA VAL B 17 41.36 -29.04 -1.12
C VAL B 17 42.52 -28.27 -1.76
N ALA B 18 43.57 -28.08 -0.97
CA ALA B 18 44.78 -27.42 -1.40
C ALA B 18 45.91 -27.88 -0.50
N ILE B 19 46.18 -29.19 -0.59
CA ILE B 19 47.12 -29.88 0.26
C ILE B 19 47.96 -30.85 -0.56
N ALA B 20 49.14 -31.17 -0.04
CA ALA B 20 49.94 -32.26 -0.60
C ALA B 20 49.22 -33.56 -0.26
N VAL B 21 49.14 -34.45 -1.24
CA VAL B 21 48.55 -35.77 -1.05
C VAL B 21 49.40 -36.74 -1.87
N PRO B 22 49.95 -37.79 -1.22
CA PRO B 22 50.92 -38.61 -1.94
C PRO B 22 50.23 -39.57 -2.88
N ARG B 23 50.94 -40.02 -3.90
CA ARG B 23 50.38 -40.94 -4.89
C ARG B 23 50.96 -42.33 -4.76
N PHE B 24 50.26 -43.28 -5.36
CA PHE B 24 50.65 -44.68 -5.34
C PHE B 24 51.83 -44.87 -6.29
N VAL B 25 53.03 -44.91 -5.72
CA VAL B 25 54.23 -45.30 -6.47
C VAL B 25 54.27 -46.81 -6.41
N ASP B 26 54.33 -47.46 -7.58
CA ASP B 26 54.38 -48.91 -7.66
C ASP B 26 55.77 -49.39 -7.28
N LEU B 27 55.88 -50.04 -6.12
CA LEU B 27 57.14 -50.54 -5.59
C LEU B 27 57.16 -52.07 -5.53
N THR B 28 56.54 -52.72 -6.52
CA THR B 28 56.54 -54.18 -6.60
C THR B 28 57.93 -54.64 -7.00
N ASP B 29 58.43 -54.07 -8.10
CA ASP B 29 59.80 -54.31 -8.59
C ASP B 29 60.89 -54.18 -7.51
N GLN B 30 60.69 -53.28 -6.55
CA GLN B 30 61.59 -53.15 -5.40
C GLN B 30 61.48 -54.35 -4.48
N ALA B 31 60.24 -54.73 -4.17
CA ALA B 31 59.96 -55.87 -3.29
C ALA B 31 60.26 -57.22 -3.96
N ASN B 32 60.18 -57.27 -5.28
CA ASN B 32 60.49 -58.50 -6.02
C ASN B 32 61.95 -58.90 -5.91
N GLN B 33 62.85 -57.92 -5.96
CA GLN B 33 64.28 -58.17 -5.75
C GLN B 33 64.59 -58.51 -4.29
N ALA B 34 63.82 -57.94 -3.37
CA ALA B 34 63.91 -58.30 -1.94
C ALA B 34 63.41 -59.73 -1.71
N ASN B 35 62.29 -60.07 -2.35
CA ASN B 35 61.73 -61.41 -2.29
C ASN B 35 62.71 -62.43 -2.85
N VAL B 36 63.21 -62.18 -4.05
CA VAL B 36 64.10 -63.12 -4.74
C VAL B 36 65.44 -63.31 -4.00
N ASP B 37 65.84 -62.31 -3.21
CA ASP B 37 66.98 -62.46 -2.29
C ASP B 37 66.63 -63.36 -1.11
N ALA B 38 65.52 -63.05 -0.44
CA ALA B 38 65.05 -63.83 0.71
C ALA B 38 64.79 -65.29 0.37
N THR B 39 64.24 -65.54 -0.82
CA THR B 39 64.06 -66.89 -1.33
C THR B 39 65.41 -67.55 -1.59
N ALA B 40 66.32 -66.82 -2.25
CA ALA B 40 67.67 -67.33 -2.52
C ALA B 40 68.48 -67.61 -1.25
N ALA B 41 68.21 -66.88 -0.17
CA ALA B 41 68.82 -67.15 1.14
C ALA B 41 68.38 -68.51 1.67
N ALA B 42 67.09 -68.80 1.51
CA ALA B 42 66.53 -70.08 1.96
C ALA B 42 66.99 -71.25 1.09
N VAL B 43 67.16 -71.02 -0.20
CA VAL B 43 67.63 -72.05 -1.13
C VAL B 43 69.05 -72.50 -0.79
N ARG B 44 69.89 -71.56 -0.35
CA ARG B 44 71.22 -71.89 0.18
C ARG B 44 71.13 -72.75 1.43
N SER B 45 70.30 -72.33 2.37
CA SER B 45 70.13 -73.04 3.64
C SER B 45 69.54 -74.44 3.42
N ALA B 46 68.50 -74.52 2.59
CA ALA B 46 67.88 -75.80 2.24
C ALA B 46 68.87 -76.78 1.60
N TYR B 47 69.75 -76.26 0.74
CA TYR B 47 70.80 -77.07 0.12
C TYR B 47 71.79 -77.59 1.18
N ALA B 48 72.15 -76.73 2.12
CA ALA B 48 73.05 -77.10 3.21
C ALA B 48 72.44 -78.15 4.15
N ILE B 49 71.13 -78.13 4.31
CA ILE B 49 70.42 -79.16 5.08
C ILE B 49 70.32 -80.46 4.29
N ALA B 50 70.09 -80.35 2.98
CA ALA B 50 70.06 -81.52 2.11
C ALA B 50 71.39 -82.29 2.11
N THR B 51 72.51 -81.57 2.22
CA THR B 51 73.83 -82.19 2.25
C THR B 51 74.10 -83.01 3.51
N VAL B 52 73.49 -82.63 4.62
CA VAL B 52 73.60 -83.39 5.87
C VAL B 52 72.70 -84.62 5.82
N GLN B 53 71.51 -84.46 5.24
CA GLN B 53 70.58 -85.59 5.05
C GLN B 53 71.15 -86.61 4.06
N ALA B 54 71.56 -86.14 2.90
CA ALA B 54 72.08 -86.99 1.83
C ALA B 54 73.51 -87.49 2.07
N LYS B 55 74.23 -86.91 3.02
CA LYS B 55 75.67 -87.16 3.26
C LYS B 55 76.47 -87.22 1.94
N GLY B 56 76.31 -86.15 1.16
CA GLY B 56 76.89 -86.06 -0.18
C GLY B 56 76.22 -84.94 -0.96
N ILE B 57 76.56 -84.82 -2.24
CA ILE B 57 75.87 -83.86 -3.12
C ILE B 57 74.40 -84.29 -3.31
N PRO B 58 73.46 -83.47 -2.82
CA PRO B 58 72.05 -83.87 -2.81
C PRO B 58 71.37 -83.69 -4.17
N THR B 59 70.28 -84.42 -4.38
CA THR B 59 69.47 -84.27 -5.59
C THR B 59 68.59 -83.02 -5.50
N CYS B 60 68.10 -82.57 -6.65
CA CYS B 60 67.29 -81.35 -6.71
C CYS B 60 65.94 -81.49 -6.00
N ASP B 61 65.43 -82.71 -5.93
CA ASP B 61 64.18 -83.00 -5.20
C ASP B 61 64.40 -82.93 -3.68
N GLN B 62 65.53 -83.44 -3.21
CA GLN B 62 65.91 -83.38 -1.78
C GLN B 62 66.09 -81.94 -1.28
N VAL B 63 66.54 -81.05 -2.16
CA VAL B 63 66.73 -79.64 -1.83
C VAL B 63 65.37 -78.94 -1.66
N PHE B 64 64.43 -79.19 -2.56
CA PHE B 64 63.08 -78.59 -2.47
C PHE B 64 62.18 -79.24 -1.41
N ALA B 65 62.62 -80.35 -0.81
CA ALA B 65 61.93 -80.94 0.32
C ALA B 65 61.96 -80.04 1.56
N ASN B 66 63.03 -79.26 1.72
CA ASN B 66 63.25 -78.45 2.93
C ASN B 66 62.47 -77.12 3.01
N PRO B 67 62.41 -76.32 1.91
CA PRO B 67 61.64 -75.07 1.95
C PRO B 67 60.15 -75.27 2.12
N GLU B 68 59.52 -74.32 2.79
CA GLU B 68 58.08 -74.33 3.02
C GLU B 68 57.47 -72.99 2.65
N GLY B 69 56.14 -72.97 2.55
CA GLY B 69 55.40 -71.80 2.09
C GLY B 69 55.30 -71.79 0.57
N GLY B 70 55.00 -72.94 0.00
CA GLY B 70 54.91 -73.11 -1.45
C GLY B 70 55.13 -74.55 -1.88
N SER B 71 54.52 -74.91 -3.00
CA SER B 71 54.49 -76.30 -3.48
C SER B 71 55.55 -76.57 -4.54
N THR B 72 55.81 -77.86 -4.77
CA THR B 72 56.74 -78.31 -5.80
C THR B 72 56.00 -79.03 -6.93
N SER B 73 56.69 -79.18 -8.05
CA SER B 73 56.18 -79.96 -9.18
C SER B 73 57.34 -80.33 -10.12
N GLY B 74 57.72 -81.60 -10.09
CA GLY B 74 58.82 -82.11 -10.92
C GLY B 74 60.16 -81.65 -10.41
N SER B 75 60.55 -80.43 -10.78
CA SER B 75 61.82 -79.86 -10.37
C SER B 75 61.78 -78.33 -10.28
N THR B 76 60.64 -77.79 -9.85
CA THR B 76 60.44 -76.35 -9.73
C THR B 76 59.53 -76.04 -8.54
N TRP B 77 60.15 -75.62 -7.43
CA TRP B 77 59.41 -75.16 -6.26
C TRP B 77 58.88 -73.75 -6.57
N THR B 78 57.56 -73.60 -6.55
CA THR B 78 56.92 -72.28 -6.64
C THR B 78 56.32 -71.92 -5.28
N SER B 79 56.17 -70.62 -5.02
CA SER B 79 55.57 -70.18 -3.75
C SER B 79 54.08 -70.52 -3.68
N SER B 80 53.48 -70.31 -2.51
CA SER B 80 52.05 -70.54 -2.30
C SER B 80 51.23 -69.85 -3.38
N ASP B 81 51.43 -68.53 -3.52
CA ASP B 81 50.94 -67.79 -4.69
C ASP B 81 51.87 -68.04 -5.86
N ASN B 82 51.34 -68.01 -7.07
CA ASN B 82 52.09 -68.41 -8.26
C ASN B 82 53.16 -67.37 -8.64
N SER B 83 54.30 -67.46 -7.97
CA SER B 83 55.49 -66.65 -8.25
C SER B 83 56.73 -67.34 -7.70
N THR B 84 57.90 -66.73 -7.91
CA THR B 84 59.17 -67.18 -7.29
C THR B 84 59.55 -68.62 -7.65
N THR B 85 59.56 -68.92 -8.95
CA THR B 85 59.93 -70.25 -9.41
C THR B 85 61.44 -70.45 -9.28
N VAL B 86 61.86 -71.06 -8.17
CA VAL B 86 63.25 -71.52 -8.04
C VAL B 86 63.41 -72.83 -8.83
N SER B 87 63.80 -72.67 -10.10
CA SER B 87 63.99 -73.79 -11.01
C SER B 87 65.47 -74.13 -11.07
N CYS B 88 65.79 -75.41 -10.89
CA CYS B 88 67.16 -75.90 -11.06
C CYS B 88 67.26 -76.73 -12.33
N ASN B 89 68.49 -77.10 -12.65
CA ASN B 89 68.77 -78.09 -13.68
C ASN B 89 70.05 -78.84 -13.28
N ALA B 90 69.85 -80.04 -12.72
CA ALA B 90 70.94 -80.85 -12.15
C ALA B 90 72.12 -81.07 -13.10
N SER B 91 71.84 -81.14 -14.40
CA SER B 91 72.89 -81.23 -15.42
C SER B 91 73.76 -79.97 -15.47
N ALA B 92 73.14 -78.79 -15.33
CA ALA B 92 73.86 -77.51 -15.37
C ALA B 92 74.49 -77.11 -14.02
N ASP B 93 74.03 -77.71 -12.92
CA ASP B 93 74.52 -77.45 -11.56
C ASP B 93 74.29 -76.00 -11.14
N THR B 94 73.03 -75.59 -11.17
CA THR B 94 72.64 -74.23 -10.77
C THR B 94 71.14 -74.04 -10.57
N PHE B 95 70.77 -73.41 -9.45
CA PHE B 95 69.40 -72.97 -9.20
C PHE B 95 69.23 -71.56 -9.74
N THR B 96 67.99 -71.20 -10.08
CA THR B 96 67.68 -69.83 -10.51
C THR B 96 66.31 -69.42 -9.98
N ILE B 97 66.32 -68.45 -9.05
CA ILE B 97 65.10 -67.92 -8.44
C ILE B 97 64.69 -66.68 -9.22
N SER B 98 63.38 -66.56 -9.48
CA SER B 98 62.84 -65.45 -10.27
C SER B 98 61.42 -65.10 -9.82
N ARG B 99 61.28 -63.98 -9.12
CA ARG B 99 59.98 -63.53 -8.62
C ARG B 99 59.08 -63.04 -9.75
N GLY B 100 59.53 -62.00 -10.45
CA GLY B 100 58.75 -61.40 -11.52
C GLY B 100 59.55 -60.46 -12.37
N GLY B 101 60.60 -61.01 -12.99
CA GLY B 101 61.56 -60.22 -13.77
C GLY B 101 62.89 -60.16 -13.04
N LYS B 102 62.84 -59.73 -11.77
CA LYS B 102 64.03 -59.65 -10.93
C LYS B 102 64.42 -61.07 -10.52
N THR B 103 65.64 -61.46 -10.86
CA THR B 103 66.11 -62.85 -10.72
C THR B 103 67.46 -62.95 -10.04
N ARG B 104 67.83 -64.18 -9.66
CA ARG B 104 69.05 -64.44 -8.90
C ARG B 104 69.52 -65.89 -9.06
N THR B 105 70.49 -66.09 -9.95
CA THR B 105 71.01 -67.43 -10.26
C THR B 105 72.16 -67.77 -9.32
N LEU B 106 72.10 -68.97 -8.73
CA LEU B 106 73.15 -69.46 -7.82
C LEU B 106 73.56 -70.88 -8.20
N ASN B 107 74.86 -71.14 -8.13
CA ASN B 107 75.46 -72.38 -8.67
C ASN B 107 76.02 -73.28 -7.57
N LEU B 108 75.33 -74.39 -7.34
CA LEU B 108 75.72 -75.40 -6.35
C LEU B 108 75.75 -76.78 -7.01
N THR B 109 76.58 -77.67 -6.48
CA THR B 109 76.76 -79.00 -7.06
C THR B 109 75.54 -79.90 -6.79
N VAL B 110 74.72 -80.08 -7.81
CA VAL B 110 73.52 -80.93 -7.74
C VAL B 110 73.64 -82.03 -8.80
N ASN B 111 73.09 -83.20 -8.48
CA ASN B 111 73.18 -84.39 -9.35
C ASN B 111 71.80 -84.99 -9.59
N PHE C 1 15.69 -11.29 5.94
CA PHE C 1 15.92 -12.04 4.67
C PHE C 1 15.08 -11.45 3.54
N THR C 2 15.76 -10.91 2.53
CA THR C 2 15.09 -10.38 1.33
C THR C 2 14.80 -11.51 0.34
N LEU C 3 13.96 -11.21 -0.64
CA LEU C 3 13.61 -12.18 -1.69
C LEU C 3 14.81 -12.54 -2.56
N ILE C 4 15.61 -11.52 -2.90
CA ILE C 4 16.77 -11.69 -3.77
C ILE C 4 17.87 -12.56 -3.14
N GLU C 5 17.98 -12.51 -1.82
CA GLU C 5 18.98 -13.28 -1.07
C GLU C 5 18.70 -14.77 -1.14
N LEU C 6 17.43 -15.15 -0.97
CA LEU C 6 17.02 -16.54 -1.05
C LEU C 6 17.16 -17.08 -2.47
N ALA C 7 16.82 -16.25 -3.46
CA ALA C 7 16.99 -16.59 -4.88
C ALA C 7 18.44 -16.95 -5.21
N ILE C 8 19.37 -16.19 -4.63
CA ILE C 8 20.80 -16.46 -4.80
C ILE C 8 21.23 -17.71 -4.04
N VAL C 9 20.62 -17.98 -2.89
CA VAL C 9 20.88 -19.22 -2.15
C VAL C 9 20.37 -20.45 -2.92
N ILE C 10 19.22 -20.30 -3.59
CA ILE C 10 18.69 -21.37 -4.44
C ILE C 10 19.64 -21.71 -5.60
N VAL C 11 20.30 -20.70 -6.15
CA VAL C 11 21.29 -20.89 -7.21
C VAL C 11 22.51 -21.63 -6.68
N ILE C 12 23.04 -21.18 -5.54
CA ILE C 12 24.27 -21.72 -4.97
C ILE C 12 24.09 -23.16 -4.49
N ILE C 13 22.99 -23.45 -3.80
CA ILE C 13 22.69 -24.81 -3.31
C ILE C 13 22.62 -25.82 -4.47
N GLY C 14 22.07 -25.40 -5.61
CA GLY C 14 22.05 -26.23 -6.81
C GLY C 14 23.44 -26.66 -7.27
N ILE C 15 24.39 -25.74 -7.18
CA ILE C 15 25.77 -26.00 -7.60
C ILE C 15 26.52 -26.81 -6.53
N LEU C 16 26.47 -26.35 -5.29
CA LEU C 16 27.23 -26.97 -4.20
C LEU C 16 26.72 -28.33 -3.74
N VAL C 17 25.49 -28.70 -4.14
CA VAL C 17 24.98 -30.08 -3.98
C VAL C 17 24.89 -30.73 -5.37
N ALA C 18 26.00 -30.69 -6.09
CA ALA C 18 26.13 -31.28 -7.41
C ALA C 18 27.60 -31.55 -7.64
N ILE C 19 28.13 -32.45 -6.81
CA ILE C 19 29.55 -32.78 -6.77
C ILE C 19 29.74 -34.28 -6.63
N ALA C 20 30.90 -34.75 -7.05
CA ALA C 20 31.30 -36.13 -6.77
C ALA C 20 31.61 -36.20 -5.28
N VAL C 21 31.14 -37.26 -4.65
CA VAL C 21 31.41 -37.51 -3.23
C VAL C 21 31.61 -39.02 -3.09
N PRO C 22 32.77 -39.45 -2.56
CA PRO C 22 33.06 -40.88 -2.59
C PRO C 22 32.29 -41.62 -1.50
N ARG C 23 32.09 -42.91 -1.71
CA ARG C 23 31.35 -43.72 -0.75
C ARG C 23 32.26 -44.70 -0.01
N PHE C 24 31.75 -45.20 1.10
CA PHE C 24 32.47 -46.14 1.93
C PHE C 24 32.48 -47.50 1.25
N VAL C 25 33.60 -47.81 0.60
CA VAL C 25 33.85 -49.15 0.08
C VAL C 25 34.43 -49.94 1.24
N ASP C 26 33.81 -51.07 1.57
CA ASP C 26 34.28 -51.91 2.66
C ASP C 26 35.52 -52.69 2.20
N LEU C 27 36.67 -52.32 2.76
CA LEU C 27 37.95 -52.94 2.41
C LEU C 27 38.54 -53.71 3.60
N THR C 28 37.68 -54.34 4.39
CA THR C 28 38.14 -55.17 5.52
C THR C 28 38.76 -56.44 4.97
N ASP C 29 38.03 -57.13 4.10
CA ASP C 29 38.50 -58.31 3.38
C ASP C 29 39.88 -58.15 2.73
N GLN C 30 40.18 -56.94 2.25
CA GLN C 30 41.49 -56.61 1.69
C GLN C 30 42.55 -56.59 2.79
N ALA C 31 42.23 -55.90 3.89
CA ALA C 31 43.12 -55.78 5.04
C ALA C 31 43.25 -57.09 5.84
N ASN C 32 42.23 -57.93 5.79
CA ASN C 32 42.28 -59.23 6.48
C ASN C 32 43.32 -60.17 5.89
N GLN C 33 43.45 -60.18 4.56
CA GLN C 33 44.49 -60.95 3.89
C GLN C 33 45.88 -60.35 4.11
N ALA C 34 45.95 -59.02 4.24
CA ALA C 34 47.19 -58.35 4.61
C ALA C 34 47.58 -58.66 6.05
N ASN C 35 46.60 -58.65 6.95
CA ASN C 35 46.78 -59.01 8.35
C ASN C 35 47.27 -60.44 8.48
N VAL C 36 46.56 -61.37 7.84
CA VAL C 36 46.88 -62.80 7.95
C VAL C 36 48.24 -63.15 7.33
N ASP C 37 48.71 -62.33 6.39
CA ASP C 37 50.09 -62.43 5.89
C ASP C 37 51.10 -61.95 6.94
N ALA C 38 50.87 -60.74 7.46
CA ALA C 38 51.75 -60.14 8.47
C ALA C 38 51.86 -60.99 9.74
N THR C 39 50.75 -61.59 10.15
CA THR C 39 50.73 -62.54 11.26
C THR C 39 51.53 -63.79 10.90
N ALA C 40 51.28 -64.33 9.70
CA ALA C 40 52.01 -65.52 9.21
C ALA C 40 53.52 -65.28 9.07
N ALA C 41 53.92 -64.05 8.78
CA ALA C 41 55.34 -63.68 8.74
C ALA C 41 55.97 -63.79 10.13
N ALA C 42 55.23 -63.35 11.14
CA ALA C 42 55.69 -63.43 12.53
C ALA C 42 55.72 -64.86 13.06
N VAL C 43 54.75 -65.67 12.64
CA VAL C 43 54.67 -67.08 13.06
C VAL C 43 55.89 -67.86 12.55
N ARG C 44 56.36 -67.54 11.35
CA ARG C 44 57.61 -68.10 10.84
C ARG C 44 58.81 -67.69 11.68
N SER C 45 58.91 -66.40 11.98
CA SER C 45 60.00 -65.86 12.77
C SER C 45 60.00 -66.41 14.19
N ALA C 46 58.82 -66.43 14.81
CA ALA C 46 58.65 -66.99 16.16
C ALA C 46 59.07 -68.46 16.23
N TYR C 47 58.73 -69.23 15.21
CA TYR C 47 59.14 -70.63 15.11
C TYR C 47 60.66 -70.76 15.01
N ALA C 48 61.28 -69.89 14.21
CA ALA C 48 62.74 -69.87 14.06
C ALA C 48 63.46 -69.47 15.34
N ILE C 49 62.84 -68.64 16.16
CA ILE C 49 63.39 -68.29 17.48
C ILE C 49 63.19 -69.43 18.47
N ALA C 50 62.04 -70.11 18.39
CA ALA C 50 61.77 -71.28 19.23
C ALA C 50 62.78 -72.40 19.00
N THR C 51 63.24 -72.56 17.76
CA THR C 51 64.22 -73.60 17.41
C THR C 51 65.60 -73.36 18.02
N VAL C 52 65.97 -72.08 18.21
CA VAL C 52 67.24 -71.74 18.86
C VAL C 52 67.12 -71.94 20.37
N GLN C 53 65.97 -71.57 20.94
CA GLN C 53 65.69 -71.79 22.36
C GLN C 53 65.62 -73.27 22.70
N ALA C 54 64.81 -74.00 21.95
CA ALA C 54 64.61 -75.43 22.19
C ALA C 54 65.75 -76.33 21.71
N LYS C 55 66.67 -75.79 20.91
CA LYS C 55 67.74 -76.56 20.23
C LYS C 55 67.23 -77.88 19.64
N GLY C 56 66.17 -77.75 18.84
CA GLY C 56 65.46 -78.89 18.27
C GLY C 56 64.10 -78.45 17.74
N ILE C 57 63.29 -79.40 17.30
CA ILE C 57 61.91 -79.09 16.89
C ILE C 57 61.10 -78.63 18.12
N PRO C 58 60.65 -77.36 18.12
CA PRO C 58 60.01 -76.81 19.30
C PRO C 58 58.55 -77.20 19.45
N THR C 59 58.03 -77.15 20.67
CA THR C 59 56.61 -77.41 20.94
C THR C 59 55.76 -76.21 20.52
N CYS C 60 54.46 -76.45 20.36
CA CYS C 60 53.53 -75.41 19.90
C CYS C 60 53.36 -74.28 20.92
N ASP C 61 53.55 -74.59 22.21
CA ASP C 61 53.51 -73.58 23.26
C ASP C 61 54.75 -72.68 23.24
N GLN C 62 55.92 -73.27 22.99
CA GLN C 62 57.17 -72.51 22.84
C GLN C 62 57.15 -71.53 21.68
N VAL C 63 56.43 -71.88 20.61
CA VAL C 63 56.29 -71.02 19.44
C VAL C 63 55.41 -69.81 19.75
N PHE C 64 54.29 -70.00 20.45
CA PHE C 64 53.41 -68.88 20.83
C PHE C 64 53.93 -68.06 22.00
N ALA C 65 54.99 -68.49 22.65
CA ALA C 65 55.68 -67.67 23.66
C ALA C 65 56.32 -66.42 23.06
N ASN C 66 56.75 -66.49 21.81
CA ASN C 66 57.51 -65.40 21.17
C ASN C 66 56.67 -64.22 20.63
N PRO C 67 55.53 -64.48 19.94
CA PRO C 67 54.69 -63.38 19.44
C PRO C 67 54.06 -62.55 20.55
N GLU C 68 53.87 -61.27 20.27
CA GLU C 68 53.24 -60.34 21.20
C GLU C 68 52.16 -59.53 20.49
N GLY C 69 51.34 -58.86 21.30
CA GLY C 69 50.16 -58.14 20.80
C GLY C 69 48.97 -59.08 20.69
N GLY C 70 48.77 -59.89 21.73
CA GLY C 70 47.69 -60.88 21.76
C GLY C 70 47.98 -62.03 22.70
N SER C 71 46.93 -62.61 23.24
CA SER C 71 47.04 -63.64 24.29
C SER C 71 46.93 -65.05 23.73
N THR C 72 47.35 -66.01 24.55
CA THR C 72 47.25 -67.44 24.21
C THR C 72 46.23 -68.15 25.10
N SER C 73 45.83 -69.34 24.68
CA SER C 73 44.96 -70.21 25.49
C SER C 73 45.04 -71.64 24.96
N GLY C 74 45.73 -72.50 25.71
CA GLY C 74 45.88 -73.90 25.34
C GLY C 74 46.87 -74.07 24.19
N SER C 75 46.37 -73.89 22.97
CA SER C 75 47.20 -74.01 21.77
C SER C 75 46.71 -73.13 20.62
N THR C 76 46.21 -71.94 20.95
CA THR C 76 45.69 -70.99 19.97
C THR C 76 45.97 -69.55 20.42
N TRP C 77 46.99 -68.96 19.83
CA TRP C 77 47.29 -67.55 20.05
C TRP C 77 46.29 -66.72 19.26
N THR C 78 45.51 -65.89 19.96
CA THR C 78 44.61 -64.92 19.33
C THR C 78 45.17 -63.52 19.56
N SER C 79 44.84 -62.58 18.68
CA SER C 79 45.30 -61.20 18.83
C SER C 79 44.65 -60.51 20.03
N SER C 80 45.12 -59.30 20.36
CA SER C 80 44.54 -58.51 21.45
C SER C 80 43.04 -58.40 21.32
N ASP C 81 42.59 -57.91 20.16
CA ASP C 81 41.17 -58.01 19.77
C ASP C 81 40.90 -59.42 19.25
N ASN C 82 39.68 -59.90 19.44
CA ASN C 82 39.34 -61.30 19.15
C ASN C 82 39.29 -61.58 17.64
N SER C 83 40.47 -61.82 17.08
CA SER C 83 40.63 -62.23 15.67
C SER C 83 42.00 -62.90 15.50
N THR C 84 42.28 -63.37 14.29
CA THR C 84 43.61 -63.89 13.91
C THR C 84 44.06 -65.09 14.75
N THR C 85 43.20 -66.10 14.84
CA THR C 85 43.51 -67.31 15.59
C THR C 85 44.52 -68.15 14.83
N VAL C 86 45.81 -67.98 15.15
CA VAL C 86 46.85 -68.90 14.66
C VAL C 86 46.81 -70.19 15.49
N SER C 87 46.01 -71.14 15.01
CA SER C 87 45.82 -72.43 15.65
C SER C 87 46.72 -73.45 14.98
N CYS C 88 47.48 -74.19 15.80
CA CYS C 88 48.29 -75.30 15.31
C CYS C 88 47.68 -76.62 15.76
N ASN C 89 48.26 -77.70 15.25
CA ASN C 89 47.99 -79.05 15.74
C ASN C 89 49.26 -79.88 15.58
N ALA C 90 49.99 -80.04 16.68
CA ALA C 90 51.31 -80.68 16.69
C ALA C 90 51.33 -82.07 16.03
N SER C 91 50.23 -82.80 16.13
CA SER C 91 50.07 -84.08 15.43
C SER C 91 50.08 -83.94 13.91
N ALA C 92 49.43 -82.89 13.39
CA ALA C 92 49.37 -82.62 11.95
C ALA C 92 50.58 -81.88 11.38
N ASP C 93 51.36 -81.24 12.26
CA ASP C 93 52.57 -80.48 11.88
C ASP C 93 52.25 -79.31 10.95
N THR C 94 51.37 -78.42 11.41
CA THR C 94 50.99 -77.24 10.63
C THR C 94 50.24 -76.19 11.44
N PHE C 95 50.65 -74.93 11.30
CA PHE C 95 49.92 -73.78 11.84
C PHE C 95 48.93 -73.30 10.79
N THR C 96 47.86 -72.65 11.24
CA THR C 96 46.88 -72.04 10.34
C THR C 96 46.38 -70.73 10.92
N ILE C 97 46.73 -69.63 10.26
CA ILE C 97 46.33 -68.28 10.67
C ILE C 97 45.07 -67.91 9.88
N SER C 98 44.10 -67.30 10.57
CA SER C 98 42.82 -66.94 9.97
C SER C 98 42.24 -65.69 10.63
N ARG C 99 42.30 -64.56 9.91
CA ARG C 99 41.80 -63.28 10.43
C ARG C 99 40.28 -63.27 10.49
N GLY C 100 39.64 -63.42 9.33
CA GLY C 100 38.18 -63.39 9.25
C GLY C 100 37.66 -63.88 7.91
N GLY C 101 37.98 -65.15 7.63
CA GLY C 101 37.66 -65.77 6.34
C GLY C 101 38.92 -65.98 5.54
N LYS C 102 39.70 -64.90 5.38
CA LYS C 102 40.96 -64.96 4.66
C LYS C 102 41.98 -65.66 5.56
N THR C 103 42.56 -66.76 5.07
CA THR C 103 43.40 -67.65 5.87
C THR C 103 44.72 -68.01 5.17
N ARG C 104 45.63 -68.60 5.94
CA ARG C 104 46.97 -68.91 5.45
C ARG C 104 47.62 -70.03 6.28
N THR C 105 47.57 -71.25 5.75
CA THR C 105 48.08 -72.44 6.42
C THR C 105 49.56 -72.64 6.07
N LEU C 106 50.39 -72.84 7.10
CA LEU C 106 51.83 -73.08 6.93
C LEU C 106 52.27 -74.31 7.73
N ASN C 107 53.14 -75.11 7.14
CA ASN C 107 53.50 -76.44 7.66
C ASN C 107 54.96 -76.50 8.13
N LEU C 108 55.14 -76.56 9.45
CA LEU C 108 56.44 -76.67 10.08
C LEU C 108 56.44 -77.83 11.07
N THR C 109 57.62 -78.41 11.30
CA THR C 109 57.75 -79.59 12.16
C THR C 109 57.59 -79.21 13.63
N VAL C 110 56.41 -79.52 14.19
CA VAL C 110 56.10 -79.27 15.59
C VAL C 110 55.76 -80.60 16.27
N ASN C 111 56.09 -80.72 17.56
CA ASN C 111 55.91 -81.94 18.33
C ASN C 111 55.15 -81.67 19.63
N PHE D 1 9.74 -2.13 -1.12
CA PHE D 1 9.17 -3.48 -0.82
C PHE D 1 7.65 -3.45 -0.87
N THR D 2 7.08 -4.18 -1.81
CA THR D 2 5.63 -4.33 -1.93
C THR D 2 5.12 -5.41 -0.98
N LEU D 3 3.80 -5.43 -0.78
CA LEU D 3 3.15 -6.43 0.08
C LEU D 3 3.29 -7.84 -0.48
N ILE D 4 3.14 -7.96 -1.80
CA ILE D 4 3.18 -9.25 -2.48
C ILE D 4 4.57 -9.90 -2.42
N GLU D 5 5.62 -9.08 -2.40
CA GLU D 5 7.01 -9.54 -2.34
C GLU D 5 7.31 -10.22 -1.01
N LEU D 6 6.87 -9.61 0.07
CA LEU D 6 7.06 -10.17 1.41
C LEU D 6 6.26 -11.45 1.59
N ALA D 7 5.03 -11.48 1.06
CA ALA D 7 4.18 -12.68 1.06
C ALA D 7 4.87 -13.87 0.41
N ILE D 8 5.57 -13.61 -0.69
CA ILE D 8 6.33 -14.64 -1.40
C ILE D 8 7.59 -15.05 -0.60
N VAL D 9 8.20 -14.09 0.09
CA VAL D 9 9.34 -14.40 0.98
C VAL D 9 8.89 -15.26 2.17
N ILE D 10 7.70 -15.01 2.70
CA ILE D 10 7.12 -15.83 3.77
C ILE D 10 6.90 -17.28 3.33
N VAL D 11 6.50 -17.47 2.07
CA VAL D 11 6.34 -18.81 1.49
C VAL D 11 7.68 -19.52 1.37
N ILE D 12 8.67 -18.82 0.80
CA ILE D 12 9.98 -19.41 0.53
C ILE D 12 10.74 -19.76 1.80
N ILE D 13 10.74 -18.85 2.78
CA ILE D 13 11.42 -19.09 4.07
C ILE D 13 10.86 -20.33 4.79
N GLY D 14 9.55 -20.55 4.69
CA GLY D 14 8.92 -21.76 5.21
C GLY D 14 9.51 -23.05 4.64
N ILE D 15 9.78 -23.03 3.34
CA ILE D 15 10.32 -24.19 2.64
C ILE D 15 11.83 -24.33 2.92
N LEU D 16 12.59 -23.26 2.72
CA LEU D 16 14.04 -23.29 2.83
C LEU D 16 14.58 -23.42 4.26
N VAL D 17 13.72 -23.20 5.27
CA VAL D 17 14.04 -23.55 6.67
C VAL D 17 13.16 -24.74 7.09
N ALA D 18 13.24 -25.80 6.29
CA ALA D 18 12.51 -27.04 6.55
C ALA D 18 13.26 -28.15 5.81
N ILE D 19 14.50 -28.35 6.27
CA ILE D 19 15.44 -29.28 5.64
C ILE D 19 16.16 -30.08 6.70
N ALA D 20 16.67 -31.25 6.31
CA ALA D 20 17.58 -32.00 7.15
C ALA D 20 18.90 -31.23 7.17
N VAL D 21 19.49 -31.11 8.36
CA VAL D 21 20.78 -30.48 8.52
C VAL D 21 21.53 -31.29 9.59
N PRO D 22 22.73 -31.80 9.26
CA PRO D 22 23.37 -32.73 10.18
C PRO D 22 24.01 -32.00 11.34
N ARG D 23 24.19 -32.69 12.45
CA ARG D 23 24.78 -32.10 13.64
C ARG D 23 26.18 -32.62 13.91
N PHE D 24 26.91 -31.87 14.73
CA PHE D 24 28.27 -32.23 15.10
C PHE D 24 28.24 -33.39 16.08
N VAL D 25 28.48 -34.59 15.56
CA VAL D 25 28.69 -35.77 16.39
C VAL D 25 30.17 -35.74 16.76
N ASP D 26 30.46 -35.78 18.06
CA ASP D 26 31.84 -35.77 18.52
C ASP D 26 32.46 -37.16 18.32
N LEU D 27 33.40 -37.23 17.37
CA LEU D 27 34.07 -38.48 17.02
C LEU D 27 35.56 -38.43 17.38
N THR D 28 35.89 -37.79 18.49
CA THR D 28 37.27 -37.73 18.97
C THR D 28 37.66 -39.10 19.50
N ASP D 29 36.84 -39.62 20.41
CA ASP D 29 36.98 -40.98 20.95
C ASP D 29 37.19 -42.07 19.90
N GLN D 30 36.58 -41.91 18.73
CA GLN D 30 36.79 -42.82 17.61
C GLN D 30 38.20 -42.67 17.04
N ALA D 31 38.60 -41.41 16.82
CA ALA D 31 39.93 -41.09 16.29
C ALA D 31 41.06 -41.33 17.30
N ASN D 32 40.74 -41.25 18.60
CA ASN D 32 41.74 -41.50 19.64
C ASN D 32 42.20 -42.96 19.66
N GLN D 33 41.28 -43.89 19.45
CA GLN D 33 41.63 -45.31 19.34
C GLN D 33 42.36 -45.61 18.02
N ALA D 34 42.04 -44.86 16.97
CA ALA D 34 42.78 -44.95 15.70
C ALA D 34 44.19 -44.39 15.86
N ASN D 35 44.30 -43.26 16.55
CA ASN D 35 45.59 -42.64 16.86
C ASN D 35 46.46 -43.58 17.68
N VAL D 36 45.91 -44.08 18.78
CA VAL D 36 46.66 -44.94 19.71
C VAL D 36 47.08 -46.28 19.07
N ASP D 37 46.35 -46.72 18.04
CA ASP D 37 46.80 -47.86 17.21
C ASP D 37 47.97 -47.46 16.32
N ALA D 38 47.81 -46.37 15.58
CA ALA D 38 48.86 -45.88 14.67
C ALA D 38 50.17 -45.56 15.39
N THR D 39 50.06 -44.99 16.59
CA THR D 39 51.22 -44.76 17.45
C THR D 39 51.83 -46.09 17.90
N ALA D 40 50.98 -47.01 18.34
CA ALA D 40 51.43 -48.35 18.76
C ALA D 40 52.10 -49.14 17.63
N ALA D 41 51.67 -48.92 16.38
CA ALA D 41 52.31 -49.52 15.21
C ALA D 41 53.74 -49.02 15.05
N ALA D 42 53.93 -47.72 15.27
CA ALA D 42 55.26 -47.11 15.19
C ALA D 42 56.17 -47.53 16.33
N VAL D 43 55.60 -47.69 17.53
CA VAL D 43 56.36 -48.12 18.71
C VAL D 43 56.95 -49.53 18.52
N ARG D 44 56.18 -50.40 17.84
CA ARG D 44 56.70 -51.72 17.45
C ARG D 44 57.86 -51.61 16.47
N SER D 45 57.68 -50.79 15.44
CA SER D 45 58.70 -50.60 14.42
C SER D 45 59.97 -49.96 15.00
N ALA D 46 59.78 -48.92 15.80
CA ALA D 46 60.89 -48.24 16.49
C ALA D 46 61.69 -49.19 17.38
N TYR D 47 60.99 -50.09 18.08
CA TYR D 47 61.64 -51.10 18.90
C TYR D 47 62.46 -52.07 18.05
N ALA D 48 61.90 -52.47 16.91
CA ALA D 48 62.60 -53.36 15.97
C ALA D 48 63.84 -52.71 15.35
N ILE D 49 63.81 -51.39 15.16
CA ILE D 49 64.98 -50.66 14.69
C ILE D 49 66.01 -50.51 15.81
N ALA D 50 65.54 -50.28 17.03
CA ALA D 50 66.43 -50.20 18.20
C ALA D 50 67.23 -51.49 18.41
N THR D 51 66.61 -52.64 18.13
CA THR D 51 67.26 -53.94 18.29
C THR D 51 68.39 -54.18 17.30
N VAL D 52 68.31 -53.58 16.11
CA VAL D 52 69.39 -53.67 15.12
C VAL D 52 70.52 -52.73 15.51
N GLN D 53 70.17 -51.54 15.99
CA GLN D 53 71.16 -50.57 16.48
C GLN D 53 71.90 -51.10 17.71
N ALA D 54 71.13 -51.52 18.71
CA ALA D 54 71.70 -52.00 19.97
C ALA D 54 72.30 -53.41 19.90
N LYS D 55 72.02 -54.16 18.82
CA LYS D 55 72.38 -55.59 18.69
C LYS D 55 72.10 -56.38 19.98
N GLY D 56 70.86 -56.26 20.44
CA GLY D 56 70.43 -56.84 21.72
C GLY D 56 69.13 -56.21 22.15
N ILE D 57 68.67 -56.55 23.36
CA ILE D 57 67.49 -55.90 23.94
C ILE D 57 67.79 -54.42 24.21
N PRO D 58 67.09 -53.50 23.50
CA PRO D 58 67.43 -52.08 23.59
C PRO D 58 66.86 -51.41 24.83
N THR D 59 67.47 -50.29 25.22
CA THR D 59 66.97 -49.47 26.34
C THR D 59 65.76 -48.66 25.90
N CYS D 60 64.99 -48.17 26.87
CA CYS D 60 63.77 -47.41 26.60
C CYS D 60 64.05 -46.06 25.93
N ASP D 61 65.22 -45.49 26.18
CA ASP D 61 65.65 -44.25 25.53
C ASP D 61 66.00 -44.47 24.06
N GLN D 62 66.67 -45.58 23.76
CA GLN D 62 67.01 -45.97 22.39
C GLN D 62 65.77 -46.20 21.51
N VAL D 63 64.69 -46.69 22.13
CA VAL D 63 63.43 -46.92 21.43
C VAL D 63 62.75 -45.60 21.05
N PHE D 64 62.72 -44.64 21.98
CA PHE D 64 62.12 -43.32 21.70
C PHE D 64 63.00 -42.40 20.85
N ALA D 65 64.25 -42.79 20.59
CA ALA D 65 65.10 -42.08 19.64
C ALA D 65 64.57 -42.16 18.20
N ASN D 66 63.89 -43.25 17.86
CA ASN D 66 63.46 -43.51 16.48
C ASN D 66 62.17 -42.78 16.03
N PRO D 67 61.10 -42.75 16.87
CA PRO D 67 59.88 -42.04 16.48
C PRO D 67 60.06 -40.53 16.35
N GLU D 68 59.31 -39.94 15.44
CA GLU D 68 59.33 -38.50 15.20
C GLU D 68 57.92 -37.95 15.18
N GLY D 69 57.82 -36.62 15.25
CA GLY D 69 56.54 -35.93 15.38
C GLY D 69 56.11 -35.83 16.83
N GLY D 70 57.07 -35.47 17.69
CA GLY D 70 56.83 -35.38 19.13
C GLY D 70 58.10 -35.53 19.94
N SER D 71 58.12 -34.91 21.12
CA SER D 71 59.32 -34.82 21.94
C SER D 71 59.34 -35.87 23.05
N THR D 72 60.52 -36.08 23.62
CA THR D 72 60.71 -36.98 24.76
C THR D 72 61.06 -36.22 26.02
N SER D 73 60.93 -36.90 27.16
CA SER D 73 61.35 -36.35 28.46
C SER D 73 61.50 -37.50 29.47
N GLY D 74 62.75 -37.83 29.78
CA GLY D 74 63.05 -38.90 30.74
C GLY D 74 62.80 -40.27 30.14
N SER D 75 61.54 -40.71 30.18
CA SER D 75 61.14 -42.01 29.63
C SER D 75 59.70 -42.02 29.14
N THR D 76 59.25 -40.90 28.56
CA THR D 76 57.89 -40.76 28.04
C THR D 76 57.88 -39.86 26.80
N TRP D 77 57.81 -40.49 25.63
CA TRP D 77 57.64 -39.77 24.38
C TRP D 77 56.20 -39.30 24.29
N THR D 78 56.00 -37.99 24.20
CA THR D 78 54.69 -37.39 23.93
C THR D 78 54.69 -36.82 22.52
N SER D 79 53.51 -36.71 21.90
CA SER D 79 53.41 -36.15 20.55
C SER D 79 53.70 -34.64 20.56
N SER D 80 53.78 -34.06 19.37
CA SER D 80 54.01 -32.61 19.22
C SER D 80 53.03 -31.82 20.05
N ASP D 81 51.74 -32.07 19.83
CA ASP D 81 50.68 -31.61 20.75
C ASP D 81 50.64 -32.53 21.96
N ASN D 82 50.25 -31.99 23.11
CA ASN D 82 50.34 -32.73 24.37
C ASN D 82 49.28 -33.82 24.47
N SER D 83 49.60 -34.97 23.87
CA SER D 83 48.78 -36.18 23.93
C SER D 83 49.64 -37.40 23.60
N THR D 84 49.05 -38.59 23.66
CA THR D 84 49.69 -39.84 23.20
C THR D 84 50.99 -40.17 23.94
N THR D 85 50.94 -40.17 25.27
CA THR D 85 52.09 -40.48 26.09
C THR D 85 52.38 -41.98 26.03
N VAL D 86 53.28 -42.38 25.14
CA VAL D 86 53.81 -43.76 25.15
C VAL D 86 54.87 -43.86 26.27
N SER D 87 54.38 -44.24 27.45
CA SER D 87 55.21 -44.40 28.64
C SER D 87 55.58 -45.86 28.80
N CYS D 88 56.87 -46.13 28.99
CA CYS D 88 57.34 -47.48 29.30
C CYS D 88 57.79 -47.54 30.75
N ASN D 89 58.12 -48.77 31.17
CA ASN D 89 58.80 -49.00 32.44
C ASN D 89 59.68 -50.25 32.27
N ALA D 90 60.97 -50.00 32.05
CA ALA D 90 61.95 -51.06 31.75
C ALA D 90 61.94 -52.23 32.73
N SER D 91 61.65 -51.95 34.00
CA SER D 91 61.49 -52.98 35.02
C SER D 91 60.30 -53.91 34.75
N ALA D 92 59.19 -53.33 34.28
CA ALA D 92 57.97 -54.11 33.96
C ALA D 92 57.97 -54.75 32.57
N ASP D 93 58.84 -54.26 31.67
CA ASP D 93 58.97 -54.78 30.30
C ASP D 93 57.68 -54.60 29.50
N THR D 94 57.23 -53.35 29.39
CA THR D 94 56.01 -53.03 28.64
C THR D 94 55.84 -51.53 28.37
N PHE D 95 55.52 -51.19 27.12
CA PHE D 95 55.11 -49.84 26.74
C PHE D 95 53.61 -49.72 26.88
N THR D 96 53.12 -48.50 27.09
CA THR D 96 51.68 -48.24 27.12
C THR D 96 51.38 -46.89 26.48
N ILE D 97 50.70 -46.94 25.34
CA ILE D 97 50.30 -45.75 24.58
C ILE D 97 48.89 -45.37 24.99
N SER D 98 48.65 -44.07 25.19
CA SER D 98 47.35 -43.57 25.64
C SER D 98 47.09 -42.17 25.10
N ARG D 99 46.19 -42.07 24.12
CA ARG D 99 45.84 -40.80 23.49
C ARG D 99 45.04 -39.92 24.44
N GLY D 100 43.87 -40.40 24.83
CA GLY D 100 42.97 -39.64 25.70
C GLY D 100 41.85 -40.48 26.27
N GLY D 101 42.25 -41.50 27.02
CA GLY D 101 41.33 -42.49 27.57
C GLY D 101 41.51 -43.82 26.87
N LYS D 102 41.44 -43.79 25.53
CA LYS D 102 41.63 -44.98 24.72
C LYS D 102 43.12 -45.32 24.72
N THR D 103 43.46 -46.53 25.17
CA THR D 103 44.84 -46.94 25.42
C THR D 103 45.18 -48.29 24.80
N ARG D 104 46.47 -48.61 24.78
CA ARG D 104 46.98 -49.83 24.14
C ARG D 104 48.34 -50.23 24.69
N THR D 105 48.34 -51.19 25.61
CA THR D 105 49.55 -51.66 26.28
C THR D 105 50.19 -52.80 25.48
N LEU D 106 51.49 -52.69 25.23
CA LEU D 106 52.25 -53.71 24.51
C LEU D 106 53.53 -54.08 25.27
N ASN D 107 53.85 -55.37 25.29
CA ASN D 107 54.91 -55.92 26.15
C ASN D 107 56.09 -56.44 25.35
N LEU D 108 57.22 -55.72 25.42
CA LEU D 108 58.46 -56.07 24.74
C LEU D 108 59.61 -56.04 25.76
N THR D 109 60.64 -56.83 25.50
CA THR D 109 61.77 -56.96 26.42
C THR D 109 62.65 -55.72 26.38
N VAL D 110 62.52 -54.88 27.41
CA VAL D 110 63.31 -53.65 27.56
C VAL D 110 64.09 -53.73 28.88
N ASN D 111 65.29 -53.13 28.88
CA ASN D 111 66.20 -53.17 30.03
C ASN D 111 66.65 -51.77 30.42
N PHE E 1 -2.08 1.38 -5.26
CA PHE E 1 -1.70 1.19 -3.82
C PHE E 1 -2.60 2.00 -2.90
N THR E 2 -3.38 1.30 -2.07
CA THR E 2 -4.23 1.96 -1.07
C THR E 2 -3.42 2.29 0.19
N LEU E 3 -4.00 3.12 1.04
CA LEU E 3 -3.37 3.52 2.30
C LEU E 3 -3.22 2.33 3.26
N ILE E 4 -4.26 1.50 3.31
CA ILE E 4 -4.30 0.34 4.22
C ILE E 4 -3.25 -0.72 3.86
N GLU E 5 -2.93 -0.83 2.57
CA GLU E 5 -1.95 -1.80 2.08
C GLU E 5 -0.55 -1.46 2.55
N LEU E 6 -0.19 -0.19 2.47
CA LEU E 6 1.12 0.28 2.91
C LEU E 6 1.26 0.16 4.43
N ALA E 7 0.18 0.48 5.16
CA ALA E 7 0.13 0.31 6.62
C ALA E 7 0.43 -1.12 7.05
N ILE E 8 -0.10 -2.08 6.30
CA ILE E 8 0.16 -3.50 6.55
C ILE E 8 1.59 -3.88 6.17
N VAL E 9 2.13 -3.27 5.12
CA VAL E 9 3.55 -3.47 4.75
C VAL E 9 4.49 -2.91 5.82
N ILE E 10 4.13 -1.78 6.41
CA ILE E 10 4.91 -1.19 7.52
C ILE E 10 4.95 -2.12 8.74
N VAL E 11 3.85 -2.82 9.00
CA VAL E 11 3.79 -3.80 10.09
C VAL E 11 4.69 -5.01 9.78
N ILE E 12 4.58 -5.54 8.57
CA ILE E 12 5.31 -6.76 8.19
C ILE E 12 6.82 -6.51 8.12
N ILE E 13 7.24 -5.40 7.51
CA ILE E 13 8.67 -5.06 7.42
C ILE E 13 9.32 -4.95 8.79
N GLY E 14 8.59 -4.41 9.77
CA GLY E 14 9.07 -4.35 11.15
C GLY E 14 9.40 -5.72 11.73
N ILE E 15 8.57 -6.71 11.41
CA ILE E 15 8.77 -8.08 11.90
C ILE E 15 9.86 -8.80 11.12
N LEU E 16 9.75 -8.77 9.78
CA LEU E 16 10.68 -9.51 8.91
C LEU E 16 12.09 -8.94 8.83
N VAL E 17 12.29 -7.70 9.29
CA VAL E 17 13.64 -7.14 9.52
C VAL E 17 13.88 -7.02 11.03
N ALA E 18 13.69 -8.13 11.72
CA ALA E 18 13.91 -8.23 13.15
C ALA E 18 14.17 -9.69 13.47
N ILE E 19 15.27 -10.19 12.92
CA ILE E 19 15.64 -11.59 12.99
C ILE E 19 17.14 -11.72 13.27
N ALA E 20 17.52 -12.87 13.82
CA ALA E 20 18.93 -13.22 13.92
C ALA E 20 19.42 -13.52 12.52
N VAL E 21 20.59 -13.01 12.18
CA VAL E 21 21.23 -13.27 10.89
C VAL E 21 22.73 -13.42 11.16
N PRO E 22 23.33 -14.56 10.78
CA PRO E 22 24.71 -14.79 11.21
C PRO E 22 25.68 -14.01 10.36
N ARG E 23 26.86 -13.75 10.90
CA ARG E 23 27.87 -12.98 10.19
C ARG E 23 29.04 -13.85 9.76
N PHE E 24 29.81 -13.33 8.81
CA PHE E 24 30.97 -14.01 8.27
C PHE E 24 32.10 -13.97 9.31
N VAL E 25 32.25 -15.07 10.03
CA VAL E 25 33.41 -15.26 10.89
C VAL E 25 34.50 -15.82 10.00
N ASP E 26 35.66 -15.15 9.98
CA ASP E 26 36.78 -15.60 9.16
C ASP E 26 37.45 -16.80 9.83
N LEU E 27 37.30 -17.97 9.20
CA LEU E 27 37.83 -19.22 9.73
C LEU E 27 38.92 -19.79 8.80
N THR E 28 39.72 -18.90 8.21
CA THR E 28 40.83 -19.32 7.35
C THR E 28 41.93 -19.90 8.23
N ASP E 29 42.33 -19.13 9.24
CA ASP E 29 43.30 -19.57 10.26
C ASP E 29 43.00 -20.95 10.87
N GLN E 30 41.72 -21.29 11.01
CA GLN E 30 41.32 -22.62 11.47
C GLN E 30 41.62 -23.67 10.41
N ALA E 31 41.25 -23.38 9.17
CA ALA E 31 41.49 -24.28 8.03
C ALA E 31 42.95 -24.37 7.63
N ASN E 32 43.72 -23.31 7.89
CA ASN E 32 45.15 -23.31 7.58
C ASN E 32 45.93 -24.32 8.42
N GLN E 33 45.58 -24.44 9.70
CA GLN E 33 46.19 -25.45 10.57
C GLN E 33 45.72 -26.86 10.22
N ALA E 34 44.48 -26.98 9.72
CA ALA E 34 43.97 -28.25 9.20
C ALA E 34 44.68 -28.63 7.91
N ASN E 35 44.88 -27.65 7.03
CA ASN E 35 45.61 -27.83 5.78
C ASN E 35 47.05 -28.26 6.05
N VAL E 36 47.74 -27.52 6.90
CA VAL E 36 49.16 -27.76 7.20
C VAL E 36 49.38 -29.12 7.90
N ASP E 37 48.35 -29.62 8.59
CA ASP E 37 48.36 -30.99 9.12
C ASP E 37 48.21 -32.02 7.99
N ALA E 38 47.19 -31.84 7.16
CA ALA E 38 46.92 -32.74 6.03
C ALA E 38 48.09 -32.82 5.05
N THR E 39 48.73 -31.69 4.80
CA THR E 39 49.95 -31.64 3.99
C THR E 39 51.09 -32.38 4.69
N ALA E 40 51.27 -32.12 5.98
CA ALA E 40 52.30 -32.79 6.77
C ALA E 40 52.09 -34.31 6.87
N ALA E 41 50.84 -34.76 6.82
CA ALA E 41 50.53 -36.20 6.77
C ALA E 41 51.04 -36.82 5.49
N ALA E 42 50.86 -36.11 4.38
CA ALA E 42 51.33 -36.56 3.07
C ALA E 42 52.85 -36.54 2.95
N VAL E 43 53.48 -35.53 3.56
CA VAL E 43 54.94 -35.41 3.53
C VAL E 43 55.61 -36.59 4.25
N ARG E 44 54.99 -37.08 5.32
CA ARG E 44 55.44 -38.30 5.99
C ARG E 44 55.32 -39.51 5.08
N SER E 45 54.16 -39.66 4.45
CA SER E 45 53.89 -40.78 3.55
C SER E 45 54.82 -40.76 2.34
N ALA E 46 54.96 -39.58 1.73
CA ALA E 46 55.85 -39.39 0.59
C ALA E 46 57.29 -39.75 0.91
N TYR E 47 57.75 -39.38 2.11
CA TYR E 47 59.08 -39.74 2.59
C TYR E 47 59.23 -41.25 2.74
N ALA E 48 58.20 -41.90 3.28
CA ALA E 48 58.20 -43.35 3.45
C ALA E 48 58.19 -44.11 2.10
N ILE E 49 57.59 -43.51 1.08
CA ILE E 49 57.63 -44.08 -0.28
C ILE E 49 58.99 -43.83 -0.91
N ALA E 50 59.58 -42.66 -0.68
CA ALA E 50 60.91 -42.35 -1.16
C ALA E 50 61.97 -43.32 -0.63
N THR E 51 61.81 -43.77 0.61
CA THR E 51 62.75 -44.70 1.24
C THR E 51 62.73 -46.09 0.61
N VAL E 52 61.58 -46.51 0.07
CA VAL E 52 61.46 -47.80 -0.62
C VAL E 52 62.07 -47.66 -2.02
N GLN E 53 61.82 -46.53 -2.68
CA GLN E 53 62.40 -46.25 -4.00
C GLN E 53 63.92 -46.13 -3.92
N ALA E 54 64.40 -45.29 -3.02
CA ALA E 54 65.82 -45.03 -2.86
C ALA E 54 66.61 -46.14 -2.14
N LYS E 55 65.90 -47.07 -1.50
CA LYS E 55 66.49 -48.11 -0.62
C LYS E 55 67.58 -47.54 0.30
N GLY E 56 67.20 -46.50 1.02
CA GLY E 56 68.12 -45.73 1.87
C GLY E 56 67.49 -44.40 2.24
N ILE E 57 68.26 -43.55 2.91
CA ILE E 57 67.81 -42.18 3.21
C ILE E 57 67.67 -41.38 1.89
N PRO E 58 66.43 -40.99 1.54
CA PRO E 58 66.19 -40.38 0.23
C PRO E 58 66.56 -38.89 0.19
N THR E 59 66.81 -38.39 -1.02
CA THR E 59 67.09 -36.96 -1.22
C THR E 59 65.80 -36.16 -1.15
N CYS E 60 65.93 -34.84 -0.95
CA CYS E 60 64.77 -33.96 -0.81
C CYS E 60 63.95 -33.83 -2.10
N ASP E 61 64.61 -34.01 -3.24
CA ASP E 61 63.93 -34.01 -4.54
C ASP E 61 63.10 -35.29 -4.75
N GLN E 62 63.63 -36.43 -4.32
CA GLN E 62 62.92 -37.72 -4.38
C GLN E 62 61.65 -37.73 -3.52
N VAL E 63 61.68 -36.99 -2.40
CA VAL E 63 60.53 -36.88 -1.51
C VAL E 63 59.41 -36.06 -2.15
N PHE E 64 59.75 -34.94 -2.79
CA PHE E 64 58.75 -34.09 -3.46
C PHE E 64 58.29 -34.65 -4.81
N ALA E 65 58.92 -35.70 -5.31
CA ALA E 65 58.43 -36.41 -6.49
C ALA E 65 57.09 -37.10 -6.25
N ASN E 66 56.83 -37.53 -5.01
CA ASN E 66 55.64 -38.32 -4.69
C ASN E 66 54.32 -37.53 -4.50
N PRO E 67 54.35 -36.39 -3.77
CA PRO E 67 53.12 -35.58 -3.62
C PRO E 67 52.60 -34.98 -4.90
N GLU E 68 51.28 -34.85 -4.99
CA GLU E 68 50.63 -34.26 -6.14
C GLU E 68 49.62 -33.21 -5.70
N GLY E 69 49.16 -32.41 -6.66
CA GLY E 69 48.29 -31.27 -6.39
C GLY E 69 49.11 -30.04 -6.05
N GLY E 70 50.17 -29.81 -6.84
CA GLY E 70 51.08 -28.69 -6.61
C GLY E 70 52.46 -28.94 -7.19
N SER E 71 53.14 -27.86 -7.57
CA SER E 71 54.41 -27.94 -8.30
C SER E 71 55.61 -27.77 -7.39
N THR E 72 56.77 -28.16 -7.90
CA THR E 72 58.06 -28.00 -7.19
C THR E 72 58.93 -26.97 -7.88
N SER E 73 59.95 -26.51 -7.15
CA SER E 73 60.97 -25.61 -7.70
C SER E 73 62.21 -25.63 -6.80
N GLY E 74 63.27 -26.28 -7.29
CA GLY E 74 64.52 -26.40 -6.54
C GLY E 74 64.41 -27.36 -5.39
N SER E 75 63.88 -26.88 -4.26
CA SER E 75 63.71 -27.70 -3.07
C SER E 75 62.53 -27.23 -2.21
N THR E 76 61.45 -26.78 -2.86
CA THR E 76 60.26 -26.29 -2.17
C THR E 76 59.01 -26.62 -2.98
N TRP E 77 58.31 -27.68 -2.58
CA TRP E 77 57.02 -28.03 -3.16
C TRP E 77 55.98 -27.05 -2.63
N THR E 78 55.34 -26.31 -3.54
CA THR E 78 54.20 -25.45 -3.21
C THR E 78 52.94 -26.07 -3.81
N SER E 79 51.78 -25.78 -3.22
CA SER E 79 50.50 -26.29 -3.74
C SER E 79 50.15 -25.66 -5.09
N SER E 80 49.10 -26.18 -5.72
CA SER E 80 48.61 -25.65 -7.00
C SER E 80 48.41 -24.14 -6.92
N ASP E 81 47.61 -23.70 -5.94
CA ASP E 81 47.54 -22.28 -5.56
C ASP E 81 48.75 -21.96 -4.69
N ASN E 82 49.21 -20.72 -4.75
CA ASN E 82 50.47 -20.33 -4.09
C ASN E 82 50.33 -20.27 -2.57
N SER E 83 50.46 -21.43 -1.94
CA SER E 83 50.47 -21.58 -0.48
C SER E 83 51.13 -22.91 -0.11
N THR E 84 51.26 -23.18 1.19
CA THR E 84 51.70 -24.48 1.72
C THR E 84 53.10 -24.88 1.24
N THR E 85 54.06 -23.98 1.41
CA THR E 85 55.44 -24.25 1.01
C THR E 85 56.09 -25.23 2.00
N VAL E 86 56.05 -26.52 1.65
CA VAL E 86 56.84 -27.52 2.39
C VAL E 86 58.31 -27.42 1.94
N SER E 87 59.06 -26.60 2.65
CA SER E 87 60.47 -26.36 2.38
C SER E 87 61.31 -27.21 3.31
N CYS E 88 62.26 -27.94 2.74
CA CYS E 88 63.23 -28.71 3.52
C CYS E 88 64.60 -28.05 3.44
N ASN E 89 65.52 -28.59 4.23
CA ASN E 89 66.94 -28.26 4.12
C ASN E 89 67.74 -29.50 4.52
N ALA E 90 68.22 -30.22 3.50
CA ALA E 90 68.90 -31.52 3.69
C ALA E 90 70.04 -31.49 4.70
N SER E 91 70.73 -30.35 4.79
CA SER E 91 71.77 -30.14 5.80
C SER E 91 71.22 -30.16 7.23
N ALA E 92 70.05 -29.55 7.43
CA ALA E 92 69.40 -29.50 8.75
C ALA E 92 68.57 -30.74 9.11
N ASP E 93 68.21 -31.55 8.11
CA ASP E 93 67.43 -32.78 8.27
C ASP E 93 66.05 -32.51 8.85
N THR E 94 65.29 -31.67 8.16
CA THR E 94 63.92 -31.33 8.58
C THR E 94 63.10 -30.61 7.50
N PHE E 95 61.87 -31.08 7.31
CA PHE E 95 60.88 -30.40 6.47
C PHE E 95 60.09 -29.41 7.33
N THR E 96 59.56 -28.38 6.71
CA THR E 96 58.70 -27.42 7.40
C THR E 96 57.56 -26.96 6.48
N ILE E 97 56.34 -27.37 6.82
CA ILE E 97 55.14 -27.02 6.06
C ILE E 97 54.52 -25.77 6.69
N SER E 98 54.09 -24.84 5.86
CA SER E 98 53.53 -23.57 6.32
C SER E 98 52.48 -23.05 5.33
N ARG E 99 51.22 -23.13 5.72
CA ARG E 99 50.10 -22.68 4.88
C ARG E 99 50.06 -21.16 4.79
N GLY E 100 49.87 -20.51 5.94
CA GLY E 100 49.74 -19.06 5.98
C GLY E 100 49.85 -18.52 7.39
N GLY E 101 51.00 -18.78 8.02
CA GLY E 101 51.24 -18.43 9.42
C GLY E 101 51.26 -19.70 10.27
N LYS E 102 50.21 -20.51 10.15
CA LYS E 102 50.13 -21.77 10.87
C LYS E 102 51.07 -22.76 10.20
N THR E 103 52.02 -23.29 10.98
CA THR E 103 53.12 -24.10 10.47
C THR E 103 53.33 -25.40 11.25
N ARG E 104 54.14 -26.29 10.69
CA ARG E 104 54.36 -27.62 11.25
C ARG E 104 55.68 -28.23 10.77
N THR E 105 56.71 -28.13 11.61
CA THR E 105 58.05 -28.60 11.29
C THR E 105 58.21 -30.06 11.70
N LEU E 106 58.71 -30.89 10.78
CA LEU E 106 58.95 -32.31 11.03
C LEU E 106 60.37 -32.70 10.59
N ASN E 107 61.01 -33.56 11.40
CA ASN E 107 62.44 -33.86 11.26
C ASN E 107 62.67 -35.31 10.84
N LEU E 108 63.11 -35.49 9.60
CA LEU E 108 63.42 -36.80 9.02
C LEU E 108 64.81 -36.75 8.40
N THR E 109 65.48 -37.90 8.34
CA THR E 109 66.84 -37.99 7.84
C THR E 109 66.88 -37.84 6.31
N VAL E 110 67.29 -36.66 5.85
CA VAL E 110 67.41 -36.36 4.42
C VAL E 110 68.86 -35.96 4.13
N ASN E 111 69.33 -36.30 2.93
CA ASN E 111 70.72 -36.07 2.51
C ASN E 111 70.77 -35.33 1.18
N PHE F 1 -13.03 6.98 -1.03
CA PHE F 1 -11.67 7.60 -0.97
C PHE F 1 -11.78 9.13 -0.94
N THR F 2 -11.34 9.73 0.16
CA THR F 2 -11.29 11.19 0.29
C THR F 2 -10.01 11.75 -0.34
N LEU F 3 -9.98 13.06 -0.54
CA LEU F 3 -8.82 13.74 -1.10
C LEU F 3 -7.61 13.66 -0.18
N ILE F 4 -7.85 13.82 1.13
CA ILE F 4 -6.79 13.82 2.13
C ILE F 4 -6.10 12.46 2.27
N GLU F 5 -6.85 11.39 2.03
CA GLU F 5 -6.34 10.02 2.12
C GLU F 5 -5.32 9.73 1.04
N LEU F 6 -5.62 10.15 -0.19
CA LEU F 6 -4.72 9.98 -1.32
C LEU F 6 -3.46 10.83 -1.16
N ALA F 7 -3.62 12.05 -0.66
CA ALA F 7 -2.50 12.95 -0.34
C ALA F 7 -1.51 12.32 0.62
N ILE F 8 -2.03 11.61 1.62
CA ILE F 8 -1.20 10.89 2.59
C ILE F 8 -0.55 9.66 1.95
N VAL F 9 -1.25 8.99 1.03
CA VAL F 9 -0.68 7.87 0.28
C VAL F 9 0.47 8.35 -0.64
N ILE F 10 0.32 9.53 -1.24
CA ILE F 10 1.37 10.13 -2.06
C ILE F 10 2.64 10.41 -1.24
N VAL F 11 2.47 10.82 0.02
CA VAL F 11 3.60 11.04 0.93
C VAL F 11 4.29 9.72 1.26
N ILE F 12 3.51 8.71 1.62
CA ILE F 12 4.05 7.42 2.08
C ILE F 12 4.76 6.68 0.95
N ILE F 13 4.15 6.63 -0.24
CA ILE F 13 4.75 5.97 -1.41
C ILE F 13 6.12 6.58 -1.76
N GLY F 14 6.25 7.89 -1.62
CA GLY F 14 7.54 8.56 -1.81
C GLY F 14 8.64 8.03 -0.90
N ILE F 15 8.29 7.76 0.35
CA ILE F 15 9.24 7.26 1.35
C ILE F 15 9.50 5.76 1.14
N LEU F 16 8.43 4.97 1.04
CA LEU F 16 8.55 3.51 0.96
C LEU F 16 9.09 2.98 -0.38
N VAL F 17 9.11 3.82 -1.41
CA VAL F 17 9.84 3.52 -2.66
C VAL F 17 11.07 4.44 -2.75
N ALA F 18 11.88 4.41 -1.70
CA ALA F 18 13.11 5.18 -1.61
C ALA F 18 13.99 4.47 -0.61
N ILE F 19 14.37 3.25 -0.96
CA ILE F 19 15.13 2.35 -0.10
C ILE F 19 16.21 1.65 -0.90
N ALA F 20 17.24 1.19 -0.19
CA ALA F 20 18.23 0.30 -0.79
C ALA F 20 17.55 -1.03 -1.00
N VAL F 21 17.79 -1.64 -2.17
CA VAL F 21 17.26 -2.95 -2.49
C VAL F 21 18.35 -3.67 -3.28
N PRO F 22 18.80 -4.86 -2.80
CA PRO F 22 19.97 -5.45 -3.43
C PRO F 22 19.61 -6.13 -4.74
N ARG F 23 20.59 -6.28 -5.62
CA ARG F 23 20.35 -6.90 -6.91
C ARG F 23 20.98 -8.27 -7.01
N PHE F 24 20.52 -9.04 -8.00
CA PHE F 24 21.00 -10.38 -8.24
C PHE F 24 22.39 -10.31 -8.86
N VAL F 25 23.42 -10.50 -8.04
CA VAL F 25 24.78 -10.66 -8.52
C VAL F 25 24.91 -12.15 -8.86
N ASP F 26 25.31 -12.44 -10.09
CA ASP F 26 25.48 -13.82 -10.53
C ASP F 26 26.77 -14.39 -9.94
N LEU F 27 26.63 -15.32 -9.01
CA LEU F 27 27.76 -15.94 -8.31
C LEU F 27 27.86 -17.43 -8.64
N THR F 28 27.55 -17.79 -9.89
CA THR F 28 27.69 -19.18 -10.34
C THR F 28 29.16 -19.51 -10.49
N ASP F 29 29.88 -18.67 -11.23
CA ASP F 29 31.34 -18.76 -11.39
C ASP F 29 32.11 -18.92 -10.07
N GLN F 30 31.61 -18.31 -9.00
CA GLN F 30 32.19 -18.49 -7.66
C GLN F 30 31.94 -19.89 -7.15
N ALA F 31 30.69 -20.35 -7.27
CA ALA F 31 30.29 -21.69 -6.83
C ALA F 31 30.84 -22.80 -7.72
N ASN F 32 31.10 -22.50 -8.98
CA ASN F 32 31.67 -23.49 -9.92
C ASN F 32 33.08 -23.89 -9.53
N GLN F 33 33.89 -22.93 -9.09
CA GLN F 33 35.24 -23.23 -8.60
C GLN F 33 35.20 -23.94 -7.24
N ALA F 34 34.18 -23.65 -6.44
CA ALA F 34 33.95 -24.37 -5.18
C ALA F 34 33.51 -25.82 -5.45
N ASN F 35 32.61 -25.98 -6.44
CA ASN F 35 32.14 -27.28 -6.88
C ASN F 35 33.30 -28.12 -7.41
N VAL F 36 34.07 -27.55 -8.33
CA VAL F 36 35.16 -28.27 -8.99
C VAL F 36 36.29 -28.64 -7.99
N ASP F 37 36.41 -27.89 -6.90
CA ASP F 37 37.30 -28.28 -5.79
C ASP F 37 36.72 -29.47 -5.02
N ALA F 38 35.46 -29.36 -4.60
CA ALA F 38 34.78 -30.42 -3.85
C ALA F 38 34.72 -31.74 -4.62
N THR F 39 34.50 -31.65 -5.93
CA THR F 39 34.55 -32.82 -6.80
C THR F 39 35.98 -33.38 -6.87
N ALA F 40 36.96 -32.50 -7.05
CA ALA F 40 38.37 -32.90 -7.09
C ALA F 40 38.85 -33.53 -5.77
N ALA F 41 38.28 -33.10 -4.65
CA ALA F 41 38.57 -33.72 -3.34
C ALA F 41 38.10 -35.17 -3.31
N ALA F 42 36.92 -35.42 -3.86
CA ALA F 42 36.35 -36.77 -3.93
C ALA F 42 37.11 -37.66 -4.91
N VAL F 43 37.56 -37.09 -6.02
CA VAL F 43 38.32 -37.83 -7.03
C VAL F 43 39.64 -38.35 -6.45
N ARG F 44 40.28 -37.57 -5.58
CA ARG F 44 41.45 -38.02 -4.84
C ARG F 44 41.12 -39.19 -3.92
N SER F 45 40.05 -39.04 -3.15
CA SER F 45 39.62 -40.07 -2.21
C SER F 45 39.22 -41.35 -2.91
N ALA F 46 38.43 -41.21 -3.99
CA ALA F 46 38.00 -42.34 -4.80
C ALA F 46 39.18 -43.11 -5.39
N TYR F 47 40.20 -42.39 -5.83
CA TYR F 47 41.43 -42.99 -6.35
C TYR F 47 42.16 -43.77 -5.24
N ALA F 48 42.22 -43.20 -4.05
CA ALA F 48 42.85 -43.86 -2.90
C ALA F 48 42.10 -45.11 -2.45
N ILE F 49 40.78 -45.14 -2.63
CA ILE F 49 39.99 -46.34 -2.36
C ILE F 49 40.18 -47.37 -3.47
N ALA F 50 40.29 -46.92 -4.72
CA ALA F 50 40.55 -47.81 -5.84
C ALA F 50 41.89 -48.56 -5.69
N THR F 51 42.89 -47.89 -5.12
CA THR F 51 44.20 -48.49 -4.92
C THR F 51 44.21 -49.61 -3.88
N VAL F 52 43.31 -49.55 -2.90
CA VAL F 52 43.17 -50.62 -1.91
C VAL F 52 42.41 -51.79 -2.52
N GLN F 53 41.39 -51.49 -3.32
CA GLN F 53 40.62 -52.52 -4.02
C GLN F 53 41.49 -53.25 -5.06
N ALA F 54 42.13 -52.46 -5.91
CA ALA F 54 42.97 -53.01 -6.99
C ALA F 54 44.33 -53.55 -6.54
N LYS F 55 44.75 -53.24 -5.31
CA LYS F 55 46.09 -53.54 -4.78
C LYS F 55 47.20 -53.24 -5.80
N GLY F 56 47.16 -52.01 -6.32
CA GLY F 56 48.04 -51.55 -7.39
C GLY F 56 47.50 -50.27 -7.99
N ILE F 57 48.14 -49.81 -9.07
CA ILE F 57 47.63 -48.65 -9.82
C ILE F 57 46.29 -49.01 -10.47
N PRO F 58 45.20 -48.36 -10.05
CA PRO F 58 43.87 -48.75 -10.51
C PRO F 58 43.53 -48.21 -11.90
N THR F 59 42.58 -48.86 -12.58
CA THR F 59 42.09 -48.40 -13.87
C THR F 59 41.14 -47.22 -13.69
N CYS F 60 40.91 -46.48 -14.76
CA CYS F 60 40.06 -45.28 -14.72
C CYS F 60 38.59 -45.61 -14.44
N ASP F 61 38.16 -46.81 -14.82
CA ASP F 61 36.80 -47.28 -14.54
C ASP F 61 36.62 -47.63 -13.05
N GLN F 62 37.64 -48.25 -12.46
CA GLN F 62 37.64 -48.56 -11.01
C GLN F 62 37.59 -47.32 -10.13
N VAL F 63 38.18 -46.22 -10.61
CA VAL F 63 38.17 -44.95 -9.88
C VAL F 63 36.77 -44.32 -9.90
N PHE F 64 36.09 -44.34 -11.05
CA PHE F 64 34.73 -43.79 -11.14
C PHE F 64 33.65 -44.70 -10.56
N ALA F 65 34.01 -45.93 -10.18
CA ALA F 65 33.09 -46.79 -9.45
C ALA F 65 32.76 -46.27 -8.06
N ASN F 66 33.70 -45.55 -7.43
CA ASN F 66 33.55 -45.10 -6.04
C ASN F 66 32.67 -43.85 -5.83
N PRO F 67 32.84 -42.78 -6.65
CA PRO F 67 32.00 -41.59 -6.49
C PRO F 67 30.52 -41.83 -6.78
N GLU F 68 29.67 -41.08 -6.06
CA GLU F 68 28.23 -41.17 -6.23
C GLU F 68 27.64 -39.78 -6.38
N GLY F 69 26.38 -39.73 -6.81
CA GLY F 69 25.69 -38.49 -7.13
C GLY F 69 25.98 -38.06 -8.56
N GLY F 70 25.90 -39.03 -9.48
CA GLY F 70 26.19 -38.80 -10.89
C GLY F 70 26.62 -40.07 -11.61
N SER F 71 26.33 -40.12 -12.91
CA SER F 71 26.52 -41.32 -13.72
C SER F 71 27.83 -41.30 -14.49
N THR F 72 28.23 -42.48 -14.98
CA THR F 72 29.41 -42.64 -15.81
C THR F 72 29.04 -43.02 -17.24
N SER F 73 29.99 -42.86 -18.15
CA SER F 73 29.83 -43.31 -19.54
C SER F 73 31.21 -43.42 -20.20
N GLY F 74 31.67 -44.65 -20.41
CA GLY F 74 32.96 -44.91 -21.02
C GLY F 74 34.11 -44.60 -20.08
N SER F 75 34.49 -43.33 -20.02
CA SER F 75 35.57 -42.88 -19.15
C SER F 75 35.40 -41.43 -18.68
N THR F 76 34.15 -41.02 -18.44
CA THR F 76 33.83 -39.68 -18.00
C THR F 76 32.63 -39.69 -17.05
N TRP F 77 32.92 -39.60 -15.76
CA TRP F 77 31.88 -39.46 -14.74
C TRP F 77 31.36 -38.03 -14.79
N THR F 78 30.06 -37.88 -15.07
CA THR F 78 29.36 -36.60 -14.99
C THR F 78 28.42 -36.61 -13.78
N SER F 79 28.11 -35.45 -13.24
CA SER F 79 27.19 -35.36 -12.10
C SER F 79 25.76 -35.70 -12.51
N SER F 80 24.87 -35.81 -11.52
CA SER F 80 23.46 -36.10 -11.75
C SER F 80 22.88 -35.14 -12.80
N ASP F 81 23.02 -33.84 -12.54
CA ASP F 81 22.77 -32.81 -13.54
C ASP F 81 23.99 -32.73 -14.46
N ASN F 82 23.77 -32.38 -15.72
CA ASN F 82 24.83 -32.44 -16.74
C ASN F 82 25.88 -31.34 -16.55
N SER F 83 26.82 -31.60 -15.65
CA SER F 83 27.97 -30.74 -15.40
C SER F 83 29.09 -31.55 -14.74
N THR F 84 30.22 -30.92 -14.48
CA THR F 84 31.32 -31.50 -13.69
C THR F 84 31.90 -32.79 -14.29
N THR F 85 32.25 -32.74 -15.58
CA THR F 85 32.81 -33.89 -16.26
C THR F 85 34.25 -34.11 -15.81
N VAL F 86 34.43 -35.00 -14.82
CA VAL F 86 35.77 -35.48 -14.45
C VAL F 86 36.22 -36.52 -15.48
N SER F 87 36.89 -36.03 -16.52
CA SER F 87 37.40 -36.86 -17.61
C SER F 87 38.85 -37.16 -17.37
N CYS F 88 39.21 -38.44 -17.46
CA CYS F 88 40.61 -38.86 -17.39
C CYS F 88 41.09 -39.32 -18.75
N ASN F 89 42.38 -39.60 -18.84
CA ASN F 89 42.98 -40.26 -19.98
C ASN F 89 44.17 -41.09 -19.48
N ALA F 90 43.93 -42.40 -19.31
CA ALA F 90 44.89 -43.33 -18.71
C ALA F 90 46.29 -43.28 -19.35
N SER F 91 46.35 -43.01 -20.65
CA SER F 91 47.62 -42.81 -21.35
C SER F 91 48.38 -41.58 -20.85
N ALA F 92 47.66 -40.49 -20.56
CA ALA F 92 48.27 -39.25 -20.07
C ALA F 92 48.51 -39.21 -18.56
N ASP F 93 47.84 -40.10 -17.82
CA ASP F 93 47.97 -40.20 -16.35
C ASP F 93 47.52 -38.92 -15.64
N THR F 94 46.29 -38.52 -15.89
CA THR F 94 45.72 -37.32 -15.27
C THR F 94 44.20 -37.20 -15.42
N PHE F 95 43.53 -36.88 -14.31
CA PHE F 95 42.10 -36.54 -14.32
C PHE F 95 41.97 -35.03 -14.50
N THR F 96 40.83 -34.60 -15.03
CA THR F 96 40.54 -33.18 -15.16
C THR F 96 39.06 -32.92 -14.91
N ILE F 97 38.77 -32.24 -13.80
CA ILE F 97 37.41 -31.89 -13.41
C ILE F 97 37.10 -30.49 -13.92
N SER F 98 35.90 -30.31 -14.47
CA SER F 98 35.49 -29.02 -15.06
C SER F 98 33.99 -28.82 -14.92
N ARG F 99 33.59 -27.92 -14.02
CA ARG F 99 32.19 -27.63 -13.76
C ARG F 99 31.57 -26.86 -14.91
N GLY F 100 32.09 -25.66 -15.19
CA GLY F 100 31.56 -24.80 -16.24
C GLY F 100 32.48 -23.66 -16.58
N GLY F 101 33.69 -24.02 -17.02
CA GLY F 101 34.75 -23.05 -17.29
C GLY F 101 35.84 -23.18 -16.25
N LYS F 102 35.45 -23.11 -14.98
CA LYS F 102 36.39 -23.26 -13.87
C LYS F 102 36.77 -24.73 -13.75
N THR F 103 38.07 -25.02 -13.86
CA THR F 103 38.57 -26.39 -13.97
C THR F 103 39.72 -26.66 -13.00
N ARG F 104 40.07 -27.95 -12.87
CA ARG F 104 41.08 -28.40 -11.92
C ARG F 104 41.67 -29.76 -12.32
N THR F 105 42.84 -29.72 -12.95
CA THR F 105 43.53 -30.90 -13.45
C THR F 105 44.43 -31.49 -12.36
N LEU F 106 44.30 -32.81 -12.14
CA LEU F 106 45.12 -33.53 -11.15
C LEU F 106 45.73 -34.79 -11.77
N ASN F 107 46.98 -35.06 -11.43
CA ASN F 107 47.79 -36.10 -12.10
C ASN F 107 48.12 -37.25 -11.17
N LEU F 108 47.47 -38.40 -11.41
CA LEU F 108 47.68 -39.64 -10.66
C LEU F 108 47.97 -40.78 -11.63
N THR F 109 48.70 -41.78 -11.15
CA THR F 109 49.12 -42.91 -11.99
C THR F 109 47.94 -43.84 -12.28
N VAL F 110 47.41 -43.74 -13.49
CA VAL F 110 46.30 -44.59 -13.96
C VAL F 110 46.76 -45.36 -15.20
N ASN F 111 46.24 -46.58 -15.34
CA ASN F 111 46.62 -47.49 -16.44
C ASN F 111 45.39 -48.01 -17.18
N PHE G 1 -17.93 18.69 1.85
CA PHE G 1 -17.33 18.31 0.53
C PHE G 1 -17.91 19.19 -0.59
N THR G 2 -17.04 19.99 -1.21
CA THR G 2 -17.42 20.80 -2.35
C THR G 2 -17.37 19.99 -3.65
N LEU G 3 -17.96 20.54 -4.71
CA LEU G 3 -17.97 19.89 -6.03
C LEU G 3 -16.57 19.78 -6.62
N ILE G 4 -15.79 20.85 -6.45
CA ILE G 4 -14.44 20.93 -7.02
C ILE G 4 -13.48 19.92 -6.37
N GLU G 5 -13.70 19.61 -5.09
CA GLU G 5 -12.86 18.67 -4.34
C GLU G 5 -13.02 17.25 -4.87
N LEU G 6 -14.25 16.85 -5.12
CA LEU G 6 -14.53 15.51 -5.67
C LEU G 6 -14.00 15.38 -7.10
N ALA G 7 -14.14 16.44 -7.89
CA ALA G 7 -13.59 16.51 -9.26
C ALA G 7 -12.10 16.25 -9.28
N ILE G 8 -11.38 16.81 -8.31
CA ILE G 8 -9.94 16.62 -8.16
C ILE G 8 -9.63 15.20 -7.67
N VAL G 9 -10.49 14.64 -6.82
CA VAL G 9 -10.34 13.23 -6.38
C VAL G 9 -10.55 12.27 -7.55
N ILE G 10 -11.50 12.59 -8.44
CA ILE G 10 -11.74 11.78 -9.66
C ILE G 10 -10.50 11.77 -10.57
N VAL G 11 -9.79 12.89 -10.65
CA VAL G 11 -8.56 12.99 -11.43
C VAL G 11 -7.46 12.14 -10.80
N ILE G 12 -7.27 12.27 -9.49
CA ILE G 12 -6.18 11.60 -8.79
C ILE G 12 -6.38 10.08 -8.76
N ILE G 13 -7.59 9.61 -8.48
CA ILE G 13 -7.91 8.17 -8.46
C ILE G 13 -7.61 7.51 -9.81
N GLY G 14 -7.90 8.22 -10.91
CA GLY G 14 -7.55 7.74 -12.24
C GLY G 14 -6.06 7.46 -12.42
N ILE G 15 -5.22 8.32 -11.86
CA ILE G 15 -3.77 8.18 -11.96
C ILE G 15 -3.26 7.11 -10.98
N LEU G 16 -3.65 7.23 -9.72
CA LEU G 16 -3.14 6.34 -8.66
C LEU G 16 -3.65 4.90 -8.72
N VAL G 17 -4.71 4.65 -9.50
CA VAL G 17 -5.14 3.28 -9.85
C VAL G 17 -4.84 3.03 -11.33
N ALA G 18 -3.59 3.26 -11.70
CA ALA G 18 -3.10 3.04 -13.05
C ALA G 18 -1.60 2.84 -12.95
N ILE G 19 -1.23 1.76 -12.28
CA ILE G 19 0.15 1.44 -11.96
C ILE G 19 0.41 -0.04 -12.17
N ALA G 20 1.67 -0.39 -12.38
CA ALA G 20 2.09 -1.79 -12.37
C ALA G 20 2.01 -2.25 -10.92
N VAL G 21 1.48 -3.45 -10.73
CA VAL G 21 1.41 -4.07 -9.41
C VAL G 21 1.67 -5.57 -9.61
N PRO G 22 2.69 -6.12 -8.93
CA PRO G 22 3.08 -7.48 -9.26
C PRO G 22 2.13 -8.49 -8.64
N ARG G 23 2.06 -9.68 -9.22
CA ARG G 23 1.17 -10.72 -8.73
C ARG G 23 1.93 -11.85 -8.06
N PHE G 24 1.20 -12.64 -7.28
CA PHE G 24 1.75 -13.76 -6.57
C PHE G 24 2.04 -14.90 -7.55
N VAL G 25 3.30 -15.02 -7.95
CA VAL G 25 3.77 -16.17 -8.72
C VAL G 25 4.10 -17.24 -7.69
N ASP G 26 3.49 -18.41 -7.83
CA ASP G 26 3.74 -19.51 -6.91
C ASP G 26 5.10 -20.14 -7.21
N LEU G 27 6.05 -19.94 -6.31
CA LEU G 27 7.42 -20.44 -6.46
C LEU G 27 7.75 -21.49 -5.40
N THR G 28 6.76 -22.32 -5.05
CA THR G 28 6.97 -23.42 -4.11
C THR G 28 7.82 -24.49 -4.78
N ASP G 29 7.37 -24.92 -5.95
CA ASP G 29 8.09 -25.87 -6.81
C ASP G 29 9.57 -25.53 -7.03
N GLN G 30 9.89 -24.24 -7.08
CA GLN G 30 11.28 -23.78 -7.17
C GLN G 30 12.02 -24.04 -5.86
N ALA G 31 11.39 -23.68 -4.74
CA ALA G 31 11.96 -23.87 -3.41
C ALA G 31 11.98 -25.34 -2.98
N ASN G 32 11.06 -26.15 -3.51
CA ASN G 32 11.03 -27.58 -3.19
C ASN G 32 12.25 -28.32 -3.71
N GLN G 33 12.70 -27.97 -4.92
CA GLN G 33 13.93 -28.54 -5.47
C GLN G 33 15.18 -28.01 -4.76
N ALA G 34 15.12 -26.78 -4.26
CA ALA G 34 16.18 -26.21 -3.43
C ALA G 34 16.22 -26.90 -2.06
N ASN G 35 15.04 -27.15 -1.49
CA ASN G 35 14.90 -27.86 -0.22
C ASN G 35 15.45 -29.27 -0.35
N VAL G 36 14.99 -30.00 -1.37
CA VAL G 36 15.36 -31.41 -1.56
C VAL G 36 16.86 -31.58 -1.87
N ASP G 37 17.50 -30.53 -2.40
CA ASP G 37 18.96 -30.49 -2.54
C ASP G 37 19.63 -30.31 -1.18
N ALA G 38 19.20 -29.29 -0.44
CA ALA G 38 19.75 -28.98 0.88
C ALA G 38 19.60 -30.14 1.87
N THR G 39 18.46 -30.83 1.81
CA THR G 39 18.24 -32.03 2.59
C THR G 39 19.18 -33.15 2.13
N ALA G 40 19.29 -33.35 0.82
CA ALA G 40 20.20 -34.35 0.24
C ALA G 40 21.68 -34.09 0.57
N ALA G 41 22.04 -32.82 0.72
CA ALA G 41 23.40 -32.45 1.15
C ALA G 41 23.67 -32.93 2.57
N ALA G 42 22.67 -32.77 3.44
CA ALA G 42 22.77 -33.22 4.83
C ALA G 42 22.78 -34.75 4.96
N VAL G 43 22.00 -35.42 4.11
CA VAL G 43 21.93 -36.88 4.12
C VAL G 43 23.28 -37.51 3.76
N ARG G 44 24.01 -36.87 2.85
CA ARG G 44 25.39 -37.27 2.53
C ARG G 44 26.31 -37.10 3.75
N SER G 45 26.24 -35.93 4.37
CA SER G 45 27.06 -35.62 5.54
C SER G 45 26.74 -36.54 6.71
N ALA G 46 25.45 -36.72 6.98
CA ALA G 46 25.00 -37.62 8.05
C ALA G 46 25.48 -39.06 7.85
N TYR G 47 25.46 -39.52 6.60
CA TYR G 47 25.99 -40.85 6.25
C TYR G 47 27.49 -40.95 6.52
N ALA G 48 28.22 -39.89 6.17
CA ALA G 48 29.66 -39.83 6.39
C ALA G 48 30.02 -39.80 7.88
N ILE G 49 29.16 -39.20 8.71
CA ILE G 49 29.32 -39.23 10.16
C ILE G 49 28.98 -40.59 10.74
N ALA G 50 27.94 -41.21 10.19
CA ALA G 50 27.55 -42.57 10.60
C ALA G 50 28.66 -43.59 10.37
N THR G 51 29.42 -43.42 9.28
CA THR G 51 30.53 -44.32 8.95
C THR G 51 31.69 -44.25 9.93
N VAL G 52 31.90 -43.08 10.53
CA VAL G 52 32.95 -42.91 11.55
C VAL G 52 32.47 -43.51 12.88
N GLN G 53 31.19 -43.31 13.20
CA GLN G 53 30.58 -43.90 14.39
C GLN G 53 30.54 -45.42 14.32
N ALA G 54 29.99 -45.93 13.22
CA ALA G 54 29.83 -47.37 13.01
C ALA G 54 31.13 -48.10 12.63
N LYS G 55 32.18 -47.36 12.26
CA LYS G 55 33.44 -47.93 11.71
C LYS G 55 33.18 -49.04 10.69
N GLY G 56 32.35 -48.70 9.70
CA GLY G 56 31.88 -49.64 8.69
C GLY G 56 30.68 -49.07 7.96
N ILE G 57 30.07 -49.88 7.10
CA ILE G 57 28.82 -49.48 6.44
C ILE G 57 27.69 -49.36 7.48
N PRO G 58 27.17 -48.13 7.70
CA PRO G 58 26.22 -47.92 8.78
C PRO G 58 24.80 -48.35 8.43
N THR G 59 23.98 -48.62 9.46
CA THR G 59 22.57 -48.95 9.26
C THR G 59 21.76 -47.69 8.97
N CYS G 60 20.57 -47.87 8.42
CA CYS G 60 19.71 -46.75 8.02
C CYS G 60 19.21 -45.94 9.22
N ASP G 61 19.10 -46.58 10.39
CA ASP G 61 18.72 -45.90 11.62
C ASP G 61 19.86 -45.01 12.16
N GLN G 62 21.09 -45.52 12.07
CA GLN G 62 22.29 -44.74 12.46
C GLN G 62 22.49 -43.48 11.61
N VAL G 63 22.08 -43.54 10.34
CA VAL G 63 22.18 -42.39 9.43
C VAL G 63 21.16 -41.30 9.82
N PHE G 64 19.92 -41.69 10.14
CA PHE G 64 18.89 -40.72 10.54
C PHE G 64 19.05 -40.23 11.98
N ALA G 65 19.95 -40.82 12.75
CA ALA G 65 20.29 -40.30 14.08
C ALA G 65 20.98 -38.93 14.02
N ASN G 66 21.71 -38.66 12.94
CA ASN G 66 22.53 -37.44 12.83
C ASN G 66 21.77 -36.16 12.41
N PRO G 67 20.86 -36.23 11.41
CA PRO G 67 20.09 -35.04 11.02
C PRO G 67 19.14 -34.54 12.09
N GLU G 68 18.94 -33.22 12.12
CA GLU G 68 18.03 -32.59 13.06
C GLU G 68 17.10 -31.62 12.33
N GLY G 69 16.07 -31.19 13.03
CA GLY G 69 15.00 -30.37 12.46
C GLY G 69 13.95 -31.24 11.81
N GLY G 70 13.55 -32.30 12.51
CA GLY G 70 12.57 -33.26 12.00
C GLY G 70 12.71 -34.62 12.65
N SER G 71 11.59 -35.33 12.73
CA SER G 71 11.51 -36.60 13.47
C SER G 71 11.64 -37.81 12.56
N THR G 72 11.92 -38.96 13.17
CA THR G 72 12.01 -40.24 12.47
C THR G 72 10.85 -41.17 12.86
N SER G 73 10.65 -42.21 12.05
CA SER G 73 9.68 -43.26 12.35
C SER G 73 9.98 -44.50 11.51
N GLY G 74 10.52 -45.52 12.16
CA GLY G 74 10.87 -46.77 11.50
C GLY G 74 12.11 -46.63 10.64
N SER G 75 11.93 -46.12 9.42
CA SER G 75 13.04 -45.92 8.49
C SER G 75 12.79 -44.76 7.51
N THR G 76 12.13 -43.70 8.01
CA THR G 76 11.81 -42.53 7.20
C THR G 76 11.86 -41.26 8.06
N TRP G 77 12.96 -40.53 7.94
CA TRP G 77 13.09 -39.23 8.58
C TRP G 77 12.26 -38.22 7.80
N THR G 78 11.27 -37.61 8.46
CA THR G 78 10.49 -36.51 7.90
C THR G 78 10.88 -35.22 8.62
N SER G 79 10.72 -34.08 7.97
CA SER G 79 11.02 -32.78 8.59
C SER G 79 10.04 -32.44 9.71
N SER G 80 10.32 -31.37 10.44
CA SER G 80 9.45 -30.90 11.52
C SER G 80 8.01 -30.77 11.03
N ASP G 81 7.83 -29.99 9.97
CA ASP G 81 6.57 -29.97 9.21
C ASP G 81 6.54 -31.19 8.30
N ASN G 82 5.34 -31.71 8.02
CA ASN G 82 5.20 -32.98 7.31
C ASN G 82 5.53 -32.85 5.82
N SER G 83 6.83 -32.92 5.54
CA SER G 83 7.37 -32.94 4.18
C SER G 83 8.78 -33.55 4.18
N THR G 84 9.38 -33.67 3.01
CA THR G 84 10.80 -34.06 2.85
C THR G 84 11.11 -35.44 3.45
N THR G 85 10.32 -36.44 3.04
CA THR G 85 10.53 -37.81 3.51
C THR G 85 11.76 -38.41 2.85
N VAL G 86 12.90 -38.33 3.53
CA VAL G 86 14.10 -39.09 3.10
C VAL G 86 13.94 -40.55 3.53
N SER G 87 13.36 -41.33 2.63
CA SER G 87 13.10 -42.75 2.84
C SER G 87 14.22 -43.55 2.19
N CYS G 88 14.80 -44.48 2.95
CA CYS G 88 15.78 -45.42 2.42
C CYS G 88 15.18 -46.82 2.34
N ASN G 89 15.94 -47.72 1.74
CA ASN G 89 15.65 -49.15 1.77
C ASN G 89 16.98 -49.90 1.72
N ALA G 90 17.42 -50.35 2.90
CA ALA G 90 18.74 -50.98 3.09
C ALA G 90 19.03 -52.12 2.12
N SER G 91 17.98 -52.86 1.74
CA SER G 91 18.09 -53.91 0.73
C SER G 91 18.48 -53.35 -0.65
N ALA G 92 17.91 -52.22 -1.03
CA ALA G 92 18.18 -51.57 -2.32
C ALA G 92 19.45 -50.70 -2.34
N ASP G 93 19.94 -50.31 -1.16
CA ASP G 93 21.14 -49.49 -1.00
C ASP G 93 20.99 -48.11 -1.65
N THR G 94 19.96 -47.37 -1.22
CA THR G 94 19.70 -46.02 -1.73
C THR G 94 18.69 -45.23 -0.90
N PHE G 95 19.04 -43.98 -0.61
CA PHE G 95 18.12 -43.02 0.00
C PHE G 95 17.38 -42.27 -1.10
N THR G 96 16.19 -41.78 -0.79
CA THR G 96 15.43 -40.95 -1.72
C THR G 96 14.70 -39.84 -0.97
N ILE G 97 15.14 -38.60 -1.21
CA ILE G 97 14.55 -37.41 -0.59
C ILE G 97 13.50 -36.85 -1.55
N SER G 98 12.35 -36.45 -1.00
CA SER G 98 11.24 -35.94 -1.80
C SER G 98 10.43 -34.91 -1.00
N ARG G 99 10.57 -33.64 -1.36
CA ARG G 99 9.88 -32.54 -0.69
C ARG G 99 8.39 -32.56 -1.02
N GLY G 100 8.07 -32.40 -2.30
CA GLY G 100 6.67 -32.33 -2.75
C GLY G 100 6.55 -32.46 -4.25
N GLY G 101 7.01 -33.59 -4.77
CA GLY G 101 7.07 -33.85 -6.20
C GLY G 101 8.51 -33.83 -6.68
N LYS G 102 9.22 -32.76 -6.36
CA LYS G 102 10.62 -32.62 -6.71
C LYS G 102 11.44 -33.53 -5.78
N THR G 103 12.19 -34.45 -6.39
CA THR G 103 12.87 -35.53 -5.64
C THR G 103 14.33 -35.67 -6.04
N ARG G 104 15.07 -36.45 -5.26
CA ARG G 104 16.51 -36.62 -5.43
C ARG G 104 17.02 -37.92 -4.79
N THR G 105 17.18 -38.95 -5.61
CA THR G 105 17.60 -40.27 -5.16
C THR G 105 19.12 -40.37 -5.15
N LEU G 106 19.68 -40.85 -4.04
CA LEU G 106 21.13 -41.03 -3.88
C LEU G 106 21.44 -42.42 -3.34
N ASN G 107 22.49 -43.04 -3.88
CA ASN G 107 22.81 -44.46 -3.64
C ASN G 107 24.10 -44.64 -2.85
N LEU G 108 23.95 -45.05 -1.59
CA LEU G 108 25.06 -45.32 -0.67
C LEU G 108 24.90 -46.70 -0.07
N THR G 109 26.02 -47.32 0.30
CA THR G 109 26.01 -48.69 0.83
C THR G 109 25.46 -48.72 2.26
N VAL G 110 24.21 -49.17 2.39
CA VAL G 110 23.54 -49.31 3.68
C VAL G 110 23.14 -50.77 3.88
N ASN G 111 23.15 -51.23 5.13
CA ASN G 111 22.86 -52.62 5.48
C ASN G 111 21.80 -52.70 6.57
N PHE H 1 -22.60 29.39 -3.86
CA PHE H 1 -23.13 28.01 -4.08
C PHE H 1 -24.59 28.05 -4.52
N THR H 2 -24.86 27.60 -5.74
CA THR H 2 -26.22 27.48 -6.26
C THR H 2 -26.87 26.19 -5.79
N LEU H 3 -28.20 26.10 -5.95
CA LEU H 3 -28.97 24.92 -5.58
C LEU H 3 -28.59 23.72 -6.43
N ILE H 4 -28.40 23.96 -7.72
CA ILE H 4 -28.09 22.89 -8.69
C ILE H 4 -26.72 22.25 -8.44
N GLU H 5 -25.78 23.04 -7.92
CA GLU H 5 -24.42 22.58 -7.64
C GLU H 5 -24.40 21.57 -6.50
N LEU H 6 -25.14 21.87 -5.44
CA LEU H 6 -25.25 20.97 -4.29
C LEU H 6 -25.98 19.68 -4.66
N ALA H 7 -27.02 19.80 -5.49
CA ALA H 7 -27.76 18.64 -6.01
C ALA H 7 -26.85 17.66 -6.75
N ILE H 8 -25.92 18.21 -7.53
CA ILE H 8 -24.94 17.42 -8.26
C ILE H 8 -23.89 16.82 -7.31
N VAL H 9 -23.53 17.54 -6.24
CA VAL H 9 -22.64 17.01 -5.20
C VAL H 9 -23.31 15.85 -4.43
N ILE H 10 -24.62 15.96 -4.19
CA ILE H 10 -25.38 14.88 -3.54
C ILE H 10 -25.37 13.60 -4.40
N VAL H 11 -25.43 13.75 -5.72
CA VAL H 11 -25.35 12.63 -6.65
C VAL H 11 -23.97 11.97 -6.60
N ILE H 12 -22.92 12.80 -6.68
CA ILE H 12 -21.55 12.30 -6.76
C ILE H 12 -21.11 11.62 -5.45
N ILE H 13 -21.42 12.24 -4.32
CA ILE H 13 -21.08 11.67 -3.00
C ILE H 13 -21.70 10.28 -2.82
N GLY H 14 -22.92 10.09 -3.30
CA GLY H 14 -23.56 8.78 -3.28
C GLY H 14 -22.78 7.70 -4.00
N ILE H 15 -22.19 8.06 -5.13
CA ILE H 15 -21.40 7.13 -5.94
C ILE H 15 -20.00 6.93 -5.33
N LEU H 16 -19.31 8.02 -5.04
CA LEU H 16 -17.92 7.96 -4.56
C LEU H 16 -17.76 7.45 -3.13
N VAL H 17 -18.85 7.38 -2.36
CA VAL H 17 -18.87 6.67 -1.07
C VAL H 17 -19.74 5.42 -1.21
N ALA H 18 -19.39 4.61 -2.21
CA ALA H 18 -20.05 3.35 -2.48
C ALA H 18 -19.07 2.48 -3.25
N ILE H 19 -17.98 2.15 -2.57
CA ILE H 19 -16.86 1.44 -3.15
C ILE H 19 -16.35 0.38 -2.18
N ALA H 20 -15.69 -0.63 -2.72
CA ALA H 20 -14.95 -1.59 -1.89
C ALA H 20 -13.75 -0.85 -1.34
N VAL H 21 -13.49 -1.06 -0.05
CA VAL H 21 -12.31 -0.49 0.62
C VAL H 21 -11.80 -1.54 1.58
N PRO H 22 -10.52 -1.95 1.45
CA PRO H 22 -10.08 -3.09 2.23
C PRO H 22 -9.80 -2.70 3.68
N ARG H 23 -9.85 -3.67 4.57
CA ARG H 23 -9.61 -3.41 6.00
C ARG H 23 -8.29 -3.98 6.46
N PHE H 24 -7.85 -3.49 7.61
CA PHE H 24 -6.60 -3.92 8.22
C PHE H 24 -6.79 -5.31 8.82
N VAL H 25 -6.34 -6.32 8.08
CA VAL H 25 -6.26 -7.68 8.60
C VAL H 25 -4.93 -7.76 9.34
N ASP H 26 -4.96 -8.14 10.61
CA ASP H 26 -3.75 -8.25 11.41
C ASP H 26 -3.00 -9.53 11.02
N LEU H 27 -1.85 -9.35 10.36
CA LEU H 27 -1.03 -10.45 9.88
C LEU H 27 0.32 -10.50 10.61
N THR H 28 0.31 -10.18 11.90
CA THR H 28 1.53 -10.25 12.71
C THR H 28 1.87 -11.71 12.97
N ASP H 29 0.88 -12.45 13.45
CA ASP H 29 0.98 -13.91 13.65
C ASP H 29 1.52 -14.68 12.45
N GLN H 30 1.21 -14.21 11.23
CA GLN H 30 1.76 -14.79 10.01
C GLN H 30 3.25 -14.48 9.89
N ALA H 31 3.61 -13.22 10.11
CA ALA H 31 5.00 -12.76 10.05
C ALA H 31 5.85 -13.27 11.21
N ASN H 32 5.22 -13.53 12.35
CA ASN H 32 5.94 -14.06 13.52
C ASN H 32 6.49 -15.46 13.29
N GLN H 33 5.71 -16.31 12.60
CA GLN H 33 6.18 -17.64 12.22
C GLN H 33 7.24 -17.57 11.12
N ALA H 34 7.14 -16.57 10.24
CA ALA H 34 8.17 -16.31 9.23
C ALA H 34 9.45 -15.81 9.89
N ASN H 35 9.32 -14.92 10.86
CA ASN H 35 10.43 -14.40 11.64
C ASN H 35 11.14 -15.52 12.38
N VAL H 36 10.37 -16.31 13.13
CA VAL H 36 10.92 -17.37 13.97
C VAL H 36 11.59 -18.49 13.14
N ASP H 37 11.17 -18.64 11.88
CA ASP H 37 11.88 -19.51 10.92
C ASP H 37 13.21 -18.89 10.49
N ALA H 38 13.17 -17.64 10.05
CA ALA H 38 14.37 -16.92 9.61
C ALA H 38 15.43 -16.79 10.70
N THR H 39 14.98 -16.58 11.94
CA THR H 39 15.88 -16.59 13.10
C THR H 39 16.44 -17.98 13.32
N ALA H 40 15.58 -19.00 13.27
CA ALA H 40 16.01 -20.40 13.43
C ALA H 40 16.99 -20.86 12.34
N ALA H 41 16.86 -20.30 11.14
CA ALA H 41 17.82 -20.56 10.06
C ALA H 41 19.21 -20.04 10.41
N ALA H 42 19.25 -18.85 10.99
CA ALA H 42 20.50 -18.24 11.43
C ALA H 42 21.13 -18.95 12.62
N VAL H 43 20.30 -19.43 13.54
CA VAL H 43 20.77 -20.15 14.72
C VAL H 43 21.47 -21.46 14.33
N ARG H 44 20.98 -22.12 13.29
CA ARG H 44 21.66 -23.29 12.71
C ARG H 44 23.02 -22.91 12.14
N SER H 45 23.04 -21.85 11.33
CA SER H 45 24.27 -21.38 10.70
C SER H 45 25.30 -20.92 11.73
N ALA H 46 24.84 -20.14 12.71
CA ALA H 46 25.70 -19.66 13.80
C ALA H 46 26.32 -20.82 14.60
N TYR H 47 25.54 -21.87 14.83
CA TYR H 47 26.03 -23.07 15.50
C TYR H 47 27.10 -23.77 14.66
N ALA H 48 26.88 -23.84 13.36
CA ALA H 48 27.85 -24.45 12.44
C ALA H 48 29.15 -23.66 12.34
N ILE H 49 29.08 -22.34 12.51
CA ILE H 49 30.28 -21.50 12.56
C ILE H 49 30.98 -21.65 13.91
N ALA H 50 30.21 -21.77 14.98
CA ALA H 50 30.77 -22.00 16.31
C ALA H 50 31.57 -23.30 16.39
N THR H 51 31.13 -24.33 15.67
CA THR H 51 31.81 -25.63 15.65
C THR H 51 33.17 -25.59 14.96
N VAL H 52 33.34 -24.70 13.99
CA VAL H 52 34.64 -24.52 13.32
C VAL H 52 35.57 -23.71 14.22
N GLN H 53 35.03 -22.68 14.89
CA GLN H 53 35.79 -21.88 15.85
C GLN H 53 36.23 -22.71 17.05
N ALA H 54 35.28 -23.40 17.67
CA ALA H 54 35.54 -24.21 18.86
C ALA H 54 36.23 -25.55 18.59
N LYS H 55 36.29 -25.98 17.33
CA LYS H 55 36.78 -27.31 16.92
C LYS H 55 36.25 -28.43 17.84
N GLY H 56 34.92 -28.43 17.98
CA GLY H 56 34.23 -29.33 18.91
C GLY H 56 32.81 -28.84 19.14
N ILE H 57 32.09 -29.51 20.06
CA ILE H 57 30.76 -29.04 20.46
C ILE H 57 30.88 -27.68 21.18
N PRO H 58 30.32 -26.60 20.58
CA PRO H 58 30.52 -25.26 21.11
C PRO H 58 29.62 -24.94 22.29
N THR H 59 30.02 -23.97 23.11
CA THR H 59 29.20 -23.49 24.22
C THR H 59 28.09 -22.59 23.71
N CYS H 60 27.08 -22.39 24.55
CA CYS H 60 25.90 -21.58 24.16
C CYS H 60 26.24 -20.10 23.97
N ASP H 61 27.27 -19.62 24.66
CA ASP H 61 27.76 -18.25 24.49
C ASP H 61 28.49 -18.06 23.16
N GLN H 62 29.28 -19.05 22.76
CA GLN H 62 29.98 -19.05 21.46
C GLN H 62 29.02 -19.05 20.27
N VAL H 63 27.86 -19.68 20.44
CA VAL H 63 26.83 -19.72 19.39
C VAL H 63 26.17 -18.35 19.22
N PHE H 64 25.85 -17.67 20.32
CA PHE H 64 25.24 -16.33 20.25
C PHE H 64 26.23 -15.21 19.93
N ALA H 65 27.53 -15.52 19.90
CA ALA H 65 28.54 -14.57 19.42
C ALA H 65 28.39 -14.27 17.94
N ASN H 66 27.90 -15.23 17.15
CA ASN H 66 27.85 -15.10 15.69
C ASN H 66 26.67 -14.28 15.12
N PRO H 67 25.42 -14.48 15.63
CA PRO H 67 24.29 -13.68 15.15
C PRO H 67 24.39 -12.21 15.46
N GLU H 68 23.84 -11.39 14.57
CA GLU H 68 23.82 -9.95 14.74
C GLU H 68 22.42 -9.41 14.48
N GLY H 69 22.21 -8.15 14.87
CA GLY H 69 20.90 -7.51 14.84
C GLY H 69 20.12 -7.81 16.10
N GLY H 70 20.80 -7.69 17.25
CA GLY H 70 20.20 -8.00 18.55
C GLY H 70 21.24 -8.36 19.59
N SER H 71 20.92 -8.08 20.85
CA SER H 71 21.87 -8.21 21.96
C SER H 71 21.69 -9.52 22.72
N THR H 72 22.70 -9.87 23.50
CA THR H 72 22.67 -11.06 24.37
C THR H 72 22.63 -10.65 25.84
N SER H 73 22.28 -11.61 26.68
CA SER H 73 22.33 -11.44 28.14
C SER H 73 22.30 -12.80 28.83
N GLY H 74 23.44 -13.21 29.35
CA GLY H 74 23.57 -14.49 30.04
C GLY H 74 23.58 -15.65 29.07
N SER H 75 22.38 -16.08 28.66
CA SER H 75 22.23 -17.19 27.72
C SER H 75 20.95 -17.07 26.87
N THR H 76 20.59 -15.84 26.51
CA THR H 76 19.39 -15.57 25.72
C THR H 76 19.62 -14.38 24.79
N TRP H 77 19.90 -14.68 23.52
CA TRP H 77 19.99 -13.64 22.50
C TRP H 77 18.59 -13.16 22.16
N THR H 78 18.32 -11.87 22.36
CA THR H 78 17.08 -11.22 21.94
C THR H 78 17.39 -10.30 20.77
N SER H 79 16.40 -10.04 19.92
CA SER H 79 16.59 -9.13 18.78
C SER H 79 16.77 -7.68 19.26
N SER H 80 17.11 -6.79 18.32
CA SER H 80 17.26 -5.36 18.60
C SER H 80 16.05 -4.82 19.34
N ASP H 81 14.87 -5.01 18.75
CA ASP H 81 13.60 -4.80 19.44
C ASP H 81 13.32 -6.02 20.32
N ASN H 82 12.62 -5.81 21.42
CA ASN H 82 12.44 -6.86 22.43
C ASN H 82 11.47 -7.95 21.97
N SER H 83 12.02 -8.89 21.19
CA SER H 83 11.28 -10.08 20.72
C SER H 83 12.30 -11.15 20.32
N THR H 84 11.79 -12.32 19.91
CA THR H 84 12.62 -13.40 19.32
C THR H 84 13.70 -13.92 20.27
N THR H 85 13.32 -14.27 21.48
CA THR H 85 14.26 -14.79 22.46
C THR H 85 14.66 -16.22 22.10
N VAL H 86 15.78 -16.36 21.40
CA VAL H 86 16.39 -17.68 21.20
C VAL H 86 17.13 -18.09 22.48
N SER H 87 16.40 -18.77 23.35
CA SER H 87 16.91 -19.24 24.63
C SER H 87 17.33 -20.69 24.50
N CYS H 88 18.55 -21.00 24.94
CA CYS H 88 19.03 -22.38 25.00
C CYS H 88 19.11 -22.84 26.45
N ASN H 89 19.41 -24.12 26.61
CA ASN H 89 19.76 -24.69 27.91
C ASN H 89 20.74 -25.84 27.66
N ALA H 90 22.03 -25.55 27.85
CA ALA H 90 23.12 -26.48 27.54
C ALA H 90 22.95 -27.88 28.16
N SER H 91 22.34 -27.94 29.33
CA SER H 91 22.00 -29.21 29.97
C SER H 91 20.99 -30.03 29.16
N ALA H 92 19.99 -29.36 28.59
CA ALA H 92 18.95 -30.02 27.79
C ALA H 92 19.34 -30.27 26.32
N ASP H 93 20.37 -29.56 25.84
CA ASP H 93 20.88 -29.68 24.46
C ASP H 93 19.82 -29.29 23.43
N THR H 94 19.31 -28.07 23.53
CA THR H 94 18.31 -27.55 22.60
C THR H 94 18.10 -26.04 22.70
N PHE H 95 18.07 -25.38 21.54
CA PHE H 95 17.68 -23.97 21.43
C PHE H 95 16.18 -23.90 21.20
N THR H 96 15.58 -22.78 21.58
CA THR H 96 14.16 -22.54 21.31
C THR H 96 13.93 -21.07 20.98
N ILE H 97 13.56 -20.81 19.73
CA ILE H 97 13.28 -19.46 19.24
C ILE H 97 11.78 -19.22 19.35
N SER H 98 11.41 -18.02 19.81
CA SER H 98 10.01 -17.66 20.02
C SER H 98 9.79 -16.16 19.81
N ARG H 99 9.16 -15.81 18.70
CA ARG H 99 8.89 -14.41 18.35
C ARG H 99 7.82 -13.81 19.25
N GLY H 100 6.62 -14.39 19.19
CA GLY H 100 5.48 -13.88 19.97
C GLY H 100 4.33 -14.86 19.98
N GLY H 101 4.60 -16.05 20.52
CA GLY H 101 3.64 -17.15 20.54
C GLY H 101 4.07 -18.23 19.58
N LYS H 102 4.35 -17.84 18.34
CA LYS H 102 4.82 -18.77 17.32
C LYS H 102 6.28 -19.10 17.62
N THR H 103 6.58 -20.38 17.80
CA THR H 103 7.88 -20.84 18.30
C THR H 103 8.46 -21.98 17.46
N ARG H 104 9.73 -22.28 17.68
CA ARG H 104 10.47 -23.27 16.90
C ARG H 104 11.69 -23.80 17.66
N THR H 105 11.52 -24.98 18.27
CA THR H 105 12.55 -25.61 19.08
C THR H 105 13.45 -26.49 18.22
N LEU H 106 14.76 -26.32 18.35
CA LEU H 106 15.75 -27.11 17.61
C LEU H 106 16.82 -27.66 18.55
N ASN H 107 17.23 -28.91 18.32
CA ASN H 107 18.07 -29.67 19.26
C ASN H 107 19.45 -29.95 18.67
N LEU H 108 20.46 -29.27 19.21
CA LEU H 108 21.86 -29.43 18.82
C LEU H 108 22.71 -29.67 20.07
N THR H 109 23.83 -30.37 19.89
CA THR H 109 24.70 -30.73 21.01
C THR H 109 25.48 -29.52 21.52
N VAL H 110 25.03 -28.99 22.66
CA VAL H 110 25.67 -27.85 23.32
C VAL H 110 26.11 -28.27 24.73
N ASN H 111 27.21 -27.71 25.20
CA ASN H 111 27.80 -28.05 26.50
C ASN H 111 28.05 -26.80 27.34
N PHE I 1 -45.27 38.08 -7.31
CA PHE I 1 -44.03 38.66 -6.73
C PHE I 1 -44.24 40.12 -6.34
N THR I 2 -44.13 40.41 -5.04
CA THR I 2 -44.22 41.77 -4.53
C THR I 2 -42.87 42.48 -4.64
N LEU I 3 -42.89 43.80 -4.47
CA LEU I 3 -41.66 44.62 -4.53
C LEU I 3 -40.73 44.29 -3.38
N ILE I 4 -41.30 44.09 -2.18
CA ILE I 4 -40.52 43.82 -0.97
C ILE I 4 -39.79 42.48 -1.02
N GLU I 5 -40.38 41.51 -1.72
CA GLU I 5 -39.81 40.17 -1.85
C GLU I 5 -38.53 40.18 -2.67
N LEU I 6 -38.55 40.91 -3.78
CA LEU I 6 -37.38 41.05 -4.65
C LEU I 6 -36.28 41.83 -3.95
N ALA I 7 -36.65 42.87 -3.20
CA ALA I 7 -35.70 43.67 -2.39
C ALA I 7 -34.93 42.78 -1.40
N ILE I 8 -35.63 41.84 -0.79
CA ILE I 8 -35.03 40.89 0.14
C ILE I 8 -34.16 39.87 -0.61
N VAL I 9 -34.55 39.48 -1.82
CA VAL I 9 -33.73 38.61 -2.66
C VAL I 9 -32.43 39.31 -3.09
N ILE I 10 -32.51 40.61 -3.37
CA ILE I 10 -31.34 41.42 -3.71
C ILE I 10 -30.33 41.46 -2.55
N VAL I 11 -30.84 41.53 -1.32
CA VAL I 11 -30.00 41.48 -0.12
C VAL I 11 -29.32 40.13 0.03
N ILE I 12 -30.09 39.05 -0.09
CA ILE I 12 -29.59 37.70 0.14
C ILE I 12 -28.57 37.29 -0.94
N ILE I 13 -28.85 37.56 -2.21
CA ILE I 13 -27.93 37.25 -3.31
C ILE I 13 -26.57 37.92 -3.13
N GLY I 14 -26.57 39.16 -2.62
CA GLY I 14 -25.33 39.85 -2.29
C GLY I 14 -24.45 39.10 -1.29
N ILE I 15 -25.08 38.49 -0.29
CA ILE I 15 -24.38 37.75 0.75
C ILE I 15 -23.97 36.37 0.23
N LEU I 16 -24.92 35.62 -0.34
CA LEU I 16 -24.68 34.24 -0.76
C LEU I 16 -23.79 34.09 -2.00
N VAL I 17 -23.56 35.18 -2.74
CA VAL I 17 -22.53 35.22 -3.80
C VAL I 17 -21.39 36.15 -3.32
N ALA I 18 -20.87 35.83 -2.14
CA ALA I 18 -19.75 36.55 -1.55
C ALA I 18 -19.09 35.60 -0.55
N ILE I 19 -18.56 34.52 -1.11
CA ILE I 19 -17.97 33.43 -0.34
C ILE I 19 -16.68 32.96 -0.98
N ALA I 20 -15.82 32.34 -0.18
CA ALA I 20 -14.66 31.64 -0.71
C ALA I 20 -15.17 30.40 -1.44
N VAL I 21 -14.61 30.15 -2.61
CA VAL I 21 -14.94 28.96 -3.38
C VAL I 21 -13.64 28.48 -4.03
N PRO I 22 -13.23 27.22 -3.78
CA PRO I 22 -11.91 26.82 -4.21
C PRO I 22 -11.88 26.52 -5.70
N ARG I 23 -10.71 26.61 -6.31
CA ARG I 23 -10.56 26.37 -7.73
C ARG I 23 -9.84 25.07 -8.01
N PHE I 24 -9.99 24.60 -9.25
CA PHE I 24 -9.37 23.37 -9.70
C PHE I 24 -7.87 23.62 -9.91
N VAL I 25 -7.08 23.21 -8.92
CA VAL I 25 -5.62 23.18 -9.05
C VAL I 25 -5.30 21.85 -9.72
N ASP I 26 -4.59 21.89 -10.84
CA ASP I 26 -4.22 20.68 -11.56
C ASP I 26 -3.08 19.98 -10.83
N LEU I 27 -3.38 18.83 -10.23
CA LEU I 27 -2.42 18.05 -9.46
C LEU I 27 -2.12 16.71 -10.13
N THR I 28 -2.09 16.69 -11.46
CA THR I 28 -1.76 15.48 -12.21
C THR I 28 -0.27 15.19 -12.05
N ASP I 29 0.55 16.22 -12.33
CA ASP I 29 2.01 16.17 -12.13
C ASP I 29 2.44 15.66 -10.75
N GLN I 30 1.64 15.95 -9.71
CA GLN I 30 1.89 15.43 -8.37
C GLN I 30 1.61 13.93 -8.32
N ALA I 31 0.47 13.52 -8.87
CA ALA I 31 0.07 12.11 -8.91
C ALA I 31 0.90 11.28 -9.89
N ASN I 32 1.45 11.92 -10.93
CA ASN I 32 2.29 11.22 -11.89
C ASN I 32 3.59 10.73 -11.27
N GLN I 33 4.20 11.54 -10.41
CA GLN I 33 5.40 11.12 -9.68
C GLN I 33 5.07 10.07 -8.61
N ALA I 34 3.87 10.13 -8.05
CA ALA I 34 3.39 9.09 -7.13
C ALA I 34 3.12 7.78 -7.88
N ASN I 35 2.52 7.89 -9.07
CA ASN I 35 2.27 6.75 -9.93
C ASN I 35 3.58 6.08 -10.34
N VAL I 36 4.51 6.88 -10.86
CA VAL I 36 5.79 6.37 -11.36
C VAL I 36 6.66 5.75 -10.25
N ASP I 37 6.45 6.18 -9.01
CA ASP I 37 7.05 5.51 -7.84
C ASP I 37 6.39 4.15 -7.58
N ALA I 38 5.06 4.14 -7.50
CA ALA I 38 4.29 2.92 -7.25
C ALA I 38 4.52 1.85 -8.33
N THR I 39 4.62 2.28 -9.57
CA THR I 39 4.98 1.40 -10.67
C THR I 39 6.40 0.87 -10.51
N ALA I 40 7.34 1.77 -10.20
CA ALA I 40 8.74 1.40 -9.97
C ALA I 40 8.92 0.45 -8.78
N ALA I 41 8.06 0.55 -7.78
CA ALA I 41 8.05 -0.40 -6.65
C ALA I 41 7.70 -1.80 -7.12
N ALA I 42 6.70 -1.89 -8.01
CA ALA I 42 6.28 -3.18 -8.57
C ALA I 42 7.32 -3.77 -9.52
N VAL I 43 7.99 -2.92 -10.28
CA VAL I 43 9.03 -3.37 -11.22
C VAL I 43 10.20 -4.02 -10.47
N ARG I 44 10.54 -3.49 -9.29
CA ARG I 44 11.53 -4.12 -8.41
C ARG I 44 11.06 -5.50 -7.94
N SER I 45 9.82 -5.56 -7.47
CA SER I 45 9.24 -6.81 -6.96
C SER I 45 9.12 -7.85 -8.08
N ALA I 46 8.62 -7.44 -9.23
CA ALA I 46 8.49 -8.31 -10.40
C ALA I 46 9.83 -8.88 -10.84
N TYR I 47 10.89 -8.06 -10.80
CA TYR I 47 12.24 -8.51 -11.11
C TYR I 47 12.73 -9.55 -10.10
N ALA I 48 12.44 -9.32 -8.82
CA ALA I 48 12.81 -10.27 -7.76
C ALA I 48 12.06 -11.60 -7.87
N ILE I 49 10.84 -11.57 -8.39
CA ILE I 49 10.09 -12.81 -8.65
C ILE I 49 10.62 -13.51 -9.90
N ALA I 50 10.99 -12.74 -10.91
CA ALA I 50 11.60 -13.29 -12.12
C ALA I 50 12.90 -14.04 -11.83
N THR I 51 13.68 -13.55 -10.87
CA THR I 51 14.95 -14.18 -10.49
C THR I 51 14.77 -15.55 -9.82
N VAL I 52 13.66 -15.75 -9.13
CA VAL I 52 13.36 -17.04 -8.51
C VAL I 52 12.86 -18.01 -9.58
N GLN I 53 12.04 -17.51 -10.51
CA GLN I 53 11.55 -18.31 -11.64
C GLN I 53 12.70 -18.72 -12.57
N ALA I 54 13.48 -17.75 -12.99
CA ALA I 54 14.59 -17.98 -13.92
C ALA I 54 15.84 -18.62 -13.28
N LYS I 55 15.91 -18.64 -11.95
CA LYS I 55 17.11 -19.07 -11.19
C LYS I 55 18.40 -18.51 -11.78
N GLY I 56 18.40 -17.19 -11.93
CA GLY I 56 19.49 -16.47 -12.59
C GLY I 56 19.03 -15.07 -12.96
N ILE I 57 19.89 -14.32 -13.67
CA ILE I 57 19.50 -13.01 -14.20
C ILE I 57 18.39 -13.18 -15.26
N PRO I 58 17.18 -12.66 -14.98
CA PRO I 58 16.04 -12.93 -15.85
C PRO I 58 16.01 -12.03 -17.09
N THR I 59 15.32 -12.48 -18.13
CA THR I 59 15.13 -11.68 -19.34
C THR I 59 14.08 -10.61 -19.11
N CYS I 60 14.08 -9.59 -19.99
CA CYS I 60 13.16 -8.45 -19.86
C CYS I 60 11.69 -8.85 -20.06
N ASP I 61 11.45 -9.90 -20.84
CA ASP I 61 10.11 -10.44 -21.05
C ASP I 61 9.59 -11.18 -19.80
N GLN I 62 10.47 -11.94 -19.14
CA GLN I 62 10.14 -12.62 -17.88
C GLN I 62 9.78 -11.66 -16.75
N VAL I 63 10.39 -10.48 -16.75
CA VAL I 63 10.11 -9.45 -15.75
C VAL I 63 8.72 -8.84 -15.97
N PHE I 64 8.35 -8.54 -17.21
CA PHE I 64 7.02 -7.99 -17.52
C PHE I 64 5.90 -9.03 -17.49
N ALA I 65 6.23 -10.31 -17.37
CA ALA I 65 5.23 -11.35 -17.15
C ALA I 65 4.52 -11.22 -15.81
N ASN I 66 5.21 -10.69 -14.80
CA ASN I 66 4.70 -10.64 -13.43
C ASN I 66 3.71 -9.49 -13.12
N PRO I 67 4.00 -8.24 -13.58
CA PRO I 67 3.05 -7.13 -13.33
C PRO I 67 1.72 -7.29 -14.04
N GLU I 68 0.67 -6.77 -13.40
CA GLU I 68 -0.68 -6.81 -13.96
C GLU I 68 -1.31 -5.43 -13.89
N GLY I 69 -2.42 -5.27 -14.60
CA GLY I 69 -3.09 -3.99 -14.75
C GLY I 69 -2.49 -3.20 -15.89
N GLY I 70 -2.27 -3.88 -17.02
CA GLY I 70 -1.65 -3.28 -18.20
C GLY I 70 -0.98 -4.30 -19.09
N SER I 71 -0.92 -4.01 -20.39
CA SER I 71 -0.45 -4.94 -21.41
C SER I 71 1.01 -4.71 -21.78
N THR I 72 1.59 -5.71 -22.43
CA THR I 72 2.96 -5.64 -22.94
C THR I 72 2.98 -5.62 -24.47
N SER I 73 4.12 -5.23 -25.03
CA SER I 73 4.35 -5.28 -26.47
C SER I 73 5.85 -5.20 -26.75
N GLY I 74 6.43 -6.34 -27.16
CA GLY I 74 7.85 -6.41 -27.46
C GLY I 74 8.70 -6.37 -26.21
N SER I 75 8.96 -5.16 -25.72
CA SER I 75 9.76 -4.96 -24.51
C SER I 75 9.37 -3.69 -23.75
N THR I 76 8.08 -3.37 -23.73
CA THR I 76 7.56 -2.18 -23.06
C THR I 76 6.17 -2.47 -22.49
N TRP I 77 6.12 -2.73 -21.19
CA TRP I 77 4.85 -2.86 -20.47
C TRP I 77 4.25 -1.47 -20.30
N THR I 78 3.05 -1.26 -20.85
CA THR I 78 2.27 -0.05 -20.62
C THR I 78 1.07 -0.39 -19.75
N SER I 79 0.55 0.59 -19.02
CA SER I 79 -0.63 0.37 -18.17
C SER I 79 -1.89 0.14 -19.01
N SER I 80 -2.98 -0.24 -18.35
CA SER I 80 -4.28 -0.45 -19.01
C SER I 80 -4.64 0.75 -19.89
N ASP I 81 -4.66 1.93 -19.27
CA ASP I 81 -4.72 3.20 -20.01
C ASP I 81 -3.32 3.52 -20.52
N ASN I 82 -3.25 4.21 -21.66
CA ASN I 82 -1.97 4.43 -22.34
C ASN I 82 -1.08 5.44 -21.61
N SER I 83 -0.38 4.94 -20.60
CA SER I 83 0.62 5.70 -19.85
C SER I 83 1.59 4.74 -19.14
N THR I 84 2.58 5.29 -18.44
CA THR I 84 3.48 4.51 -17.57
C THR I 84 4.27 3.44 -18.33
N THR I 85 4.93 3.84 -19.41
CA THR I 85 5.73 2.92 -20.21
C THR I 85 7.02 2.58 -19.46
N VAL I 86 7.01 1.46 -18.73
CA VAL I 86 8.25 0.90 -18.17
C VAL I 86 9.02 0.17 -19.28
N SER I 87 9.89 0.93 -19.95
CA SER I 87 10.70 0.43 -21.04
C SER I 87 12.08 0.08 -20.53
N CYS I 88 12.54 -1.14 -20.84
CA CYS I 88 13.89 -1.56 -20.52
C CYS I 88 14.73 -1.62 -21.79
N ASN I 89 16.02 -1.87 -21.60
CA ASN I 89 16.94 -2.21 -22.68
C ASN I 89 18.01 -3.14 -22.12
N ALA I 90 17.83 -4.44 -22.37
CA ALA I 90 18.68 -5.49 -21.81
C ALA I 90 20.18 -5.27 -22.03
N SER I 91 20.55 -4.66 -23.15
CA SER I 91 21.93 -4.27 -23.42
C SER I 91 22.46 -3.23 -22.43
N ALA I 92 21.62 -2.25 -22.08
CA ALA I 92 21.99 -1.19 -21.13
C ALA I 92 21.85 -1.56 -19.65
N ASP I 93 21.07 -2.61 -19.37
CA ASP I 93 20.84 -3.13 -18.00
C ASP I 93 20.15 -2.08 -17.13
N THR I 94 18.98 -1.61 -17.57
CA THR I 94 18.19 -0.63 -16.82
C THR I 94 16.76 -0.48 -17.33
N PHE I 95 15.81 -0.48 -16.39
CA PHE I 95 14.41 -0.15 -16.68
C PHE I 95 14.23 1.36 -16.49
N THR I 96 13.23 1.91 -17.17
CA THR I 96 12.87 3.32 -17.00
C THR I 96 11.36 3.49 -17.08
N ILE I 97 10.76 3.85 -15.95
CA ILE I 97 9.31 4.08 -15.84
C ILE I 97 9.05 5.56 -16.03
N SER I 98 8.01 5.89 -16.81
CA SER I 98 7.67 7.27 -17.13
C SER I 98 6.16 7.43 -17.34
N ARG I 99 5.50 8.06 -16.36
CA ARG I 99 4.05 8.27 -16.42
C ARG I 99 3.69 9.32 -17.46
N GLY I 100 4.17 10.54 -17.26
CA GLY I 100 3.85 11.66 -18.15
C GLY I 100 4.76 12.85 -17.93
N GLY I 101 6.05 12.63 -18.11
CA GLY I 101 7.09 13.62 -17.84
C GLY I 101 7.89 13.23 -16.62
N LYS I 102 7.18 12.95 -15.53
CA LYS I 102 7.82 12.52 -14.28
C LYS I 102 8.26 11.07 -14.47
N THR I 103 9.56 10.82 -14.30
CA THR I 103 10.18 9.53 -14.63
C THR I 103 11.08 9.00 -13.51
N ARG I 104 11.46 7.74 -13.63
CA ARG I 104 12.23 7.05 -12.59
C ARG I 104 13.00 5.85 -13.17
N THR I 105 14.29 6.06 -13.43
CA THR I 105 15.17 5.05 -14.04
C THR I 105 15.81 4.19 -12.95
N LEU I 106 15.72 2.87 -13.11
CA LEU I 106 16.32 1.92 -12.16
C LEU I 106 17.14 0.87 -12.92
N ASN I 107 18.29 0.51 -12.34
CA ASN I 107 19.31 -0.30 -13.04
C ASN I 107 19.48 -1.68 -12.38
N LEU I 108 19.00 -2.71 -13.07
CA LEU I 108 19.10 -4.10 -12.63
C LEU I 108 19.70 -4.94 -13.75
N THR I 109 20.37 -6.03 -13.38
CA THR I 109 21.06 -6.89 -14.34
C THR I 109 20.06 -7.71 -15.17
N VAL I 110 19.84 -7.29 -16.41
CA VAL I 110 18.94 -7.98 -17.35
C VAL I 110 19.75 -8.40 -18.58
N ASN I 111 19.37 -9.52 -19.17
CA ASN I 111 20.08 -10.11 -20.31
C ASN I 111 19.12 -10.40 -21.47
N PHE J 1 -51.57 48.57 -2.91
CA PHE J 1 -50.64 48.56 -4.08
C PHE J 1 -50.98 49.71 -5.04
N THR J 2 -50.04 50.64 -5.19
CA THR J 2 -50.19 51.75 -6.14
C THR J 2 -49.76 51.30 -7.55
N LEU J 3 -50.10 52.11 -8.54
CA LEU J 3 -49.74 51.84 -9.94
C LEU J 3 -48.23 51.91 -10.16
N ILE J 4 -47.59 52.88 -9.52
CA ILE J 4 -46.15 53.11 -9.68
C ILE J 4 -45.30 51.97 -9.09
N GLU J 5 -45.83 51.33 -8.04
CA GLU J 5 -45.14 50.24 -7.36
C GLU J 5 -45.04 49.00 -8.26
N LEU J 6 -46.14 48.68 -8.93
CA LEU J 6 -46.19 47.54 -9.86
C LEU J 6 -45.31 47.80 -11.08
N ALA J 7 -45.33 49.04 -11.58
CA ALA J 7 -44.46 49.46 -12.69
C ALA J 7 -42.98 49.23 -12.39
N ILE J 8 -42.59 49.51 -11.15
CA ILE J 8 -41.21 49.28 -10.69
C ILE J 8 -40.93 47.79 -10.53
N VAL J 9 -41.93 47.01 -10.10
CA VAL J 9 -41.79 45.54 -10.02
C VAL J 9 -41.65 44.93 -11.42
N ILE J 10 -42.35 45.48 -12.41
CA ILE J 10 -42.22 45.03 -13.80
C ILE J 10 -40.81 45.26 -14.34
N VAL J 11 -40.18 46.38 -13.94
CA VAL J 11 -38.80 46.68 -14.31
C VAL J 11 -37.83 45.69 -13.68
N ILE J 12 -37.99 45.46 -12.36
CA ILE J 12 -37.06 44.63 -11.61
C ILE J 12 -37.15 43.15 -12.03
N ILE J 13 -38.37 42.63 -12.20
CA ILE J 13 -38.57 41.23 -12.63
C ILE J 13 -37.90 40.97 -13.98
N GLY J 14 -37.95 41.93 -14.89
CA GLY J 14 -37.25 41.83 -16.17
C GLY J 14 -35.74 41.62 -16.03
N ILE J 15 -35.14 42.30 -15.06
CA ILE J 15 -33.70 42.20 -14.81
C ILE J 15 -33.38 40.91 -14.06
N LEU J 16 -34.08 40.67 -12.94
CA LEU J 16 -33.78 39.53 -12.06
C LEU J 16 -34.16 38.16 -12.63
N VAL J 17 -34.97 38.13 -13.70
CA VAL J 17 -35.20 36.90 -14.48
C VAL J 17 -34.53 37.07 -15.85
N ALA J 18 -33.24 37.39 -15.80
CA ALA J 18 -32.42 37.55 -16.99
C ALA J 18 -30.97 37.33 -16.57
N ILE J 19 -30.72 36.10 -16.12
CA ILE J 19 -29.43 35.71 -15.55
C ILE J 19 -29.03 34.34 -16.06
N ALA J 20 -27.72 34.07 -16.02
CA ALA J 20 -27.23 32.72 -16.26
C ALA J 20 -27.62 31.88 -15.06
N VAL J 21 -28.10 30.67 -15.32
CA VAL J 21 -28.46 29.72 -14.28
C VAL J 21 -28.05 28.34 -14.78
N PRO J 22 -27.19 27.62 -14.03
CA PRO J 22 -26.64 26.41 -14.59
C PRO J 22 -27.64 25.26 -14.52
N ARG J 23 -27.47 24.27 -15.39
CA ARG J 23 -28.38 23.13 -15.43
C ARG J 23 -27.73 21.87 -14.90
N PHE J 24 -28.58 20.90 -14.58
CA PHE J 24 -28.14 19.62 -14.06
C PHE J 24 -27.53 18.80 -15.20
N VAL J 25 -26.21 18.79 -15.28
CA VAL J 25 -25.48 17.89 -16.16
C VAL J 25 -25.34 16.58 -15.39
N ASP J 26 -25.80 15.49 -15.99
CA ASP J 26 -25.72 14.18 -15.36
C ASP J 26 -24.28 13.66 -15.45
N LEU J 27 -23.60 13.62 -14.30
CA LEU J 27 -22.22 13.18 -14.22
C LEU J 27 -22.08 11.87 -13.43
N THR J 28 -23.06 10.98 -13.57
CA THR J 28 -23.01 9.68 -12.92
C THR J 28 -21.96 8.82 -13.60
N ASP J 29 -22.07 8.72 -14.93
CA ASP J 29 -21.08 8.04 -15.78
C ASP J 29 -19.62 8.43 -15.52
N GLN J 30 -19.40 9.69 -15.14
CA GLN J 30 -18.07 10.16 -14.75
C GLN J 30 -17.66 9.56 -13.41
N ALA J 31 -18.57 9.60 -12.44
CA ALA J 31 -18.34 9.05 -11.09
C ALA J 31 -18.32 7.52 -11.08
N ASN J 32 -19.02 6.88 -12.01
CA ASN J 32 -19.03 5.43 -12.10
C ASN J 32 -17.66 4.86 -12.45
N GLN J 33 -16.95 5.52 -13.37
CA GLN J 33 -15.59 5.12 -13.72
C GLN J 33 -14.60 5.44 -12.59
N ALA J 34 -14.87 6.50 -11.83
CA ALA J 34 -14.10 6.82 -10.62
C ALA J 34 -14.34 5.78 -9.53
N ASN J 35 -15.60 5.40 -9.36
CA ASN J 35 -16.00 4.37 -8.40
C ASN J 35 -15.35 3.04 -8.75
N VAL J 36 -15.49 2.61 -10.00
CA VAL J 36 -14.98 1.31 -10.45
C VAL J 36 -13.44 1.23 -10.39
N ASP J 37 -12.77 2.38 -10.46
CA ASP J 37 -11.32 2.46 -10.19
C ASP J 37 -11.02 2.28 -8.71
N ALA J 38 -11.70 3.06 -7.87
CA ALA J 38 -11.52 3.00 -6.42
C ALA J 38 -11.83 1.62 -5.84
N THR J 39 -12.86 0.97 -6.36
CA THR J 39 -13.18 -0.40 -6.00
C THR J 39 -12.08 -1.35 -6.48
N ALA J 40 -11.64 -1.19 -7.72
CA ALA J 40 -10.55 -2.00 -8.28
C ALA J 40 -9.22 -1.83 -7.52
N ALA J 41 -8.98 -0.64 -6.96
CA ALA J 41 -7.81 -0.40 -6.12
C ALA J 41 -7.87 -1.25 -4.85
N ALA J 42 -9.06 -1.34 -4.26
CA ALA J 42 -9.27 -2.15 -3.05
C ALA J 42 -9.20 -3.65 -3.33
N VAL J 43 -9.69 -4.07 -4.49
CA VAL J 43 -9.66 -5.48 -4.89
C VAL J 43 -8.22 -5.97 -5.03
N ARG J 44 -7.32 -5.12 -5.53
CA ARG J 44 -5.89 -5.42 -5.55
C ARG J 44 -5.32 -5.58 -4.15
N SER J 45 -5.62 -4.62 -3.29
CA SER J 45 -5.14 -4.63 -1.91
C SER J 45 -5.68 -5.84 -1.13
N ALA J 46 -6.97 -6.09 -1.26
CA ALA J 46 -7.62 -7.24 -0.63
C ALA J 46 -7.00 -8.58 -1.07
N TYR J 47 -6.67 -8.69 -2.35
CA TYR J 47 -5.98 -9.86 -2.87
C TYR J 47 -4.59 -10.02 -2.26
N ALA J 48 -3.87 -8.91 -2.13
CA ALA J 48 -2.54 -8.92 -1.52
C ALA J 48 -2.57 -9.28 -0.04
N ILE J 49 -3.66 -8.94 0.65
CA ILE J 49 -3.85 -9.34 2.05
C ILE J 49 -4.23 -10.82 2.13
N ALA J 50 -5.06 -11.27 1.19
CA ALA J 50 -5.44 -12.69 1.12
C ALA J 50 -4.23 -13.61 0.93
N THR J 51 -3.24 -13.15 0.16
CA THR J 51 -2.02 -13.92 -0.09
C THR J 51 -1.14 -14.11 1.14
N VAL J 52 -1.17 -13.15 2.06
CA VAL J 52 -0.43 -13.26 3.33
C VAL J 52 -1.18 -14.19 4.28
N GLN J 53 -2.51 -14.09 4.30
CA GLN J 53 -3.35 -14.98 5.10
C GLN J 53 -3.26 -16.43 4.62
N ALA J 54 -3.49 -16.62 3.33
CA ALA J 54 -3.48 -17.96 2.73
C ALA J 54 -2.08 -18.55 2.52
N LYS J 55 -1.03 -17.74 2.63
CA LYS J 55 0.36 -18.13 2.30
C LYS J 55 0.45 -18.93 0.99
N GLY J 56 -0.14 -18.33 -0.05
CA GLY J 56 -0.27 -18.98 -1.36
C GLY J 56 -1.29 -18.23 -2.20
N ILE J 57 -1.61 -18.78 -3.37
CA ILE J 57 -2.68 -18.21 -4.21
C ILE J 57 -4.04 -18.39 -3.49
N PRO J 58 -4.68 -17.28 -3.12
CA PRO J 58 -5.88 -17.35 -2.30
C PRO J 58 -7.14 -17.68 -3.10
N THR J 59 -8.16 -18.21 -2.43
CA THR J 59 -9.46 -18.48 -3.06
C THR J 59 -10.24 -17.19 -3.22
N CYS J 60 -11.25 -17.22 -4.09
CA CYS J 60 -12.06 -16.04 -4.39
C CYS J 60 -12.91 -15.58 -3.19
N ASP J 61 -13.26 -16.51 -2.31
CA ASP J 61 -13.98 -16.18 -1.08
C ASP J 61 -13.08 -15.48 -0.05
N GLN J 62 -11.83 -15.93 0.06
CA GLN J 62 -10.82 -15.28 0.93
C GLN J 62 -10.51 -13.86 0.53
N VAL J 63 -10.58 -13.57 -0.78
CA VAL J 63 -10.35 -12.21 -1.30
C VAL J 63 -11.49 -11.28 -0.93
N PHE J 64 -12.75 -11.73 -1.06
CA PHE J 64 -13.91 -10.91 -0.68
C PHE J 64 -14.16 -10.83 0.81
N ALA J 65 -13.43 -11.60 1.61
CA ALA J 65 -13.46 -11.45 3.07
C ALA J 65 -12.89 -10.11 3.54
N ASN J 66 -11.93 -9.57 2.80
CA ASN J 66 -11.22 -8.36 3.23
C ASN J 66 -11.94 -7.01 2.98
N PRO J 67 -12.55 -6.81 1.78
CA PRO J 67 -13.28 -5.56 1.54
C PRO J 67 -14.51 -5.38 2.42
N GLU J 68 -14.80 -4.11 2.73
CA GLU J 68 -15.95 -3.76 3.53
C GLU J 68 -16.73 -2.63 2.87
N GLY J 69 -17.95 -2.41 3.36
CA GLY J 69 -18.89 -1.47 2.77
C GLY J 69 -19.69 -2.13 1.66
N GLY J 70 -20.17 -3.34 1.94
CA GLY J 70 -20.92 -4.13 0.96
C GLY J 70 -20.85 -5.62 1.25
N SER J 71 -21.90 -6.33 0.84
CA SER J 71 -22.07 -7.74 1.18
C SER J 71 -21.62 -8.67 0.06
N THR J 72 -21.43 -9.94 0.40
CA THR J 72 -21.07 -10.99 -0.56
C THR J 72 -22.21 -11.98 -0.74
N SER J 73 -22.15 -12.76 -1.81
CA SER J 73 -23.09 -13.86 -2.06
C SER J 73 -22.49 -14.83 -3.08
N GLY J 74 -22.05 -15.99 -2.60
CA GLY J 74 -21.47 -17.01 -3.46
C GLY J 74 -20.06 -16.64 -3.89
N SER J 75 -19.97 -15.82 -4.94
CA SER J 75 -18.68 -15.38 -5.47
C SER J 75 -18.77 -14.00 -6.14
N THR J 76 -19.60 -13.12 -5.58
CA THR J 76 -19.80 -11.77 -6.10
C THR J 76 -20.04 -10.78 -4.97
N TRP J 77 -19.00 -10.04 -4.60
CA TRP J 77 -19.13 -8.96 -3.63
C TRP J 77 -19.82 -7.77 -4.32
N THR J 78 -20.98 -7.38 -3.80
CA THR J 78 -21.67 -6.16 -4.23
C THR J 78 -21.57 -5.12 -3.13
N SER J 79 -21.65 -3.83 -3.49
CA SER J 79 -21.60 -2.75 -2.49
C SER J 79 -22.85 -2.74 -1.62
N SER J 80 -22.84 -1.90 -0.58
CA SER J 80 -23.98 -1.74 0.31
C SER J 80 -25.26 -1.47 -0.48
N ASP J 81 -25.22 -0.43 -1.31
CA ASP J 81 -26.25 -0.22 -2.34
C ASP J 81 -25.96 -1.16 -3.52
N ASN J 82 -27.02 -1.58 -4.22
CA ASN J 82 -26.89 -2.61 -5.24
C ASN J 82 -26.20 -2.09 -6.50
N SER J 83 -24.87 -2.08 -6.45
CA SER J 83 -24.02 -1.73 -7.59
C SER J 83 -22.61 -2.31 -7.37
N THR J 84 -21.73 -2.11 -8.34
CA THR J 84 -20.29 -2.45 -8.21
C THR J 84 -20.04 -3.93 -7.94
N THR J 85 -20.62 -4.79 -8.78
CA THR J 85 -20.45 -6.23 -8.64
C THR J 85 -19.05 -6.64 -9.10
N VAL J 86 -18.12 -6.74 -8.15
CA VAL J 86 -16.81 -7.34 -8.43
C VAL J 86 -16.96 -8.87 -8.45
N SER J 87 -17.24 -9.38 -9.65
CA SER J 87 -17.43 -10.81 -9.88
C SER J 87 -16.15 -11.40 -10.41
N CYS J 88 -15.71 -12.49 -9.79
CA CYS J 88 -14.56 -13.26 -10.27
C CYS J 88 -15.02 -14.58 -10.88
N ASN J 89 -14.07 -15.28 -11.46
CA ASN J 89 -14.25 -16.68 -11.88
C ASN J 89 -12.90 -17.39 -11.76
N ALA J 90 -12.74 -18.13 -10.68
CA ALA J 90 -11.47 -18.78 -10.33
C ALA J 90 -10.87 -19.63 -11.45
N SER J 91 -11.72 -20.23 -12.27
CA SER J 91 -11.29 -20.97 -13.45
C SER J 91 -10.62 -20.07 -14.49
N ALA J 92 -11.16 -18.87 -14.69
CA ALA J 92 -10.61 -17.90 -15.66
C ALA J 92 -9.45 -17.05 -15.12
N ASP J 93 -9.30 -17.00 -13.80
CA ASP J 93 -8.23 -16.24 -13.12
C ASP J 93 -8.32 -14.74 -13.41
N THR J 94 -9.48 -14.15 -13.08
CA THR J 94 -9.70 -12.71 -13.28
C THR J 94 -10.93 -12.17 -12.56
N PHE J 95 -10.76 -11.05 -11.87
CA PHE J 95 -11.87 -10.29 -11.30
C PHE J 95 -12.36 -9.28 -12.32
N THR J 96 -13.62 -8.88 -12.21
CA THR J 96 -14.18 -7.83 -13.07
C THR J 96 -15.15 -6.97 -12.26
N ILE J 97 -14.77 -5.71 -12.05
CA ILE J 97 -15.58 -4.74 -11.32
C ILE J 97 -16.38 -3.94 -12.33
N SER J 98 -17.66 -3.70 -12.02
CA SER J 98 -18.57 -3.00 -12.91
C SER J 98 -19.63 -2.22 -12.12
N ARG J 99 -19.49 -0.90 -12.09
CA ARG J 99 -20.41 -0.03 -11.36
C ARG J 99 -21.76 0.04 -12.05
N GLY J 100 -21.76 0.55 -13.29
CA GLY J 100 -23.00 0.73 -14.05
C GLY J 100 -22.75 1.00 -15.51
N GLY J 101 -22.08 0.05 -16.16
CA GLY J 101 -21.66 0.19 -17.56
C GLY J 101 -20.15 0.34 -17.62
N LYS J 102 -19.62 1.29 -16.85
CA LYS J 102 -18.18 1.52 -16.78
C LYS J 102 -17.56 0.40 -15.95
N THR J 103 -16.62 -0.33 -16.55
CA THR J 103 -16.07 -1.57 -15.96
C THR J 103 -14.55 -1.59 -16.00
N ARG J 104 -13.97 -2.56 -15.27
CA ARG J 104 -12.52 -2.67 -15.11
C ARG J 104 -12.11 -4.09 -14.71
N THR J 105 -11.67 -4.86 -15.71
CA THR J 105 -11.28 -6.26 -15.52
C THR J 105 -9.80 -6.35 -15.15
N LEU J 106 -9.51 -7.11 -14.08
CA LEU J 106 -8.13 -7.32 -13.61
C LEU J 106 -7.87 -8.81 -13.39
N ASN J 107 -6.67 -9.25 -13.78
CA ASN J 107 -6.33 -10.68 -13.84
C ASN J 107 -5.27 -11.07 -12.82
N LEU J 108 -5.70 -11.81 -11.79
CA LEU J 108 -4.83 -12.30 -10.73
C LEU J 108 -5.03 -13.81 -10.56
N THR J 109 -4.01 -14.50 -10.08
CA THR J 109 -4.05 -15.95 -9.94
C THR J 109 -4.93 -16.37 -8.78
N VAL J 110 -6.14 -16.84 -9.09
CA VAL J 110 -7.10 -17.33 -8.10
C VAL J 110 -7.44 -18.79 -8.41
N ASN J 111 -7.70 -19.56 -7.35
CA ASN J 111 -7.97 -21.00 -7.46
C ASN J 111 -9.27 -21.37 -6.74
N PHE K 1 -55.42 60.40 -6.66
CA PHE K 1 -55.78 59.14 -7.35
C PHE K 1 -57.09 59.29 -8.13
N THR K 2 -57.00 59.17 -9.46
CA THR K 2 -58.18 59.21 -10.32
C THR K 2 -58.85 57.83 -10.39
N LEU K 3 -60.07 57.79 -10.90
CA LEU K 3 -60.82 56.54 -11.07
C LEU K 3 -60.16 55.62 -12.07
N ILE K 4 -59.67 56.19 -13.17
CA ILE K 4 -59.06 55.42 -14.26
C ILE K 4 -57.74 54.75 -13.83
N GLU K 5 -57.01 55.38 -12.90
CA GLU K 5 -55.75 54.86 -12.40
C GLU K 5 -55.94 53.58 -11.61
N LEU K 6 -56.94 53.58 -10.74
CA LEU K 6 -57.26 52.40 -9.93
C LEU K 6 -57.78 51.26 -10.80
N ALA K 7 -58.60 51.60 -11.80
CA ALA K 7 -59.10 50.62 -12.78
C ALA K 7 -57.97 49.88 -13.49
N ILE K 8 -56.92 50.62 -13.83
CA ILE K 8 -55.72 50.05 -14.46
C ILE K 8 -54.92 49.22 -13.45
N VAL K 9 -54.89 49.63 -12.18
CA VAL K 9 -54.24 48.84 -11.13
C VAL K 9 -54.99 47.52 -10.89
N ILE K 10 -56.32 47.55 -10.97
CA ILE K 10 -57.15 46.33 -10.84
C ILE K 10 -56.84 45.33 -11.97
N VAL K 11 -56.57 45.84 -13.18
CA VAL K 11 -56.18 45.00 -14.31
C VAL K 11 -54.81 44.37 -14.08
N ILE K 12 -53.84 45.19 -13.67
CA ILE K 12 -52.46 44.73 -13.52
C ILE K 12 -52.32 43.73 -12.37
N ILE K 13 -52.94 44.02 -11.22
CA ILE K 13 -52.88 43.11 -10.06
C ILE K 13 -53.44 41.71 -10.41
N GLY K 14 -54.49 41.66 -11.21
CA GLY K 14 -55.02 40.40 -11.71
C GLY K 14 -54.00 39.55 -12.45
N ILE K 15 -53.17 40.21 -13.26
CA ILE K 15 -52.14 39.53 -14.06
C ILE K 15 -50.94 39.17 -13.18
N LEU K 16 -50.42 40.15 -12.44
CA LEU K 16 -49.19 39.96 -11.65
C LEU K 16 -49.34 39.08 -10.41
N VAL K 17 -50.59 38.81 -10.00
CA VAL K 17 -50.88 37.78 -8.97
C VAL K 17 -51.60 36.61 -9.66
N ALA K 18 -50.95 36.10 -10.72
CA ALA K 18 -51.44 34.96 -11.47
C ALA K 18 -50.23 34.33 -12.16
N ILE K 19 -49.33 33.84 -11.32
CA ILE K 19 -48.04 33.30 -11.76
C ILE K 19 -47.73 32.03 -11.00
N ALA K 20 -46.87 31.19 -11.59
CA ALA K 20 -46.31 30.06 -10.87
C ALA K 20 -45.34 30.62 -9.85
N VAL K 21 -45.38 30.07 -8.64
CA VAL K 21 -44.47 30.45 -7.58
C VAL K 21 -44.13 29.17 -6.81
N PRO K 22 -42.83 28.82 -6.71
CA PRO K 22 -42.51 27.51 -6.16
C PRO K 22 -42.63 27.50 -4.65
N ARG K 23 -42.83 26.32 -4.07
CA ARG K 23 -42.98 26.19 -2.64
C ARG K 23 -41.78 25.51 -1.99
N PHE K 24 -41.67 25.68 -0.69
CA PHE K 24 -40.60 25.11 0.09
C PHE K 24 -40.82 23.60 0.24
N VAL K 25 -40.13 22.82 -0.59
CA VAL K 25 -40.09 21.37 -0.43
C VAL K 25 -38.98 21.11 0.57
N ASP K 26 -39.31 20.40 1.65
CA ASP K 26 -38.32 20.08 2.68
C ASP K 26 -37.41 18.97 2.18
N LEU K 27 -36.15 19.31 1.91
CA LEU K 27 -35.16 18.38 1.39
C LEU K 27 -34.04 18.14 2.40
N THR K 28 -34.38 18.10 3.69
CA THR K 28 -33.41 17.81 4.73
C THR K 28 -33.03 16.34 4.68
N ASP K 29 -34.06 15.49 4.69
CA ASP K 29 -33.91 14.03 4.52
C ASP K 29 -33.03 13.62 3.34
N GLN K 30 -33.06 14.40 2.25
CA GLN K 30 -32.18 14.17 1.10
C GLN K 30 -30.73 14.51 1.45
N ALA K 31 -30.54 15.67 2.08
CA ALA K 31 -29.20 16.12 2.51
C ALA K 31 -28.64 15.32 3.68
N ASN K 32 -29.51 14.76 4.51
CA ASN K 32 -29.07 13.94 5.64
C ASN K 32 -28.38 12.66 5.20
N GLN K 33 -28.90 12.02 4.15
CA GLN K 33 -28.26 10.84 3.58
C GLN K 33 -26.97 11.20 2.84
N ALA K 34 -26.91 12.40 2.26
CA ALA K 34 -25.69 12.92 1.66
C ALA K 34 -24.64 13.23 2.72
N ASN K 35 -25.09 13.83 3.83
CA ASN K 35 -24.23 14.13 4.97
C ASN K 35 -23.67 12.85 5.56
N VAL K 36 -24.54 11.89 5.85
CA VAL K 36 -24.14 10.64 6.50
C VAL K 36 -23.21 9.80 5.60
N ASP K 37 -23.28 9.98 4.28
CA ASP K 37 -22.30 9.40 3.35
C ASP K 37 -20.95 10.11 3.47
N ALA K 38 -20.97 11.44 3.37
CA ALA K 38 -19.76 12.26 3.45
C ALA K 38 -19.01 12.08 4.77
N THR K 39 -19.76 11.95 5.86
CA THR K 39 -19.19 11.64 7.17
C THR K 39 -18.59 10.23 7.17
N ALA K 40 -19.34 9.27 6.63
CA ALA K 40 -18.86 7.88 6.53
C ALA K 40 -17.63 7.73 5.66
N ALA K 41 -17.48 8.60 4.65
CA ALA K 41 -16.27 8.63 3.82
C ALA K 41 -15.05 9.04 4.64
N ALA K 42 -15.24 10.03 5.51
CA ALA K 42 -14.18 10.51 6.40
C ALA K 42 -13.83 9.50 7.49
N VAL K 43 -14.83 8.79 7.99
CA VAL K 43 -14.61 7.77 9.03
C VAL K 43 -13.74 6.63 8.51
N ARG K 44 -13.91 6.27 7.23
CA ARG K 44 -13.03 5.31 6.57
C ARG K 44 -11.59 5.83 6.48
N SER K 45 -11.45 7.05 6.02
CA SER K 45 -10.14 7.68 5.87
C SER K 45 -9.44 7.86 7.22
N ALA K 46 -10.17 8.35 8.21
CA ALA K 46 -9.66 8.50 9.58
C ALA K 46 -9.17 7.19 10.18
N TYR K 47 -9.92 6.11 9.92
CA TYR K 47 -9.52 4.76 10.36
C TYR K 47 -8.23 4.32 9.68
N ALA K 48 -8.10 4.60 8.38
CA ALA K 48 -6.90 4.27 7.63
C ALA K 48 -5.67 5.05 8.07
N ILE K 49 -5.87 6.28 8.55
CA ILE K 49 -4.80 7.08 9.13
C ILE K 49 -4.44 6.57 10.53
N ALA K 50 -5.44 6.17 11.31
CA ALA K 50 -5.22 5.59 12.63
C ALA K 50 -4.37 4.31 12.56
N THR K 51 -4.55 3.53 11.51
CA THR K 51 -3.79 2.28 11.33
C THR K 51 -2.30 2.50 11.06
N VAL K 52 -1.97 3.63 10.42
CA VAL K 52 -0.56 3.98 10.18
C VAL K 52 0.06 4.53 11.47
N GLN K 53 -0.70 5.32 12.23
CA GLN K 53 -0.26 5.83 13.52
C GLN K 53 -0.07 4.71 14.54
N ALA K 54 -1.10 3.89 14.70
CA ALA K 54 -1.09 2.79 15.66
C ALA K 54 -0.25 1.57 15.25
N LYS K 55 0.14 1.50 13.97
CA LYS K 55 0.80 0.32 13.37
C LYS K 55 0.15 -0.99 13.80
N GLY K 56 -1.16 -1.05 13.59
CA GLY K 56 -2.00 -2.16 14.03
C GLY K 56 -3.46 -1.76 14.00
N ILE K 57 -4.34 -2.63 14.50
CA ILE K 57 -5.76 -2.29 14.65
C ILE K 57 -5.92 -1.18 15.69
N PRO K 58 -6.38 0.00 15.28
CA PRO K 58 -6.41 1.16 16.18
C PRO K 58 -7.61 1.15 17.12
N THR K 59 -7.49 1.86 18.24
CA THR K 59 -8.59 2.02 19.19
C THR K 59 -9.60 3.03 18.66
N CYS K 60 -10.81 3.00 19.22
CA CYS K 60 -11.91 3.87 18.78
C CYS K 60 -11.63 5.35 19.06
N ASP K 61 -10.84 5.63 20.10
CA ASP K 61 -10.43 7.00 20.42
C ASP K 61 -9.41 7.54 19.42
N GLN K 62 -8.47 6.69 19.00
CA GLN K 62 -7.48 7.05 17.97
C GLN K 62 -8.10 7.37 16.62
N VAL K 63 -9.22 6.70 16.31
CA VAL K 63 -9.95 6.95 15.06
C VAL K 63 -10.64 8.32 15.09
N PHE K 64 -11.28 8.68 16.19
CA PHE K 64 -11.94 9.98 16.33
C PHE K 64 -10.98 11.15 16.56
N ALA K 65 -9.70 10.86 16.80
CA ALA K 65 -8.68 11.90 16.86
C ALA K 65 -8.47 12.61 15.52
N ASN K 66 -8.68 11.88 14.41
CA ASN K 66 -8.37 12.40 13.07
C ASN K 66 -9.44 13.33 12.46
N PRO K 67 -10.75 13.00 12.55
CA PRO K 67 -11.78 13.90 12.02
C PRO K 67 -11.87 15.24 12.72
N GLU K 68 -12.23 16.27 11.95
CA GLU K 68 -12.41 17.61 12.47
C GLU K 68 -13.74 18.19 12.02
N GLY K 69 -14.12 19.30 12.66
CA GLY K 69 -15.42 19.92 12.45
C GLY K 69 -16.47 19.30 13.34
N GLY K 70 -16.11 19.10 14.62
CA GLY K 70 -16.99 18.46 15.59
C GLY K 70 -16.21 17.82 16.73
N SER K 71 -16.85 17.76 17.90
CA SER K 71 -16.21 17.33 19.14
C SER K 71 -16.48 15.87 19.46
N THR K 72 -15.67 15.32 20.36
CA THR K 72 -15.83 13.96 20.86
C THR K 72 -16.26 13.94 22.31
N SER K 73 -16.75 12.78 22.76
CA SER K 73 -17.09 12.57 24.17
C SER K 73 -17.18 11.06 24.45
N GLY K 74 -16.18 10.52 25.14
CA GLY K 74 -16.13 9.11 25.47
C GLY K 74 -15.80 8.25 24.27
N SER K 75 -16.82 7.95 23.47
CA SER K 75 -16.66 7.13 22.26
C SER K 75 -17.69 7.47 21.18
N THR K 76 -18.04 8.76 21.07
CA THR K 76 -19.01 9.23 20.09
C THR K 76 -18.64 10.62 19.60
N TRP K 77 -18.04 10.69 18.41
CA TRP K 77 -17.76 11.95 17.75
C TRP K 77 -19.07 12.50 17.19
N THR K 78 -19.47 13.69 17.66
CA THR K 78 -20.61 14.42 17.10
C THR K 78 -20.08 15.63 16.34
N SER K 79 -20.85 16.11 15.35
CA SER K 79 -20.45 17.30 14.59
C SER K 79 -20.50 18.56 15.45
N SER K 80 -20.00 19.68 14.89
CA SER K 80 -20.03 20.97 15.58
C SER K 80 -21.43 21.29 16.08
N ASP K 81 -22.40 21.27 15.16
CA ASP K 81 -23.82 21.28 15.54
C ASP K 81 -24.22 19.87 15.97
N ASN K 82 -25.19 19.77 16.87
CA ASN K 82 -25.53 18.49 17.49
C ASN K 82 -26.27 17.56 16.52
N SER K 83 -25.49 16.87 15.69
CA SER K 83 -25.99 15.85 14.76
C SER K 83 -24.83 14.92 14.36
N THR K 84 -25.14 13.90 13.56
CA THR K 84 -24.12 13.03 12.94
C THR K 84 -23.26 12.28 13.97
N THR K 85 -23.91 11.60 14.91
CA THR K 85 -23.21 10.84 15.93
C THR K 85 -22.64 9.57 15.34
N VAL K 86 -21.36 9.62 14.93
CA VAL K 86 -20.63 8.40 14.56
C VAL K 86 -20.21 7.66 15.83
N SER K 87 -21.08 6.77 16.28
CA SER K 87 -20.86 5.97 17.48
C SER K 87 -20.33 4.62 17.09
N CYS K 88 -19.24 4.21 17.74
CA CYS K 88 -18.69 2.86 17.56
C CYS K 88 -18.94 2.03 18.81
N ASN K 89 -18.61 0.75 18.70
CA ASN K 89 -18.54 -0.14 19.85
C ASN K 89 -17.46 -1.19 19.58
N ALA K 90 -16.28 -0.95 20.16
CA ALA K 90 -15.08 -1.77 19.92
C ALA K 90 -15.29 -3.27 20.08
N SER K 91 -16.18 -3.65 21.01
CA SER K 91 -16.58 -5.05 21.18
C SER K 91 -17.29 -5.62 19.95
N ALA K 92 -18.17 -4.82 19.34
CA ALA K 92 -18.92 -5.24 18.15
C ALA K 92 -18.16 -5.09 16.82
N ASP K 93 -17.09 -4.27 16.82
CA ASP K 93 -16.25 -4.02 15.64
C ASP K 93 -17.04 -3.36 14.51
N THR K 94 -17.65 -2.22 14.79
CA THR K 94 -18.43 -1.48 13.80
C THR K 94 -18.76 -0.05 14.23
N PHE K 95 -18.54 0.90 13.32
CA PHE K 95 -18.99 2.29 13.48
C PHE K 95 -20.39 2.42 12.89
N THR K 96 -21.15 3.39 13.38
CA THR K 96 -22.47 3.69 12.83
C THR K 96 -22.72 5.19 12.84
N ILE K 97 -22.77 5.79 11.65
CA ILE K 97 -23.01 7.22 11.47
C ILE K 97 -24.51 7.42 11.24
N SER K 98 -25.07 8.44 11.89
CA SER K 98 -26.50 8.73 11.82
C SER K 98 -26.77 10.23 11.95
N ARG K 99 -27.13 10.87 10.84
CA ARG K 99 -27.39 12.31 10.82
C ARG K 99 -28.70 12.64 11.53
N GLY K 100 -29.80 12.10 11.01
CA GLY K 100 -31.13 12.37 11.57
C GLY K 100 -32.18 11.43 11.03
N GLY K 101 -31.98 10.14 11.30
CA GLY K 101 -32.82 9.07 10.78
C GLY K 101 -32.08 8.29 9.72
N LYS K 102 -31.55 8.99 8.73
CA LYS K 102 -30.76 8.37 7.66
C LYS K 102 -29.40 7.99 8.24
N THR K 103 -29.07 6.69 8.15
CA THR K 103 -27.90 6.13 8.84
C THR K 103 -27.05 5.26 7.90
N ARG K 104 -25.85 4.91 8.37
CA ARG K 104 -24.88 4.17 7.57
C ARG K 104 -23.86 3.45 8.46
N THR K 105 -24.09 2.15 8.68
CA THR K 105 -23.25 1.32 9.54
C THR K 105 -22.10 0.72 8.73
N LEU K 106 -20.88 0.85 9.25
CA LEU K 106 -19.68 0.29 8.61
C LEU K 106 -18.84 -0.49 9.62
N ASN K 107 -18.30 -1.63 9.18
CA ASN K 107 -17.67 -2.62 10.08
C ASN K 107 -16.16 -2.73 9.82
N LEU K 108 -15.38 -2.21 10.76
CA LEU K 108 -13.92 -2.26 10.72
C LEU K 108 -13.39 -2.83 12.04
N THR K 109 -12.22 -3.44 11.98
CA THR K 109 -11.63 -4.10 13.15
C THR K 109 -11.09 -3.07 14.14
N VAL K 110 -11.84 -2.86 15.23
CA VAL K 110 -11.47 -1.94 16.31
C VAL K 110 -11.37 -2.73 17.62
N ASN K 111 -10.46 -2.31 18.49
CA ASN K 111 -10.19 -2.98 19.76
C ASN K 111 -10.25 -2.01 20.94
N PHE L 1 -64.51 66.29 -13.85
CA PHE L 1 -64.80 65.36 -12.71
C PHE L 1 -66.17 65.65 -12.10
N THR L 2 -67.08 64.69 -12.20
CA THR L 2 -68.39 64.79 -11.57
C THR L 2 -68.33 64.38 -10.11
N LEU L 3 -69.40 64.69 -9.37
CA LEU L 3 -69.50 64.35 -7.95
C LEU L 3 -69.56 62.83 -7.74
N ILE L 4 -70.31 62.16 -8.61
CA ILE L 4 -70.52 60.71 -8.51
C ILE L 4 -69.24 59.91 -8.75
N GLU L 5 -68.35 60.45 -9.59
CA GLU L 5 -67.09 59.80 -9.93
C GLU L 5 -66.15 59.76 -8.74
N LEU L 6 -66.05 60.88 -8.02
CA LEU L 6 -65.22 60.96 -6.82
C LEU L 6 -65.77 60.07 -5.71
N ALA L 7 -67.09 60.05 -5.57
CA ALA L 7 -67.77 59.16 -4.60
C ALA L 7 -67.41 57.70 -4.80
N ILE L 8 -67.33 57.29 -6.07
CA ILE L 8 -66.94 55.93 -6.43
C ILE L 8 -65.44 55.71 -6.18
N VAL L 9 -64.62 56.73 -6.40
CA VAL L 9 -63.18 56.65 -6.07
C VAL L 9 -62.96 56.53 -4.56
N ILE L 10 -63.78 57.21 -3.76
CA ILE L 10 -63.73 57.10 -2.29
C ILE L 10 -64.05 55.68 -1.83
N VAL L 11 -64.99 55.01 -2.50
CA VAL L 11 -65.33 53.61 -2.21
C VAL L 11 -64.16 52.69 -2.55
N ILE L 12 -63.60 52.85 -3.74
CA ILE L 12 -62.55 51.96 -4.24
C ILE L 12 -61.26 52.10 -3.43
N ILE L 13 -60.85 53.34 -3.14
CA ILE L 13 -59.63 53.59 -2.34
C ILE L 13 -59.71 52.94 -0.96
N GLY L 14 -60.89 52.95 -0.36
CA GLY L 14 -61.13 52.26 0.92
C GLY L 14 -60.81 50.77 0.86
N ILE L 15 -61.18 50.13 -0.25
CA ILE L 15 -60.96 48.71 -0.45
C ILE L 15 -59.51 48.42 -0.83
N LEU L 16 -59.01 49.13 -1.84
CA LEU L 16 -57.65 48.88 -2.37
C LEU L 16 -56.51 49.31 -1.46
N VAL L 17 -56.80 50.12 -0.43
CA VAL L 17 -55.84 50.40 0.65
C VAL L 17 -56.34 49.72 1.93
N ALA L 18 -56.60 48.43 1.82
CA ALA L 18 -57.04 47.59 2.93
C ALA L 18 -56.66 46.16 2.60
N ILE L 19 -55.35 45.95 2.50
CA ILE L 19 -54.78 44.69 2.07
C ILE L 19 -53.58 44.33 2.95
N ALA L 20 -53.27 43.04 3.00
CA ALA L 20 -52.01 42.59 3.60
C ALA L 20 -50.89 43.02 2.67
N VAL L 21 -49.82 43.56 3.25
CA VAL L 21 -48.63 43.94 2.50
C VAL L 21 -47.43 43.59 3.36
N PRO L 22 -46.50 42.75 2.84
CA PRO L 22 -45.45 42.25 3.71
C PRO L 22 -44.38 43.30 3.95
N ARG L 23 -43.65 43.16 5.06
CA ARG L 23 -42.60 44.11 5.40
C ARG L 23 -41.22 43.51 5.24
N PHE L 24 -40.23 44.40 5.18
CA PHE L 24 -38.84 44.01 5.03
C PHE L 24 -38.35 43.44 6.36
N VAL L 25 -38.31 42.12 6.45
CA VAL L 25 -37.66 41.43 7.56
C VAL L 25 -36.19 41.34 7.18
N ASP L 26 -35.32 41.84 8.05
CA ASP L 26 -33.88 41.81 7.79
C ASP L 26 -33.36 40.39 8.04
N LEU L 27 -32.97 39.72 6.96
CA LEU L 27 -32.48 38.34 7.01
C LEU L 27 -31.01 38.26 6.60
N THR L 28 -30.22 39.28 6.99
CA THR L 28 -28.79 39.28 6.71
C THR L 28 -28.11 38.26 7.62
N ASP L 29 -28.38 38.37 8.91
CA ASP L 29 -27.92 37.42 9.93
C ASP L 29 -28.17 35.94 9.58
N GLN L 30 -29.28 35.67 8.89
CA GLN L 30 -29.57 34.32 8.39
C GLN L 30 -28.60 33.93 7.27
N ALA L 31 -28.43 34.85 6.31
CA ALA L 31 -27.52 34.64 5.18
C ALA L 31 -26.05 34.67 5.57
N ASN L 32 -25.70 35.39 6.64
CA ASN L 32 -24.33 35.46 7.12
C ASN L 32 -23.83 34.11 7.63
N GLN L 33 -24.69 33.39 8.35
CA GLN L 33 -24.35 32.03 8.80
C GLN L 33 -24.31 31.04 7.64
N ALA L 34 -25.14 31.26 6.61
CA ALA L 34 -25.08 30.48 5.38
C ALA L 34 -23.80 30.76 4.60
N ASN L 35 -23.43 32.04 4.52
CA ASN L 35 -22.20 32.48 3.89
C ASN L 35 -20.98 31.87 4.59
N VAL L 36 -20.92 32.03 5.90
CA VAL L 36 -19.77 31.57 6.70
C VAL L 36 -19.63 30.04 6.68
N ASP L 37 -20.73 29.31 6.44
CA ASP L 37 -20.67 27.87 6.19
C ASP L 37 -20.08 27.57 4.81
N ALA L 38 -20.63 28.22 3.78
CA ALA L 38 -20.18 28.04 2.40
C ALA L 38 -18.70 28.40 2.22
N THR L 39 -18.26 29.47 2.88
CA THR L 39 -16.85 29.83 2.92
C THR L 39 -16.02 28.76 3.63
N ALA L 40 -16.50 28.32 4.79
CA ALA L 40 -15.83 27.27 5.56
C ALA L 40 -15.75 25.93 4.81
N ALA L 41 -16.73 25.65 3.95
CA ALA L 41 -16.68 24.47 3.08
C ALA L 41 -15.52 24.56 2.10
N ALA L 42 -15.32 25.75 1.53
CA ALA L 42 -14.23 25.99 0.60
C ALA L 42 -12.86 25.97 1.27
N VAL L 43 -12.79 26.48 2.50
CA VAL L 43 -11.53 26.51 3.26
C VAL L 43 -11.04 25.09 3.56
N ARG L 44 -11.97 24.16 3.80
CA ARG L 44 -11.64 22.74 3.93
C ARG L 44 -11.08 22.18 2.63
N SER L 45 -11.77 22.45 1.54
CA SER L 45 -11.37 21.96 0.21
C SER L 45 -10.03 22.54 -0.21
N ALA L 46 -9.86 23.85 -0.02
CA ALA L 46 -8.61 24.54 -0.33
C ALA L 46 -7.42 23.97 0.45
N TYR L 47 -7.66 23.65 1.73
CA TYR L 47 -6.63 23.00 2.56
C TYR L 47 -6.27 21.62 2.03
N ALA L 48 -7.27 20.86 1.61
CA ALA L 48 -7.05 19.53 1.04
C ALA L 48 -6.30 19.57 -0.29
N ILE L 49 -6.49 20.64 -1.06
CA ILE L 49 -5.71 20.84 -2.29
C ILE L 49 -4.30 21.29 -1.97
N ALA L 50 -4.14 22.13 -0.96
CA ALA L 50 -2.81 22.56 -0.51
C ALA L 50 -1.93 21.39 -0.06
N THR L 51 -2.55 20.38 0.56
CA THR L 51 -1.83 19.20 1.03
C THR L 51 -1.28 18.33 -0.09
N VAL L 52 -1.96 18.32 -1.24
CA VAL L 52 -1.47 17.58 -2.42
C VAL L 52 -0.35 18.36 -3.08
N GLN L 53 -0.48 19.69 -3.15
CA GLN L 53 0.55 20.57 -3.69
C GLN L 53 1.82 20.53 -2.84
N ALA L 54 1.64 20.76 -1.54
CA ALA L 54 2.76 20.80 -0.60
C ALA L 54 3.33 19.44 -0.22
N LYS L 55 2.62 18.35 -0.53
CA LYS L 55 2.96 16.98 -0.10
C LYS L 55 3.37 16.92 1.39
N GLY L 56 2.49 17.48 2.22
CA GLY L 56 2.75 17.65 3.65
C GLY L 56 1.77 18.64 4.24
N ILE L 57 1.96 18.98 5.52
CA ILE L 57 1.15 20.03 6.15
C ILE L 57 1.46 21.39 5.50
N PRO L 58 0.47 21.99 4.82
CA PRO L 58 0.73 23.20 4.04
C PRO L 58 0.77 24.46 4.90
N THR L 59 1.43 25.50 4.38
CA THR L 59 1.47 26.81 5.04
C THR L 59 0.16 27.55 4.84
N CYS L 60 -0.09 28.56 5.67
CA CYS L 60 -1.34 29.32 5.63
C CYS L 60 -1.48 30.14 4.33
N ASP L 61 -0.36 30.53 3.74
CA ASP L 61 -0.36 31.24 2.45
C ASP L 61 -0.73 30.30 1.29
N GLN L 62 -0.23 29.07 1.32
CA GLN L 62 -0.56 28.04 0.33
C GLN L 62 -2.04 27.68 0.33
N VAL L 63 -2.68 27.74 1.50
CA VAL L 63 -4.11 27.45 1.63
C VAL L 63 -4.95 28.57 1.00
N PHE L 64 -4.60 29.83 1.25
CA PHE L 64 -5.33 30.96 0.65
C PHE L 64 -5.01 31.20 -0.82
N ALA L 65 -4.02 30.51 -1.38
CA ALA L 65 -3.77 30.54 -2.81
C ALA L 65 -4.90 29.91 -3.62
N ASN L 66 -5.59 28.93 -3.05
CA ASN L 66 -6.62 28.16 -3.79
C ASN L 66 -8.00 28.84 -3.92
N PRO L 67 -8.54 29.44 -2.83
CA PRO L 67 -9.84 30.12 -2.94
C PRO L 67 -9.83 31.33 -3.85
N GLU L 68 -10.96 31.58 -4.50
CA GLU L 68 -11.14 32.72 -5.39
C GLU L 68 -12.42 33.46 -5.06
N GLY L 69 -12.54 34.66 -5.62
CA GLY L 69 -13.65 35.57 -5.31
C GLY L 69 -13.34 36.39 -4.07
N GLY L 70 -12.12 36.92 -4.01
CA GLY L 70 -11.65 37.70 -2.87
C GLY L 70 -10.14 37.69 -2.75
N SER L 71 -9.60 38.77 -2.17
CA SER L 71 -8.15 38.99 -2.11
C SER L 71 -7.57 38.58 -0.77
N THR L 72 -6.24 38.43 -0.76
CA THR L 72 -5.48 38.12 0.46
C THR L 72 -4.63 39.31 0.88
N SER L 73 -4.16 39.26 2.13
CA SER L 73 -3.20 40.24 2.66
C SER L 73 -2.53 39.69 3.91
N GLY L 74 -1.27 39.30 3.77
CA GLY L 74 -0.50 38.75 4.88
C GLY L 74 -0.92 37.34 5.21
N SER L 75 -1.98 37.21 6.00
CA SER L 75 -2.51 35.91 6.41
C SER L 75 -4.02 35.94 6.68
N THR L 76 -4.75 36.74 5.88
CA THR L 76 -6.20 36.89 6.02
C THR L 76 -6.84 37.10 4.66
N TRP L 77 -7.42 36.03 4.12
CA TRP L 77 -8.20 36.12 2.89
C TRP L 77 -9.55 36.75 3.22
N THR L 78 -9.84 37.89 2.59
CA THR L 78 -11.15 38.54 2.67
C THR L 78 -11.85 38.39 1.33
N SER L 79 -13.18 38.43 1.33
CA SER L 79 -13.94 38.33 0.08
C SER L 79 -13.77 39.58 -0.79
N SER L 80 -14.29 39.53 -2.01
CA SER L 80 -14.25 40.67 -2.93
C SER L 80 -14.76 41.94 -2.26
N ASP L 81 -15.99 41.86 -1.73
CA ASP L 81 -16.50 42.88 -0.81
C ASP L 81 -15.92 42.63 0.58
N ASN L 82 -15.74 43.71 1.34
CA ASN L 82 -15.03 43.62 2.62
C ASN L 82 -15.84 42.91 3.70
N SER L 83 -15.80 41.58 3.66
CA SER L 83 -16.41 40.71 4.67
C SER L 83 -15.74 39.34 4.63
N THR L 84 -16.17 38.44 5.52
CA THR L 84 -15.75 37.03 5.51
C THR L 84 -14.24 36.82 5.66
N THR L 85 -13.67 37.45 6.68
CA THR L 85 -12.23 37.32 6.95
C THR L 85 -11.92 35.94 7.52
N VAL L 86 -11.53 35.02 6.64
CA VAL L 86 -10.97 33.73 7.10
C VAL L 86 -9.52 33.94 7.53
N SER L 87 -9.36 34.24 8.82
CA SER L 87 -8.06 34.49 9.43
C SER L 87 -7.59 33.23 10.10
N CYS L 88 -6.34 32.83 9.82
CA CYS L 88 -5.71 31.72 10.50
C CYS L 88 -4.62 32.22 11.43
N ASN L 89 -4.07 31.31 12.21
CA ASN L 89 -2.85 31.55 12.98
C ASN L 89 -2.09 30.23 13.08
N ALA L 90 -1.06 30.08 12.23
CA ALA L 90 -0.30 28.84 12.08
C ALA L 90 0.24 28.28 13.41
N SER L 91 0.57 29.17 14.35
CA SER L 91 0.96 28.76 15.70
C SER L 91 -0.16 28.04 16.47
N ALA L 92 -1.39 28.54 16.32
CA ALA L 92 -2.56 27.96 16.99
C ALA L 92 -3.19 26.76 16.25
N ASP L 93 -2.88 26.61 14.97
CA ASP L 93 -3.38 25.51 14.12
C ASP L 93 -4.91 25.54 14.00
N THR L 94 -5.43 26.67 13.51
CA THR L 94 -6.87 26.83 13.31
C THR L 94 -7.23 28.05 12.45
N PHE L 95 -8.13 27.83 11.48
CA PHE L 95 -8.74 28.92 10.70
C PHE L 95 -10.01 29.37 11.42
N THR L 96 -10.41 30.61 11.18
CA THR L 96 -11.66 31.14 11.72
C THR L 96 -12.31 32.07 10.70
N ILE L 97 -13.46 31.63 10.15
CA ILE L 97 -14.21 32.40 9.17
C ILE L 97 -15.30 33.18 9.92
N SER L 98 -15.48 34.44 9.54
CA SER L 98 -16.44 35.34 10.20
C SER L 98 -17.00 36.35 9.22
N ARG L 99 -18.27 36.17 8.83
CA ARG L 99 -18.93 37.05 7.88
C ARG L 99 -19.24 38.40 8.51
N GLY L 100 -20.06 38.38 9.56
CA GLY L 100 -20.49 39.61 10.23
C GLY L 100 -21.15 39.35 11.57
N GLY L 101 -20.38 38.73 12.46
CA GLY L 101 -20.88 38.29 13.76
C GLY L 101 -20.99 36.78 13.80
N LYS L 102 -21.67 36.22 12.81
CA LYS L 102 -21.83 34.77 12.69
C LYS L 102 -20.49 34.20 12.21
N THR L 103 -19.92 33.28 13.00
CA THR L 103 -18.56 32.78 12.78
C THR L 103 -18.48 31.25 12.84
N ARG L 104 -17.33 30.73 12.40
CA ARG L 104 -17.13 29.28 12.30
C ARG L 104 -15.64 28.92 12.31
N THR L 105 -15.15 28.51 13.48
CA THR L 105 -13.75 28.17 13.69
C THR L 105 -13.50 26.70 13.36
N LEU L 106 -12.48 26.43 12.56
CA LEU L 106 -12.09 25.07 12.18
C LEU L 106 -10.59 24.86 12.36
N ASN L 107 -10.22 23.68 12.87
CA ASN L 107 -8.85 23.40 13.33
C ASN L 107 -8.16 22.34 12.46
N LEU L 108 -7.19 22.80 11.67
CA LEU L 108 -6.39 21.95 10.79
C LEU L 108 -4.91 22.22 11.04
N THR L 109 -4.07 21.21 10.78
CA THR L 109 -2.63 21.31 11.05
C THR L 109 -1.94 22.21 10.01
N VAL L 110 -1.62 23.44 10.44
CA VAL L 110 -0.93 24.42 9.60
C VAL L 110 0.38 24.81 10.29
N ASN L 111 1.40 25.10 9.49
CA ASN L 111 2.75 25.42 9.97
C ASN L 111 3.26 26.73 9.38
N PHE M 1 -77.06 69.69 -13.51
CA PHE M 1 -76.04 70.10 -12.50
C PHE M 1 -76.44 71.40 -11.82
N THR M 2 -76.69 71.33 -10.51
CA THR M 2 -77.01 72.51 -9.70
C THR M 2 -75.73 73.22 -9.27
N LEU M 3 -75.88 74.44 -8.78
CA LEU M 3 -74.74 75.24 -8.29
C LEU M 3 -74.11 74.62 -7.07
N ILE M 4 -74.93 74.11 -6.16
CA ILE M 4 -74.47 73.54 -4.90
C ILE M 4 -73.66 72.25 -5.10
N GLU M 5 -73.98 71.50 -6.15
CA GLU M 5 -73.31 70.24 -6.49
C GLU M 5 -71.86 70.48 -6.91
N LEU M 6 -71.66 71.50 -7.75
CA LEU M 6 -70.32 71.85 -8.21
C LEU M 6 -69.48 72.42 -7.08
N ALA M 7 -70.10 73.22 -6.20
CA ALA M 7 -69.46 73.76 -5.00
C ALA M 7 -68.90 72.66 -4.11
N ILE M 8 -69.65 71.57 -3.97
CA ILE M 8 -69.23 70.41 -3.19
C ILE M 8 -68.13 69.63 -3.92
N VAL M 9 -68.18 69.58 -5.25
CA VAL M 9 -67.11 68.97 -6.05
C VAL M 9 -65.80 69.77 -5.93
N ILE M 10 -65.91 71.10 -5.88
CA ILE M 10 -64.74 71.97 -5.68
C ILE M 10 -64.07 71.70 -4.32
N VAL M 11 -64.87 71.42 -3.30
CA VAL M 11 -64.35 71.06 -1.97
C VAL M 11 -63.63 69.72 -2.01
N ILE M 12 -64.27 68.72 -2.61
CA ILE M 12 -63.75 67.35 -2.62
C ILE M 12 -62.47 67.24 -3.45
N ILE M 13 -62.45 67.85 -4.63
CA ILE M 13 -61.26 67.84 -5.50
C ILE M 13 -60.04 68.44 -4.80
N GLY M 14 -60.25 69.50 -4.02
CA GLY M 14 -59.18 70.08 -3.20
C GLY M 14 -58.53 69.08 -2.24
N ILE M 15 -59.35 68.23 -1.63
CA ILE M 15 -58.88 67.24 -0.67
C ILE M 15 -58.25 66.04 -1.41
N LEU M 16 -58.97 65.49 -2.38
CA LEU M 16 -58.54 64.27 -3.07
C LEU M 16 -57.35 64.46 -4.03
N VAL M 17 -57.03 65.71 -4.38
CA VAL M 17 -55.77 66.03 -5.07
C VAL M 17 -54.85 66.80 -4.10
N ALA M 18 -54.62 66.17 -2.95
CA ALA M 18 -53.75 66.71 -1.91
C ALA M 18 -53.29 65.53 -1.07
N ILE M 19 -52.56 64.64 -1.73
CA ILE M 19 -52.11 63.38 -1.15
C ILE M 19 -50.66 63.12 -1.52
N ALA M 20 -50.00 62.30 -0.72
CA ALA M 20 -48.69 61.77 -1.08
C ALA M 20 -48.92 60.77 -2.22
N VAL M 21 -48.06 60.84 -3.23
CA VAL M 21 -48.09 59.90 -4.35
C VAL M 21 -46.65 59.63 -4.73
N PRO M 22 -46.23 58.33 -4.72
CA PRO M 22 -44.81 58.07 -4.88
C PRO M 22 -44.39 58.18 -6.34
N ARG M 23 -43.11 58.44 -6.57
CA ARG M 23 -42.60 58.58 -7.93
C ARG M 23 -41.73 57.41 -8.34
N PHE M 24 -41.54 57.30 -9.65
CA PHE M 24 -40.74 56.23 -10.22
C PHE M 24 -39.26 56.53 -9.95
N VAL M 25 -38.71 55.87 -8.94
CA VAL M 25 -37.27 55.88 -8.69
C VAL M 25 -36.71 54.78 -9.57
N ASP M 26 -35.74 55.12 -10.42
CA ASP M 26 -35.12 54.15 -11.31
C ASP M 26 -34.15 53.29 -10.52
N LEU M 27 -34.50 52.02 -10.34
CA LEU M 27 -33.71 51.06 -9.57
C LEU M 27 -33.16 49.94 -10.47
N THR M 28 -32.79 50.29 -11.71
CA THR M 28 -32.19 49.32 -12.62
C THR M 28 -30.78 49.01 -12.16
N ASP M 29 -30.00 50.07 -11.95
CA ASP M 29 -28.63 49.98 -11.38
C ASP M 29 -28.52 49.11 -10.12
N GLN M 30 -29.57 49.11 -9.30
CA GLN M 30 -29.64 48.24 -8.11
C GLN M 30 -29.81 46.79 -8.53
N ALA M 31 -30.74 46.54 -9.45
CA ALA M 31 -31.02 45.20 -9.97
C ALA M 31 -29.91 44.67 -10.87
N ASN M 32 -29.17 45.56 -11.52
CA ASN M 32 -28.05 45.14 -12.39
C ASN M 32 -26.92 44.51 -11.60
N GLN M 33 -26.61 45.05 -10.43
CA GLN M 33 -25.61 44.46 -9.54
C GLN M 33 -26.12 43.15 -8.90
N ALA M 34 -27.42 43.06 -8.68
CA ALA M 34 -28.05 41.81 -8.23
C ALA M 34 -28.02 40.75 -9.33
N ASN M 35 -28.31 41.17 -10.56
CA ASN M 35 -28.25 40.31 -11.74
C ASN M 35 -26.83 39.78 -11.94
N VAL M 36 -25.87 40.70 -11.96
CA VAL M 36 -24.47 40.34 -12.25
C VAL M 36 -23.87 39.44 -11.15
N ASP M 37 -24.42 39.51 -9.93
CA ASP M 37 -24.08 38.55 -8.87
C ASP M 37 -24.68 37.17 -9.15
N ALA M 38 -25.98 37.15 -9.42
CA ALA M 38 -26.70 35.90 -9.70
C ALA M 38 -26.13 35.16 -10.92
N THR M 39 -25.75 35.92 -11.94
CA THR M 39 -25.07 35.36 -13.11
C THR M 39 -23.70 34.81 -12.71
N ALA M 40 -22.94 35.60 -11.95
CA ALA M 40 -21.62 35.18 -11.47
C ALA M 40 -21.66 33.94 -10.57
N ALA M 41 -22.76 33.77 -9.84
CA ALA M 41 -22.98 32.55 -9.03
C ALA M 41 -23.11 31.32 -9.92
N ALA M 42 -23.84 31.48 -11.02
CA ALA M 42 -24.01 30.39 -11.99
C ALA M 42 -22.73 30.08 -12.76
N VAL M 43 -21.95 31.10 -13.08
CA VAL M 43 -20.68 30.93 -13.79
C VAL M 43 -19.69 30.10 -12.96
N ARG M 44 -19.70 30.28 -11.65
CA ARG M 44 -18.92 29.44 -10.73
C ARG M 44 -19.38 28.00 -10.78
N SER M 45 -20.69 27.80 -10.67
CA SER M 45 -21.29 26.46 -10.68
C SER M 45 -21.05 25.75 -12.01
N ALA M 46 -21.28 26.47 -13.11
CA ALA M 46 -21.05 25.95 -14.45
C ALA M 46 -19.60 25.52 -14.67
N TYR M 47 -18.66 26.29 -14.14
CA TYR M 47 -17.24 25.95 -14.19
C TYR M 47 -16.95 24.67 -13.40
N ALA M 48 -17.56 24.55 -12.23
CA ALA M 48 -17.40 23.36 -11.39
C ALA M 48 -18.00 22.10 -12.03
N ILE M 49 -19.06 22.26 -12.83
CA ILE M 49 -19.62 21.15 -13.59
C ILE M 49 -18.74 20.81 -14.78
N ALA M 50 -18.18 21.83 -15.43
CA ALA M 50 -17.25 21.63 -16.54
C ALA M 50 -16.01 20.82 -16.12
N THR M 51 -15.54 21.03 -14.89
CA THR M 51 -14.37 20.32 -14.38
C THR M 51 -14.60 18.83 -14.16
N VAL M 52 -15.84 18.45 -13.85
CA VAL M 52 -16.20 17.03 -13.70
C VAL M 52 -16.34 16.39 -15.09
N GLN M 53 -16.93 17.12 -16.03
CA GLN M 53 -17.06 16.66 -17.41
C GLN M 53 -15.69 16.50 -18.08
N ALA M 54 -14.90 17.57 -18.02
CA ALA M 54 -13.57 17.60 -18.65
C ALA M 54 -12.49 16.81 -17.91
N LYS M 55 -12.76 16.41 -16.65
CA LYS M 55 -11.76 15.81 -15.75
C LYS M 55 -10.40 16.51 -15.81
N GLY M 56 -10.46 17.82 -15.61
CA GLY M 56 -9.30 18.70 -15.74
C GLY M 56 -9.74 20.15 -15.86
N ILE M 57 -8.80 21.05 -16.10
CA ILE M 57 -9.14 22.46 -16.35
C ILE M 57 -9.93 22.58 -17.67
N PRO M 58 -11.21 23.00 -17.58
CA PRO M 58 -12.06 22.99 -18.76
C PRO M 58 -11.84 24.17 -19.69
N THR M 59 -12.22 24.03 -20.95
CA THR M 59 -12.15 25.12 -21.92
C THR M 59 -13.31 26.09 -21.71
N CYS M 60 -13.16 27.30 -22.25
CA CYS M 60 -14.16 28.36 -22.07
C CYS M 60 -15.50 28.03 -22.75
N ASP M 61 -15.46 27.23 -23.81
CA ASP M 61 -16.67 26.77 -24.49
C ASP M 61 -17.43 25.72 -23.67
N GLN M 62 -16.69 24.82 -23.01
CA GLN M 62 -17.28 23.81 -22.11
C GLN M 62 -17.98 24.43 -20.90
N VAL M 63 -17.47 25.58 -20.44
CA VAL M 63 -18.07 26.30 -19.31
C VAL M 63 -19.41 26.93 -19.72
N PHE M 64 -19.47 27.55 -20.90
CA PHE M 64 -20.72 28.16 -21.38
C PHE M 64 -21.73 27.16 -21.91
N ALA M 65 -21.34 25.89 -22.05
CA ALA M 65 -22.29 24.83 -22.38
C ALA M 65 -23.32 24.60 -21.28
N ASN M 66 -22.94 24.84 -20.01
CA ASN M 66 -23.79 24.52 -18.87
C ASN M 66 -24.90 25.54 -18.54
N PRO M 67 -24.60 26.86 -18.55
CA PRO M 67 -25.65 27.85 -18.29
C PRO M 67 -26.75 27.90 -19.34
N GLU M 68 -27.96 28.22 -18.89
CA GLU M 68 -29.11 28.34 -19.76
C GLU M 68 -29.85 29.64 -19.50
N GLY M 69 -30.75 29.98 -20.42
CA GLY M 69 -31.45 31.26 -20.40
C GLY M 69 -30.64 32.33 -21.10
N GLY M 70 -30.10 31.98 -22.26
CA GLY M 70 -29.25 32.88 -23.04
C GLY M 70 -28.30 32.12 -23.96
N SER M 71 -27.94 32.77 -25.07
CA SER M 71 -27.17 32.14 -26.14
C SER M 71 -25.69 32.46 -26.05
N THR M 72 -24.88 31.67 -26.76
CA THR M 72 -23.43 31.89 -26.87
C THR M 72 -23.05 32.32 -28.28
N SER M 73 -21.83 32.85 -28.40
CA SER M 73 -21.25 33.19 -29.70
C SER M 73 -19.73 33.35 -29.56
N GLY M 74 -18.99 32.36 -30.05
CA GLY M 74 -17.53 32.37 -29.99
C GLY M 74 -17.03 32.07 -28.60
N SER M 75 -16.99 33.11 -27.76
CA SER M 75 -16.53 32.98 -26.37
C SER M 75 -17.19 33.99 -25.43
N THR M 76 -18.46 34.30 -25.68
CA THR M 76 -19.23 35.26 -24.88
C THR M 76 -20.68 34.83 -24.78
N TRP M 77 -21.04 34.23 -23.66
CA TRP M 77 -22.43 33.90 -23.35
C TRP M 77 -23.16 35.19 -22.98
N THR M 78 -24.19 35.54 -23.76
CA THR M 78 -25.08 36.65 -23.43
C THR M 78 -26.45 36.08 -23.03
N SER M 79 -27.20 36.83 -22.22
CA SER M 79 -28.53 36.38 -21.80
C SER M 79 -29.52 36.39 -22.97
N SER M 80 -30.72 35.84 -22.74
CA SER M 80 -31.78 35.82 -23.74
C SER M 80 -32.00 37.21 -24.34
N ASP M 81 -32.26 38.18 -23.46
CA ASP M 81 -32.22 39.60 -23.83
C ASP M 81 -30.77 40.05 -23.87
N ASN M 82 -30.46 41.01 -24.73
CA ASN M 82 -29.07 41.41 -24.98
C ASN M 82 -28.47 42.19 -23.80
N SER M 83 -28.00 41.44 -22.81
CA SER M 83 -27.29 41.98 -21.64
C SER M 83 -26.46 40.86 -20.99
N THR M 84 -25.72 41.20 -19.94
CA THR M 84 -25.01 40.22 -19.10
C THR M 84 -23.98 39.39 -19.88
N THR M 85 -23.11 40.07 -20.61
CA THR M 85 -22.07 39.39 -21.37
C THR M 85 -20.98 38.87 -20.44
N VAL M 86 -21.09 37.60 -20.05
CA VAL M 86 -19.99 36.91 -19.35
C VAL M 86 -18.92 36.51 -20.38
N SER M 87 -17.97 37.42 -20.58
CA SER M 87 -16.88 37.23 -21.51
C SER M 87 -15.65 36.75 -20.76
N CYS M 88 -15.04 35.68 -21.25
CA CYS M 88 -13.78 35.18 -20.71
C CYS M 88 -12.65 35.46 -21.69
N ASN M 89 -11.44 35.18 -21.24
CA ASN M 89 -10.26 35.14 -22.10
C ASN M 89 -9.30 34.10 -21.54
N ALA M 90 -9.31 32.92 -22.15
CA ALA M 90 -8.55 31.75 -21.67
C ALA M 90 -7.07 32.02 -21.43
N SER M 91 -6.48 32.92 -22.22
CA SER M 91 -5.11 33.36 -22.02
C SER M 91 -4.92 34.10 -20.69
N ALA M 92 -5.88 34.95 -20.32
CA ALA M 92 -5.83 35.72 -19.08
C ALA M 92 -6.31 34.96 -17.83
N ASP M 93 -7.06 33.86 -18.04
CA ASP M 93 -7.60 33.01 -16.96
C ASP M 93 -8.57 33.78 -16.05
N THR M 94 -9.61 34.34 -16.66
CA THR M 94 -10.63 35.09 -15.92
C THR M 94 -11.90 35.36 -16.71
N PHE M 95 -13.05 35.11 -16.09
CA PHE M 95 -14.35 35.51 -16.63
C PHE M 95 -14.68 36.90 -16.12
N THR M 96 -15.52 37.63 -16.86
CA THR M 96 -16.00 38.94 -16.43
C THR M 96 -17.46 39.12 -16.86
N ILE M 97 -18.35 39.16 -15.87
CA ILE M 97 -19.79 39.34 -16.08
C ILE M 97 -20.09 40.83 -15.94
N SER M 98 -20.93 41.35 -16.85
CA SER M 98 -21.27 42.77 -16.88
C SER M 98 -22.69 42.97 -17.42
N ARG M 99 -23.62 43.31 -16.53
CA ARG M 99 -25.02 43.53 -16.89
C ARG M 99 -25.19 44.82 -17.69
N GLY M 100 -24.85 45.94 -17.06
CA GLY M 100 -25.01 47.25 -17.69
C GLY M 100 -24.29 48.34 -16.92
N GLY M 101 -22.98 48.18 -16.83
CA GLY M 101 -22.11 49.07 -16.05
C GLY M 101 -21.62 48.36 -14.80
N LYS M 102 -22.55 47.79 -14.04
CA LYS M 102 -22.21 47.04 -12.83
C LYS M 102 -21.64 45.70 -13.26
N THR M 103 -20.40 45.42 -12.83
CA THR M 103 -19.63 44.26 -13.31
C THR M 103 -19.02 43.46 -12.17
N ARG M 104 -18.52 42.27 -12.52
CA ARG M 104 -17.98 41.32 -11.53
C ARG M 104 -17.02 40.34 -12.17
N THR M 105 -15.72 40.61 -12.04
CA THR M 105 -14.65 39.80 -12.62
C THR M 105 -14.24 38.68 -11.67
N LEU M 106 -14.19 37.45 -12.18
CA LEU M 106 -13.78 36.28 -11.41
C LEU M 106 -12.72 35.48 -12.16
N ASN M 107 -11.73 34.98 -11.42
CA ASN M 107 -10.52 34.38 -12.00
C ASN M 107 -10.42 32.89 -11.71
N LEU M 108 -10.63 32.08 -12.75
CA LEU M 108 -10.55 30.63 -12.68
C LEU M 108 -9.62 30.11 -13.79
N THR M 109 -9.00 28.96 -13.54
CA THR M 109 -8.03 28.40 -14.49
C THR M 109 -8.74 27.82 -15.72
N VAL M 110 -8.65 28.56 -16.82
CA VAL M 110 -9.24 28.16 -18.11
C VAL M 110 -8.12 28.08 -19.15
N ASN M 111 -8.25 27.16 -20.10
CA ASN M 111 -7.25 26.91 -21.13
C ASN M 111 -7.87 26.93 -22.53
N PHE N 1 -85.01 78.56 -8.28
CA PHE N 1 -83.83 78.86 -9.13
C PHE N 1 -83.99 80.22 -9.82
N THR N 2 -83.12 81.16 -9.46
CA THR N 2 -83.10 82.48 -10.11
C THR N 2 -82.31 82.44 -11.40
N LEU N 3 -82.44 83.48 -12.21
CA LEU N 3 -81.74 83.60 -13.49
C LEU N 3 -80.23 83.72 -13.28
N ILE N 4 -79.84 84.50 -12.27
CA ILE N 4 -78.43 84.76 -11.98
C ILE N 4 -77.68 83.51 -11.50
N GLU N 5 -78.39 82.60 -10.83
CA GLU N 5 -77.82 81.36 -10.31
C GLU N 5 -77.42 80.43 -11.44
N LEU N 6 -78.29 80.29 -12.43
CA LEU N 6 -78.02 79.45 -13.60
C LEU N 6 -76.88 80.03 -14.44
N ALA N 7 -76.86 81.35 -14.58
CA ALA N 7 -75.78 82.07 -15.29
C ALA N 7 -74.41 81.75 -14.69
N ILE N 8 -74.35 81.70 -13.36
CA ILE N 8 -73.13 81.36 -12.64
C ILE N 8 -72.79 79.87 -12.80
N VAL N 9 -73.80 79.01 -12.86
CA VAL N 9 -73.59 77.58 -13.13
C VAL N 9 -73.05 77.36 -14.55
N ILE N 10 -73.53 78.15 -15.52
CA ILE N 10 -73.03 78.10 -16.90
C ILE N 10 -71.53 78.47 -16.97
N VAL N 11 -71.11 79.44 -16.14
CA VAL N 11 -69.71 79.83 -16.05
C VAL N 11 -68.86 78.71 -15.46
N ILE N 12 -69.31 78.14 -14.35
CA ILE N 12 -68.56 77.13 -13.61
C ILE N 12 -68.43 75.83 -14.42
N ILE N 13 -69.52 75.36 -15.02
CA ILE N 13 -69.50 74.13 -15.85
C ILE N 13 -68.51 74.25 -17.00
N GLY N 14 -68.40 75.43 -17.60
CA GLY N 14 -67.39 75.67 -18.64
C GLY N 14 -65.97 75.42 -18.18
N ILE N 15 -65.67 75.82 -16.93
CA ILE N 15 -64.34 75.66 -16.36
C ILE N 15 -64.12 74.21 -15.90
N LEU N 16 -65.06 73.68 -15.12
CA LEU N 16 -64.91 72.35 -14.51
C LEU N 16 -65.04 71.18 -15.50
N VAL N 17 -65.54 71.44 -16.70
CA VAL N 17 -65.48 70.48 -17.81
C VAL N 17 -64.50 71.00 -18.87
N ALA N 18 -63.29 71.30 -18.41
CA ALA N 18 -62.20 71.77 -19.26
C ALA N 18 -60.91 71.45 -18.54
N ILE N 19 -60.68 70.15 -18.38
CA ILE N 19 -59.56 69.62 -17.62
C ILE N 19 -58.93 68.45 -18.35
N ALA N 20 -57.67 68.18 -18.04
CA ALA N 20 -57.04 66.95 -18.50
C ALA N 20 -57.66 65.81 -17.69
N VAL N 21 -57.97 64.72 -18.39
CA VAL N 21 -58.50 63.52 -17.75
C VAL N 21 -57.88 62.32 -18.47
N PRO N 22 -57.19 61.43 -17.73
CA PRO N 22 -56.43 60.40 -18.42
C PRO N 22 -57.34 59.29 -18.92
N ARG N 23 -56.88 58.56 -19.93
CA ARG N 23 -57.66 57.49 -20.51
C ARG N 23 -57.08 56.12 -20.18
N PHE N 24 -57.90 55.10 -20.36
CA PHE N 24 -57.52 53.73 -20.09
C PHE N 24 -56.60 53.25 -21.20
N VAL N 25 -55.30 53.26 -20.93
CA VAL N 25 -54.32 52.64 -21.80
C VAL N 25 -54.27 51.17 -21.40
N ASP N 26 -54.49 50.28 -22.35
CA ASP N 26 -54.48 48.85 -22.07
C ASP N 26 -53.02 48.38 -21.93
N LEU N 27 -52.65 48.02 -20.70
CA LEU N 27 -51.30 47.59 -20.38
C LEU N 27 -51.28 46.11 -19.94
N THR N 28 -52.12 45.29 -20.57
CA THR N 28 -52.13 43.86 -20.29
C THR N 28 -50.89 43.22 -20.87
N ASP N 29 -50.66 43.48 -22.16
CA ASP N 29 -49.45 43.06 -22.88
C ASP N 29 -48.13 43.37 -22.14
N GLN N 30 -48.09 44.48 -21.41
CA GLN N 30 -46.95 44.83 -20.58
C GLN N 30 -46.84 43.88 -19.38
N ALA N 31 -47.97 43.67 -18.71
CA ALA N 31 -48.05 42.78 -17.53
C ALA N 31 -47.91 41.30 -17.91
N ASN N 32 -48.30 40.94 -19.13
CA ASN N 32 -48.19 39.55 -19.59
C ASN N 32 -46.74 39.10 -19.71
N GLN N 33 -45.87 39.98 -20.22
CA GLN N 33 -44.45 39.71 -20.28
C GLN N 33 -43.80 39.71 -18.89
N ALA N 34 -44.32 40.53 -17.98
CA ALA N 34 -43.90 40.50 -16.58
C ALA N 34 -44.33 39.21 -15.89
N ASN N 35 -45.57 38.79 -16.16
CA ASN N 35 -46.13 37.54 -15.64
C ASN N 35 -45.30 36.35 -16.14
N VAL N 36 -45.10 36.28 -17.45
CA VAL N 36 -44.40 35.16 -18.07
C VAL N 36 -42.93 35.07 -17.65
N ASP N 37 -42.34 36.19 -17.23
CA ASP N 37 -41.01 36.19 -16.59
C ASP N 37 -41.09 35.62 -15.18
N ALA N 38 -42.01 36.15 -14.37
CA ALA N 38 -42.19 35.70 -12.98
C ALA N 38 -42.53 34.21 -12.88
N THR N 39 -43.35 33.73 -13.82
CA THR N 39 -43.65 32.30 -13.93
C THR N 39 -42.40 31.52 -14.32
N ALA N 40 -41.67 32.02 -15.31
CA ALA N 40 -40.43 31.39 -15.76
C ALA N 40 -39.34 31.35 -14.68
N ALA N 41 -39.34 32.34 -13.79
CA ALA N 41 -38.44 32.34 -12.63
C ALA N 41 -38.75 31.18 -11.68
N ALA N 42 -40.04 30.94 -11.48
CA ALA N 42 -40.49 29.84 -10.62
C ALA N 42 -40.23 28.47 -11.25
N VAL N 43 -40.39 28.38 -12.57
CA VAL N 43 -40.16 27.12 -13.29
C VAL N 43 -38.70 26.69 -13.18
N ARG N 44 -37.78 27.64 -13.18
CA ARG N 44 -36.36 27.37 -12.92
C ARG N 44 -36.15 26.84 -11.51
N SER N 45 -36.74 27.53 -10.53
CA SER N 45 -36.61 27.14 -9.13
C SER N 45 -37.23 25.77 -8.85
N ALA N 46 -38.43 25.57 -9.39
CA ALA N 46 -39.13 24.28 -9.26
C ALA N 46 -38.33 23.12 -9.85
N TYR N 47 -37.68 23.35 -10.98
CA TYR N 47 -36.80 22.36 -11.60
C TYR N 47 -35.61 22.05 -10.71
N ALA N 48 -35.02 23.08 -10.12
CA ALA N 48 -33.89 22.92 -9.20
C ALA N 48 -34.25 22.17 -7.92
N ILE N 49 -35.50 22.31 -7.47
CA ILE N 49 -36.01 21.54 -6.34
C ILE N 49 -36.29 20.10 -6.74
N ALA N 50 -36.82 19.91 -7.95
CA ALA N 50 -37.07 18.57 -8.48
C ALA N 50 -35.79 17.74 -8.58
N THR N 51 -34.67 18.39 -8.91
CA THR N 51 -33.38 17.71 -9.04
C THR N 51 -32.82 17.20 -7.72
N VAL N 52 -33.15 17.88 -6.61
CA VAL N 52 -32.75 17.43 -5.29
C VAL N 52 -33.63 16.27 -4.83
N GLN N 53 -34.94 16.36 -5.14
CA GLN N 53 -35.89 15.29 -4.83
C GLN N 53 -35.57 14.03 -5.64
N ALA N 54 -35.45 14.18 -6.95
CA ALA N 54 -35.20 13.07 -7.86
C ALA N 54 -33.75 12.55 -7.85
N LYS N 55 -32.82 13.30 -7.25
CA LYS N 55 -31.37 13.02 -7.30
C LYS N 55 -30.90 12.61 -8.70
N GLY N 56 -31.25 13.46 -9.67
CA GLY N 56 -31.00 13.19 -11.08
C GLY N 56 -31.83 14.13 -11.93
N ILE N 57 -31.81 13.93 -13.25
CA ILE N 57 -32.68 14.69 -14.16
C ILE N 57 -34.15 14.33 -13.89
N PRO N 58 -34.95 15.30 -13.41
CA PRO N 58 -36.31 15.00 -12.98
C PRO N 58 -37.30 14.90 -14.15
N THR N 59 -38.41 14.20 -13.93
CA THR N 59 -39.49 14.11 -14.92
C THR N 59 -40.30 15.40 -14.93
N CYS N 60 -41.05 15.60 -16.02
CA CYS N 60 -41.85 16.82 -16.19
C CYS N 60 -42.99 16.94 -15.18
N ASP N 61 -43.48 15.81 -14.70
CA ASP N 61 -44.51 15.78 -13.65
C ASP N 61 -43.95 16.18 -12.29
N GLN N 62 -42.74 15.73 -11.97
CA GLN N 62 -42.03 16.11 -10.74
C GLN N 62 -41.73 17.60 -10.65
N VAL N 63 -41.50 18.22 -11.82
CA VAL N 63 -41.23 19.67 -11.89
C VAL N 63 -42.51 20.47 -11.59
N PHE N 64 -43.65 20.07 -12.16
CA PHE N 64 -44.92 20.76 -11.90
C PHE N 64 -45.55 20.43 -10.55
N ALA N 65 -44.99 19.47 -9.81
CA ALA N 65 -45.40 19.21 -8.44
C ALA N 65 -45.06 20.38 -7.49
N ASN N 66 -43.98 21.11 -7.79
CA ASN N 66 -43.48 22.16 -6.90
C ASN N 66 -44.22 23.52 -6.97
N PRO N 67 -44.52 24.04 -8.19
CA PRO N 67 -45.26 25.30 -8.28
C PRO N 67 -46.68 25.25 -7.73
N GLU N 68 -47.12 26.37 -7.18
CA GLU N 68 -48.47 26.49 -6.65
C GLU N 68 -49.14 27.76 -7.17
N GLY N 69 -50.45 27.83 -6.97
CA GLY N 69 -51.28 28.90 -7.52
C GLY N 69 -51.73 28.56 -8.93
N GLY N 70 -52.17 27.32 -9.12
CA GLY N 70 -52.59 26.82 -10.43
C GLY N 70 -52.49 25.31 -10.52
N SER N 71 -53.35 24.73 -11.35
CA SER N 71 -53.51 23.28 -11.47
C SER N 71 -52.72 22.69 -12.63
N THR N 72 -52.53 21.38 -12.59
CA THR N 72 -51.87 20.64 -13.67
C THR N 72 -52.86 19.72 -14.38
N SER N 73 -52.46 19.26 -15.57
CA SER N 73 -53.23 18.27 -16.34
C SER N 73 -52.32 17.62 -17.38
N GLY N 74 -51.94 16.36 -17.13
CA GLY N 74 -51.09 15.61 -18.03
C GLY N 74 -49.65 16.09 -17.97
N SER N 75 -49.35 17.16 -18.72
CA SER N 75 -48.01 17.74 -18.75
C SER N 75 -48.04 19.25 -19.04
N THR N 76 -49.04 19.93 -18.51
CA THR N 76 -49.20 21.38 -18.69
C THR N 76 -49.79 22.02 -17.44
N TRP N 77 -48.93 22.63 -16.64
CA TRP N 77 -49.38 23.42 -15.49
C TRP N 77 -49.95 24.74 -16.00
N THR N 78 -51.23 24.99 -15.71
CA THR N 78 -51.88 26.27 -15.98
C THR N 78 -52.12 26.98 -14.65
N SER N 79 -52.21 28.30 -14.68
CA SER N 79 -52.49 29.08 -13.45
C SER N 79 -53.92 28.85 -12.97
N SER N 80 -54.22 29.37 -11.78
CA SER N 80 -55.56 29.29 -11.21
C SER N 80 -56.62 29.75 -12.21
N ASP N 81 -56.45 30.98 -12.70
CA ASP N 81 -57.20 31.46 -13.87
C ASP N 81 -56.56 30.88 -15.14
N ASN N 82 -57.38 30.67 -16.16
CA ASN N 82 -56.92 29.95 -17.35
C ASN N 82 -55.98 30.79 -18.21
N SER N 83 -54.70 30.78 -17.82
CA SER N 83 -53.62 31.44 -18.55
C SER N 83 -52.28 30.82 -18.14
N THR N 84 -51.19 31.28 -18.76
CA THR N 84 -49.82 30.93 -18.36
C THR N 84 -49.53 29.41 -18.43
N THR N 85 -49.83 28.82 -19.58
CA THR N 85 -49.59 27.39 -19.78
C THR N 85 -48.10 27.13 -19.95
N VAL N 86 -47.42 26.78 -18.85
CA VAL N 86 -46.05 26.27 -18.93
C VAL N 86 -46.08 24.81 -19.39
N SER N 87 -46.01 24.64 -20.71
CA SER N 87 -46.04 23.33 -21.34
C SER N 87 -44.62 22.90 -21.66
N CYS N 88 -44.27 21.68 -21.25
CA CYS N 88 -42.99 21.08 -21.60
C CYS N 88 -43.19 19.97 -22.62
N ASN N 89 -42.07 19.45 -23.10
CA ASN N 89 -42.05 18.23 -23.90
C ASN N 89 -40.72 17.52 -23.63
N ALA N 90 -40.78 16.51 -22.77
CA ALA N 90 -39.60 15.78 -22.28
C ALA N 90 -38.68 15.27 -23.39
N SER N 91 -39.25 14.91 -24.53
CA SER N 91 -38.48 14.52 -25.71
C SER N 91 -37.64 15.68 -26.27
N ALA N 92 -38.20 16.87 -26.28
CA ALA N 92 -37.50 18.07 -26.78
C ALA N 92 -36.57 18.74 -25.76
N ASP N 93 -36.76 18.45 -24.47
CA ASP N 93 -35.96 18.99 -23.37
C ASP N 93 -36.08 20.51 -23.27
N THR N 94 -37.31 20.99 -23.12
CA THR N 94 -37.58 22.42 -22.99
C THR N 94 -39.00 22.74 -22.50
N PHE N 95 -39.08 23.64 -21.51
CA PHE N 95 -40.35 24.22 -21.07
C PHE N 95 -40.64 25.47 -21.89
N THR N 96 -41.92 25.81 -22.01
CA THR N 96 -42.31 27.06 -22.68
C THR N 96 -43.52 27.67 -21.97
N ILE N 97 -43.29 28.82 -21.34
CA ILE N 97 -44.32 29.56 -20.61
C ILE N 97 -44.91 30.61 -21.56
N SER N 98 -46.23 30.74 -21.54
CA SER N 98 -46.95 31.66 -22.42
C SER N 98 -48.21 32.19 -21.76
N ARG N 99 -48.19 33.47 -21.35
CA ARG N 99 -49.32 34.10 -20.69
C ARG N 99 -50.46 34.35 -21.66
N GLY N 100 -50.18 35.17 -22.68
CA GLY N 100 -51.21 35.55 -23.66
C GLY N 100 -50.61 36.21 -24.88
N GLY N 101 -49.74 35.47 -25.57
CA GLY N 101 -48.99 35.98 -26.70
C GLY N 101 -47.53 36.14 -26.34
N LYS N 102 -47.28 36.86 -25.25
CA LYS N 102 -45.92 37.07 -24.74
C LYS N 102 -45.46 35.76 -24.10
N THR N 103 -44.35 35.22 -24.60
CA THR N 103 -43.87 33.88 -24.24
C THR N 103 -42.38 33.86 -23.88
N ARG N 104 -41.95 32.73 -23.30
CA ARG N 104 -40.58 32.59 -22.81
C ARG N 104 -40.17 31.11 -22.70
N THR N 105 -39.45 30.64 -23.71
CA THR N 105 -39.02 29.24 -23.80
C THR N 105 -37.68 29.06 -23.09
N LEU N 106 -37.60 28.04 -22.23
CA LEU N 106 -36.38 27.71 -21.49
C LEU N 106 -36.07 26.22 -21.60
N ASN N 107 -34.78 25.90 -21.76
CA ASN N 107 -34.34 24.54 -22.11
C ASN N 107 -33.54 23.90 -20.97
N LEU N 108 -34.15 22.90 -20.33
CA LEU N 108 -33.54 22.14 -19.24
C LEU N 108 -33.69 20.65 -19.53
N THR N 109 -32.76 19.86 -19.01
CA THR N 109 -32.72 18.41 -19.27
C THR N 109 -33.84 17.69 -18.50
N VAL N 110 -34.89 17.32 -19.24
CA VAL N 110 -36.04 16.59 -18.70
C VAL N 110 -36.18 15.26 -19.44
N ASN N 111 -36.63 14.24 -18.73
CA ASN N 111 -36.76 12.88 -19.28
C ASN N 111 -38.17 12.32 -19.06
N PHE O 1 -88.65 90.96 -9.71
CA PHE O 1 -88.74 89.92 -10.79
C PHE O 1 -89.81 90.28 -11.81
N THR O 2 -89.40 90.52 -13.05
CA THR O 2 -90.32 90.79 -14.15
C THR O 2 -90.85 89.48 -14.74
N LEU O 3 -91.89 89.58 -15.56
CA LEU O 3 -92.48 88.42 -16.22
C LEU O 3 -91.52 87.80 -17.23
N ILE O 4 -90.82 88.65 -17.97
CA ILE O 4 -89.90 88.21 -19.03
C ILE O 4 -88.69 87.44 -18.46
N GLU O 5 -88.27 87.80 -17.25
CA GLU O 5 -87.12 87.17 -16.59
C GLU O 5 -87.42 85.72 -16.22
N LEU O 6 -88.61 85.48 -15.68
CA LEU O 6 -89.04 84.13 -15.32
C LEU O 6 -89.24 83.26 -16.56
N ALA O 7 -89.79 83.85 -17.62
CA ALA O 7 -89.96 83.19 -18.93
C ALA O 7 -88.63 82.67 -19.47
N ILE O 8 -87.58 83.47 -19.32
CA ILE O 8 -86.24 83.09 -19.74
C ILE O 8 -85.65 82.02 -18.81
N VAL O 9 -85.97 82.07 -17.53
CA VAL O 9 -85.56 81.03 -16.58
C VAL O 9 -86.24 79.69 -16.89
N ILE O 10 -87.51 79.74 -17.30
CA ILE O 10 -88.24 78.54 -17.72
C ILE O 10 -87.59 77.88 -18.95
N VAL O 11 -87.07 78.69 -19.87
CA VAL O 11 -86.35 78.19 -21.04
C VAL O 11 -85.04 77.52 -20.63
N ILE O 12 -84.26 78.20 -19.79
CA ILE O 12 -82.93 77.73 -19.40
C ILE O 12 -83.01 76.45 -18.55
N ILE O 13 -83.92 76.42 -17.58
CA ILE O 13 -84.09 75.23 -16.72
C ILE O 13 -84.44 73.98 -17.55
N GLY O 14 -85.25 74.15 -18.60
CA GLY O 14 -85.55 73.06 -19.53
C GLY O 14 -84.31 72.45 -20.17
N ILE O 15 -83.35 73.30 -20.54
CA ILE O 15 -82.12 72.87 -21.18
C ILE O 15 -81.15 72.29 -20.14
N LEU O 16 -80.90 73.03 -19.07
CA LEU O 16 -79.90 72.64 -18.06
C LEU O 16 -80.30 71.46 -17.18
N VAL O 17 -81.58 71.09 -17.18
CA VAL O 17 -82.05 69.82 -16.59
C VAL O 17 -82.47 68.87 -17.71
N ALA O 18 -81.55 68.66 -18.65
CA ALA O 18 -81.75 67.77 -19.78
C ALA O 18 -80.37 67.36 -20.27
N ILE O 19 -79.67 66.66 -19.38
CA ILE O 19 -78.28 66.26 -19.59
C ILE O 19 -78.08 64.82 -19.14
N ALA O 20 -77.04 64.19 -19.68
CA ALA O 20 -76.59 62.91 -19.17
C ALA O 20 -75.95 63.17 -17.82
N VAL O 21 -76.26 62.31 -16.85
CA VAL O 21 -75.67 62.39 -15.51
C VAL O 21 -75.44 60.95 -15.05
N PRO O 22 -74.19 60.59 -14.71
CA PRO O 22 -73.92 59.18 -14.46
C PRO O 22 -74.42 58.76 -13.08
N ARG O 23 -74.67 57.47 -12.91
CA ARG O 23 -75.16 56.95 -11.64
C ARG O 23 -74.11 56.13 -10.93
N PHE O 24 -74.35 55.94 -9.62
CA PHE O 24 -73.46 55.18 -8.77
C PHE O 24 -73.61 53.69 -9.09
N VAL O 25 -72.68 53.17 -9.89
CA VAL O 25 -72.57 51.74 -10.10
C VAL O 25 -71.73 51.21 -8.95
N ASP O 26 -72.26 50.23 -8.22
CA ASP O 26 -71.55 49.65 -7.09
C ASP O 26 -70.46 48.71 -7.61
N LEU O 27 -69.21 49.12 -7.43
CA LEU O 27 -68.05 48.36 -7.90
C LEU O 27 -67.20 47.86 -6.73
N THR O 28 -67.86 47.48 -5.63
CA THR O 28 -67.16 46.92 -4.48
C THR O 28 -66.67 45.53 -4.82
N ASP O 29 -67.60 44.70 -5.30
CA ASP O 29 -67.31 43.34 -5.81
C ASP O 29 -66.12 43.26 -6.78
N GLN O 30 -65.94 44.30 -7.59
CA GLN O 30 -64.79 44.41 -8.49
C GLN O 30 -63.51 44.63 -7.69
N ALA O 31 -63.56 45.58 -6.76
CA ALA O 31 -62.42 45.90 -5.90
C ALA O 31 -62.11 44.82 -4.86
N ASN O 32 -63.12 44.05 -4.47
CA ASN O 32 -62.92 42.96 -3.51
C ASN O 32 -62.05 41.84 -4.08
N GLN O 33 -62.24 41.51 -5.36
CA GLN O 33 -61.38 40.54 -6.03
C GLN O 33 -59.98 41.09 -6.30
N ALA O 34 -59.88 42.40 -6.51
CA ALA O 34 -58.57 43.07 -6.61
C ALA O 34 -57.85 43.09 -5.26
N ASN O 35 -58.60 43.36 -4.19
CA ASN O 35 -58.10 43.34 -2.83
C ASN O 35 -57.60 41.94 -2.46
N VAL O 36 -58.44 40.94 -2.68
CA VAL O 36 -58.12 39.56 -2.30
C VAL O 36 -56.94 38.99 -3.11
N ASP O 37 -56.69 39.53 -4.30
CA ASP O 37 -55.47 39.23 -5.06
C ASP O 37 -54.25 39.88 -4.42
N ALA O 38 -54.34 41.18 -4.17
CA ALA O 38 -53.25 41.96 -3.56
C ALA O 38 -52.84 41.43 -2.19
N THR O 39 -53.84 41.01 -1.40
CA THR O 39 -53.59 40.36 -0.11
C THR O 39 -52.91 39.01 -0.33
N ALA O 40 -53.43 38.21 -1.27
CA ALA O 40 -52.84 36.91 -1.60
C ALA O 40 -51.42 37.01 -2.13
N ALA O 41 -51.09 38.10 -2.81
CA ALA O 41 -49.71 38.37 -3.26
C ALA O 41 -48.78 38.55 -2.07
N ALA O 42 -49.25 39.27 -1.05
CA ALA O 42 -48.48 39.49 0.18
C ALA O 42 -48.33 38.23 1.01
N VAL O 43 -49.38 37.41 1.05
CA VAL O 43 -49.35 36.14 1.80
C VAL O 43 -48.30 35.18 1.24
N ARG O 44 -48.12 35.18 -0.08
CA ARG O 44 -47.03 34.44 -0.71
C ARG O 44 -45.66 34.96 -0.28
N SER O 45 -45.50 36.28 -0.35
CA SER O 45 -44.25 36.92 0.02
C SER O 45 -43.91 36.72 1.49
N ALA O 46 -44.91 36.92 2.35
CA ALA O 46 -44.76 36.71 3.79
C ALA O 46 -44.35 35.28 4.13
N TYR O 47 -44.92 34.31 3.43
CA TYR O 47 -44.56 32.90 3.59
C TYR O 47 -43.10 32.66 3.18
N ALA O 48 -42.68 33.28 2.07
CA ALA O 48 -41.31 33.16 1.59
C ALA O 48 -40.29 33.80 2.54
N ILE O 49 -40.70 34.86 3.25
CA ILE O 49 -39.86 35.47 4.28
C ILE O 49 -39.82 34.61 5.53
N ALA O 50 -40.96 34.01 5.89
CA ALA O 50 -41.03 33.08 7.02
C ALA O 50 -40.10 31.88 6.86
N THR O 51 -39.95 31.40 5.62
CA THR O 51 -39.09 30.26 5.33
C THR O 51 -37.60 30.55 5.53
N VAL O 52 -37.20 31.80 5.32
CA VAL O 52 -35.81 32.21 5.56
C VAL O 52 -35.57 32.38 7.05
N GLN O 53 -36.55 32.94 7.76
CA GLN O 53 -36.49 33.09 9.22
C GLN O 53 -36.48 31.74 9.92
N ALA O 54 -37.45 30.90 9.58
CA ALA O 54 -37.60 29.59 10.20
C ALA O 54 -36.60 28.53 9.70
N LYS O 55 -35.89 28.80 8.60
CA LYS O 55 -35.02 27.83 7.91
C LYS O 55 -35.67 26.44 7.80
N GLY O 56 -36.88 26.45 7.25
CA GLY O 56 -37.71 25.25 7.16
C GLY O 56 -39.15 25.65 6.85
N ILE O 57 -40.05 24.67 6.86
CA ILE O 57 -41.49 24.95 6.70
C ILE O 57 -41.98 25.74 7.93
N PRO O 58 -42.42 27.00 7.73
CA PRO O 58 -42.75 27.85 8.86
C PRO O 58 -44.15 27.59 9.42
N THR O 59 -44.36 27.97 10.67
CA THR O 59 -45.68 27.87 11.31
C THR O 59 -46.59 28.97 10.82
N CYS O 60 -47.90 28.79 11.02
CA CYS O 60 -48.90 29.75 10.54
C CYS O 60 -48.83 31.09 11.27
N ASP O 61 -48.34 31.08 12.51
CA ASP O 61 -48.12 32.32 13.28
C ASP O 61 -46.92 33.11 12.76
N GLN O 62 -45.85 32.41 12.39
CA GLN O 62 -44.66 33.04 11.78
C GLN O 62 -44.95 33.71 10.45
N VAL O 63 -45.91 33.16 9.70
CA VAL O 63 -46.31 33.73 8.40
C VAL O 63 -47.08 35.03 8.60
N PHE O 64 -48.01 35.07 9.57
CA PHE O 64 -48.78 36.30 9.85
C PHE O 64 -47.99 37.35 10.63
N ALA O 65 -46.80 37.02 11.11
CA ALA O 65 -45.90 38.01 11.71
C ALA O 65 -45.41 39.05 10.69
N ASN O 66 -45.28 38.65 9.43
CA ASN O 66 -44.69 39.51 8.39
C ASN O 66 -45.63 40.58 7.79
N PRO O 67 -46.90 40.23 7.45
CA PRO O 67 -47.82 41.23 6.91
C PRO O 67 -48.18 42.33 7.89
N GLU O 68 -48.42 43.53 7.36
CA GLU O 68 -48.81 44.69 8.15
C GLU O 68 -50.02 45.37 7.53
N GLY O 69 -50.63 46.26 8.31
CA GLY O 69 -51.89 46.91 7.94
C GLY O 69 -53.07 46.05 8.33
N GLY O 70 -53.04 45.53 9.55
CA GLY O 70 -54.08 44.63 10.06
C GLY O 70 -53.57 43.72 11.16
N SER O 71 -54.48 43.35 12.06
CA SER O 71 -54.14 42.60 13.27
C SER O 71 -54.37 41.10 13.12
N THR O 72 -53.77 40.34 14.03
CA THR O 72 -53.95 38.88 14.08
C THR O 72 -54.73 38.47 15.32
N SER O 73 -55.23 37.24 15.31
CA SER O 73 -55.89 36.65 16.48
C SER O 73 -55.94 35.13 16.31
N GLY O 74 -55.11 34.42 17.08
CA GLY O 74 -55.05 32.97 17.04
C GLY O 74 -54.37 32.47 15.77
N SER O 75 -55.12 32.39 14.69
CA SER O 75 -54.60 31.94 13.40
C SER O 75 -55.35 32.55 12.21
N THR O 76 -55.76 33.82 12.35
CA THR O 76 -56.49 34.53 11.31
C THR O 76 -56.10 36.02 11.31
N TRP O 77 -55.24 36.39 10.38
CA TRP O 77 -54.90 37.79 10.17
C TRP O 77 -56.05 38.47 9.46
N THR O 78 -56.64 39.48 10.09
CA THR O 78 -57.66 40.34 9.46
C THR O 78 -57.05 41.72 9.21
N SER O 79 -57.57 42.44 8.23
CA SER O 79 -57.08 43.79 7.93
C SER O 79 -57.44 44.78 9.03
N SER O 80 -56.90 45.99 8.95
CA SER O 80 -57.19 47.06 9.91
C SER O 80 -58.69 47.22 10.09
N ASP O 81 -59.40 47.45 8.99
CA ASP O 81 -60.86 47.36 8.96
C ASP O 81 -61.26 45.88 8.88
N ASN O 82 -62.40 45.54 9.45
CA ASN O 82 -62.80 44.13 9.60
C ASN O 82 -63.21 43.50 8.27
N SER O 83 -62.20 43.07 7.52
CA SER O 83 -62.37 42.33 6.27
C SER O 83 -61.09 41.54 5.95
N THR O 84 -61.10 40.79 4.86
CA THR O 84 -59.90 40.11 4.33
C THR O 84 -59.28 39.12 5.31
N THR O 85 -60.09 38.22 5.84
CA THR O 85 -59.61 37.21 6.77
C THR O 85 -58.81 36.14 6.03
N VAL O 86 -57.49 36.30 6.00
CA VAL O 86 -56.60 35.23 5.52
C VAL O 86 -56.46 34.18 6.63
N SER O 87 -57.34 33.20 6.58
CA SER O 87 -57.38 32.10 7.55
C SER O 87 -56.67 30.90 6.97
N CYS O 88 -55.75 30.34 7.75
CA CYS O 88 -55.08 29.09 7.38
C CYS O 88 -55.58 27.95 8.26
N ASN O 89 -55.13 26.76 7.91
CA ASN O 89 -55.29 25.58 8.77
C ASN O 89 -54.09 24.65 8.53
N ALA O 90 -53.12 24.72 9.44
CA ALA O 90 -51.85 24.01 9.31
C ALA O 90 -51.98 22.51 9.02
N SER O 91 -53.04 21.89 9.54
CA SER O 91 -53.36 20.50 9.24
C SER O 91 -53.70 20.28 7.76
N ALA O 92 -54.45 21.22 7.17
CA ALA O 92 -54.85 21.13 5.76
C ALA O 92 -53.79 21.64 4.76
N ASP O 93 -52.83 22.43 5.26
CA ASP O 93 -51.74 23.00 4.45
C ASP O 93 -52.26 23.92 3.35
N THR O 94 -53.01 24.95 3.76
CA THR O 94 -53.56 25.94 2.82
C THR O 94 -54.09 27.20 3.51
N PHE O 95 -53.72 28.36 2.96
CA PHE O 95 -54.30 29.64 3.36
C PHE O 95 -55.51 29.93 2.48
N THR O 96 -56.43 30.72 2.99
CA THR O 96 -57.60 31.16 2.21
C THR O 96 -57.95 32.61 2.56
N ILE O 97 -57.75 33.50 1.59
CA ILE O 97 -58.04 34.92 1.73
C ILE O 97 -59.44 35.18 1.18
N SER O 98 -60.22 35.98 1.90
CA SER O 98 -61.61 36.28 1.53
C SER O 98 -62.00 37.68 1.98
N ARG O 99 -62.12 38.60 1.02
CA ARG O 99 -62.48 40.00 1.30
C ARG O 99 -63.93 40.11 1.71
N GLY O 100 -64.83 39.73 0.79
CA GLY O 100 -66.27 39.84 1.04
C GLY O 100 -67.09 39.07 0.03
N GLY O 101 -66.86 37.76 -0.01
CA GLY O 101 -67.47 36.87 -1.00
C GLY O 101 -66.43 36.40 -1.99
N LYS O 102 -65.71 37.35 -2.59
CA LYS O 102 -64.65 37.05 -3.53
C LYS O 102 -63.45 36.53 -2.74
N THR O 103 -63.01 35.30 -3.08
CA THR O 103 -62.01 34.58 -2.29
C THR O 103 -60.90 33.99 -3.15
N ARG O 104 -59.83 33.54 -2.50
CA ARG O 104 -58.64 33.04 -3.18
C ARG O 104 -57.82 32.10 -2.27
N THR O 105 -58.00 30.80 -2.47
CA THR O 105 -57.34 29.78 -1.66
C THR O 105 -55.99 29.41 -2.27
N LEU O 106 -54.95 29.40 -1.44
CA LEU O 106 -53.59 29.04 -1.87
C LEU O 106 -52.99 28.02 -0.92
N ASN O 107 -52.28 27.04 -1.48
CA ASN O 107 -51.80 25.85 -0.74
C ASN O 107 -50.29 25.81 -0.61
N LEU O 108 -49.80 26.05 0.61
CA LEU O 108 -48.38 26.03 0.94
C LEU O 108 -48.16 25.13 2.14
N THR O 109 -46.96 24.55 2.24
CA THR O 109 -46.64 23.60 3.31
C THR O 109 -46.45 24.33 4.65
N VAL O 110 -47.46 24.23 5.52
CA VAL O 110 -47.44 24.83 6.85
C VAL O 110 -47.62 23.72 7.89
N ASN O 111 -46.98 23.89 9.05
CA ASN O 111 -46.99 22.90 10.12
C ASN O 111 -47.41 23.52 11.45
N PHE P 1 -96.05 98.55 -17.23
CA PHE P 1 -96.53 97.36 -16.49
C PHE P 1 -98.03 97.47 -16.20
N THR P 2 -98.82 96.57 -16.78
CA THR P 2 -100.25 96.49 -16.53
C THR P 2 -100.53 95.70 -15.24
N LEU P 3 -101.77 95.81 -14.76
CA LEU P 3 -102.20 95.09 -13.55
C LEU P 3 -102.20 93.57 -13.77
N ILE P 4 -102.67 93.15 -14.95
CA ILE P 4 -102.78 91.74 -15.29
C ILE P 4 -101.42 91.04 -15.38
N GLU P 5 -100.40 91.78 -15.79
CA GLU P 5 -99.04 91.26 -15.95
C GLU P 5 -98.43 90.89 -14.61
N LEU P 6 -98.60 91.77 -13.62
CA LEU P 6 -98.10 91.53 -12.27
C LEU P 6 -98.85 90.37 -11.60
N ALA P 7 -100.16 90.31 -11.82
CA ALA P 7 -100.99 89.20 -11.33
C ALA P 7 -100.48 87.85 -11.81
N ILE P 8 -100.07 87.79 -13.08
CA ILE P 8 -99.49 86.58 -13.66
C ILE P 8 -98.10 86.30 -13.10
N VAL P 9 -97.33 87.34 -12.81
CA VAL P 9 -96.01 87.18 -12.16
C VAL P 9 -96.17 86.66 -10.73
N ILE P 10 -97.21 87.10 -10.02
CA ILE P 10 -97.52 86.60 -8.67
C ILE P 10 -97.84 85.10 -8.68
N VAL P 11 -98.53 84.64 -9.73
CA VAL P 11 -98.83 83.22 -9.91
C VAL P 11 -97.55 82.42 -10.17
N ILE P 12 -96.72 82.90 -11.09
CA ILE P 12 -95.52 82.18 -11.51
C ILE P 12 -94.49 82.09 -10.39
N ILE P 13 -94.24 83.20 -9.69
CA ILE P 13 -93.29 83.24 -8.57
C ILE P 13 -93.67 82.23 -7.47
N GLY P 14 -94.96 82.08 -7.22
CA GLY P 14 -95.46 81.07 -6.27
C GLY P 14 -95.03 79.65 -6.64
N ILE P 15 -95.06 79.34 -7.93
CA ILE P 15 -94.71 78.02 -8.42
C ILE P 15 -93.18 77.85 -8.47
N LEU P 16 -92.50 78.81 -9.09
CA LEU P 16 -91.04 78.71 -9.31
C LEU P 16 -90.19 78.89 -8.05
N VAL P 17 -90.78 79.39 -6.96
CA VAL P 17 -90.15 79.37 -5.63
C VAL P 17 -90.91 78.36 -4.75
N ALA P 18 -91.02 77.14 -5.25
CA ALA P 18 -91.68 76.04 -4.55
C ALA P 18 -91.12 74.75 -5.14
N ILE P 19 -89.83 74.57 -4.94
CA ILE P 19 -89.07 73.47 -5.51
C ILE P 19 -88.11 72.90 -4.49
N ALA P 20 -87.72 71.65 -4.69
CA ALA P 20 -86.63 71.06 -3.92
C ALA P 20 -85.35 71.73 -4.38
N VAL P 21 -84.50 72.08 -3.43
CA VAL P 21 -83.19 72.66 -3.72
C VAL P 21 -82.21 72.09 -2.69
N PRO P 22 -81.14 71.43 -3.15
CA PRO P 22 -80.30 70.70 -2.20
C PRO P 22 -79.40 71.65 -1.43
N ARG P 23 -78.97 71.23 -0.25
CA ARG P 23 -78.11 72.06 0.59
C ARG P 23 -76.69 71.53 0.64
N PHE P 24 -75.79 72.39 1.08
CA PHE P 24 -74.38 72.06 1.20
C PHE P 24 -74.19 71.16 2.42
N VAL P 25 -74.08 69.85 2.16
CA VAL P 25 -73.68 68.90 3.19
C VAL P 25 -72.16 68.92 3.19
N ASP P 26 -71.57 69.16 4.36
CA ASP P 26 -70.11 69.20 4.48
C ASP P 26 -69.57 67.78 4.48
N LEU P 27 -68.88 67.41 3.41
CA LEU P 27 -68.32 66.08 3.22
C LEU P 27 -66.79 66.12 3.20
N THR P 28 -66.19 66.98 4.03
CA THR P 28 -64.74 67.06 4.14
C THR P 28 -64.24 65.84 4.89
N ASP P 29 -64.84 65.60 6.06
CA ASP P 29 -64.58 64.41 6.88
C ASP P 29 -64.62 63.08 6.10
N GLN P 30 -65.49 63.00 5.09
CA GLN P 30 -65.55 61.84 4.21
C GLN P 30 -64.32 61.77 3.32
N ALA P 31 -63.98 62.91 2.72
CA ALA P 31 -62.80 63.01 1.84
C ALA P 31 -61.48 62.94 2.59
N ASN P 32 -61.48 63.34 3.87
CA ASN P 32 -60.26 63.28 4.69
C ASN P 32 -59.81 61.85 4.95
N GLN P 33 -60.77 60.95 5.19
CA GLN P 33 -60.46 59.53 5.35
C GLN P 33 -60.06 58.89 4.02
N ALA P 34 -60.63 59.38 2.92
CA ALA P 34 -60.21 58.96 1.58
C ALA P 34 -58.79 59.44 1.26
N ASN P 35 -58.50 60.69 1.62
CA ASN P 35 -57.18 61.28 1.47
C ASN P 35 -56.15 60.52 2.27
N VAL P 36 -56.43 60.32 3.55
CA VAL P 36 -55.48 59.67 4.47
C VAL P 36 -55.23 58.19 4.09
N ASP P 37 -56.18 57.56 3.39
CA ASP P 37 -55.96 56.24 2.79
C ASP P 37 -55.02 56.33 1.59
N ALA P 38 -55.34 57.23 0.66
CA ALA P 38 -54.54 57.42 -0.55
C ALA P 38 -53.09 57.83 -0.25
N THR P 39 -52.91 58.67 0.77
CA THR P 39 -51.59 59.02 1.26
C THR P 39 -50.89 57.80 1.87
N ALA P 40 -51.62 57.05 2.71
CA ALA P 40 -51.08 55.83 3.32
C ALA P 40 -50.72 54.74 2.29
N ALA P 41 -51.43 54.71 1.17
CA ALA P 41 -51.09 53.81 0.06
C ALA P 41 -49.73 54.16 -0.54
N ALA P 42 -49.47 55.46 -0.69
CA ALA P 42 -48.20 55.95 -1.21
C ALA P 42 -47.05 55.75 -0.23
N VAL P 43 -47.32 55.92 1.06
CA VAL P 43 -46.30 55.74 2.10
C VAL P 43 -45.80 54.29 2.13
N ARG P 44 -46.69 53.33 1.88
CA ARG P 44 -46.30 51.93 1.72
C ARG P 44 -45.40 51.73 0.50
N SER P 45 -45.81 52.29 -0.64
CA SER P 45 -45.06 52.18 -1.88
C SER P 45 -43.69 52.85 -1.77
N ALA P 46 -43.68 54.06 -1.22
CA ALA P 46 -42.44 54.81 -0.99
C ALA P 46 -41.45 54.05 -0.11
N TYR P 47 -41.96 53.40 0.93
CA TYR P 47 -41.15 52.56 1.80
C TYR P 47 -40.56 51.36 1.05
N ALA P 48 -41.37 50.75 0.19
CA ALA P 48 -40.92 49.61 -0.62
C ALA P 48 -39.86 50.02 -1.65
N ILE P 49 -39.93 51.26 -2.14
CA ILE P 49 -38.89 51.79 -3.03
C ILE P 49 -37.63 52.13 -2.25
N ALA P 50 -37.79 52.68 -1.04
CA ALA P 50 -36.66 52.97 -0.17
C ALA P 50 -35.84 51.72 0.17
N THR P 51 -36.51 50.58 0.33
CA THR P 51 -35.85 49.32 0.65
C THR P 51 -34.98 48.78 -0.49
N VAL P 52 -35.34 49.08 -1.73
CA VAL P 52 -34.52 48.69 -2.89
C VAL P 52 -33.32 49.63 -3.01
N GLN P 53 -33.54 50.92 -2.77
CA GLN P 53 -32.47 51.91 -2.77
C GLN P 53 -31.45 51.65 -1.66
N ALA P 54 -31.97 51.52 -0.43
CA ALA P 54 -31.13 51.31 0.74
C ALA P 54 -30.57 49.89 0.89
N LYS P 55 -31.10 48.93 0.13
CA LYS P 55 -30.78 47.49 0.26
C LYS P 55 -30.75 47.04 1.73
N GLY P 56 -31.85 47.35 2.43
CA GLY P 56 -31.97 47.12 3.86
C GLY P 56 -33.14 47.92 4.42
N ILE P 57 -33.30 47.90 5.74
CA ILE P 57 -34.31 48.73 6.40
C ILE P 57 -33.95 50.23 6.23
N PRO P 58 -34.78 50.98 5.50
CA PRO P 58 -34.42 52.36 5.15
C PRO P 58 -34.68 53.34 6.28
N THR P 59 -33.99 54.49 6.24
CA THR P 59 -34.21 55.56 7.21
C THR P 59 -35.48 56.33 6.87
N CYS P 60 -35.99 57.07 7.85
CA CYS P 60 -37.24 57.82 7.68
C CYS P 60 -37.13 58.96 6.66
N ASP P 61 -35.92 59.50 6.48
CA ASP P 61 -35.66 60.53 5.49
C ASP P 61 -35.65 59.94 4.06
N GLN P 62 -35.08 58.75 3.90
CA GLN P 62 -35.08 58.03 2.61
C GLN P 62 -36.49 57.67 2.13
N VAL P 63 -37.40 57.42 3.08
CA VAL P 63 -38.79 57.10 2.76
C VAL P 63 -39.53 58.34 2.25
N PHE P 64 -39.34 59.49 2.89
CA PHE P 64 -39.98 60.74 2.43
C PHE P 64 -39.32 61.37 1.21
N ALA P 65 -38.17 60.84 0.78
CA ALA P 65 -37.57 61.27 -0.49
C ALA P 65 -38.42 60.88 -1.70
N ASN P 66 -39.17 59.78 -1.60
CA ASN P 66 -39.91 59.24 -2.75
C ASN P 66 -41.27 59.92 -3.05
N PRO P 67 -42.11 60.20 -2.03
CA PRO P 67 -43.38 60.89 -2.29
C PRO P 67 -43.22 62.31 -2.82
N GLU P 68 -44.17 62.71 -3.66
CA GLU P 68 -44.20 64.05 -4.22
C GLU P 68 -45.58 64.67 -4.06
N GLY P 69 -45.65 65.98 -4.30
CA GLY P 69 -46.85 66.77 -4.06
C GLY P 69 -46.93 67.23 -2.63
N GLY P 70 -45.80 67.72 -2.11
CA GLY P 70 -45.69 68.16 -0.72
C GLY P 70 -44.26 68.11 -0.21
N SER P 71 -43.97 69.00 0.74
CA SER P 71 -42.60 69.21 1.22
C SER P 71 -42.33 68.45 2.52
N THR P 72 -41.05 68.31 2.84
CA THR P 72 -40.59 67.69 4.09
C THR P 72 -39.95 68.71 5.02
N SER P 73 -39.81 68.33 6.28
CA SER P 73 -39.10 69.13 7.27
C SER P 73 -38.72 68.26 8.47
N GLY P 74 -37.43 67.94 8.57
CA GLY P 74 -36.93 67.11 9.66
C GLY P 74 -37.32 65.65 9.49
N SER P 75 -38.54 65.32 9.92
CA SER P 75 -39.05 63.95 9.81
C SER P 75 -40.58 63.91 9.68
N THR P 76 -41.14 64.89 8.96
CA THR P 76 -42.58 64.99 8.75
C THR P 76 -42.88 65.56 7.37
N TRP P 77 -43.23 64.68 6.43
CA TRP P 77 -43.68 65.08 5.11
C TRP P 77 -45.11 65.61 5.24
N THR P 78 -45.31 66.87 4.87
CA THR P 78 -46.64 67.47 4.78
C THR P 78 -46.97 67.70 3.31
N SER P 79 -48.27 67.73 2.97
CA SER P 79 -48.68 67.97 1.59
C SER P 79 -48.39 69.41 1.16
N SER P 80 -48.59 69.69 -0.13
CA SER P 80 -48.40 71.04 -0.68
C SER P 80 -49.15 72.07 0.14
N ASP P 81 -50.46 71.85 0.29
CA ASP P 81 -51.27 72.59 1.27
C ASP P 81 -51.03 71.98 2.65
N ASN P 82 -51.12 72.81 3.69
CA ASN P 82 -50.74 72.38 5.04
C ASN P 82 -51.76 71.40 5.65
N SER P 83 -51.59 70.13 5.28
CA SER P 83 -52.38 69.02 5.83
C SER P 83 -51.63 67.71 5.62
N THR P 84 -52.20 66.60 6.10
CA THR P 84 -51.69 65.24 5.83
C THR P 84 -50.25 65.02 6.31
N THR P 85 -50.00 65.33 7.58
CA THR P 85 -48.68 65.15 8.15
C THR P 85 -48.42 63.67 8.40
N VAL P 86 -47.75 63.02 7.46
CA VAL P 86 -47.24 61.65 7.69
C VAL P 86 -45.96 61.74 8.53
N SER P 87 -46.15 61.69 9.84
CA SER P 87 -45.07 61.77 10.80
C SER P 87 -44.68 60.36 11.24
N CYS P 88 -43.39 60.06 11.18
CA CYS P 88 -42.85 58.80 11.70
C CYS P 88 -42.08 59.05 12.98
N ASN P 89 -41.67 57.95 13.60
CA ASN P 89 -40.71 57.97 14.70
C ASN P 89 -39.89 56.68 14.66
N ALA P 90 -38.69 56.78 14.09
CA ALA P 90 -37.83 55.62 13.83
C ALA P 90 -37.60 54.71 15.06
N SER P 91 -37.58 55.31 16.24
CA SER P 91 -37.50 54.56 17.50
C SER P 91 -38.73 53.67 17.73
N ALA P 92 -39.91 54.19 17.40
CA ALA P 92 -41.18 53.44 17.58
C ALA P 92 -41.51 52.49 16.42
N ASP P 93 -40.88 52.69 15.26
CA ASP P 93 -41.08 51.86 14.06
C ASP P 93 -42.51 51.92 13.54
N THR P 94 -42.97 53.14 13.25
CA THR P 94 -44.33 53.35 12.73
C THR P 94 -44.56 54.75 12.15
N PHE P 95 -45.15 54.80 10.97
CA PHE P 95 -45.64 56.05 10.37
C PHE P 95 -47.07 56.29 10.82
N THR P 96 -47.48 57.55 10.82
CA THR P 96 -48.87 57.91 11.12
C THR P 96 -49.31 59.08 10.26
N ILE P 97 -50.24 58.81 9.35
CA ILE P 97 -50.80 59.81 8.43
C ILE P 97 -52.08 60.36 9.04
N SER P 98 -52.26 61.67 8.98
CA SER P 98 -53.40 62.35 9.57
C SER P 98 -53.78 63.59 8.78
N ARG P 99 -54.89 63.51 8.04
CA ARG P 99 -55.36 64.62 7.21
C ARG P 99 -55.92 65.75 8.07
N GLY P 100 -56.96 65.45 8.83
CA GLY P 100 -57.63 66.46 9.66
C GLY P 100 -58.58 65.84 10.66
N GLY P 101 -58.03 65.00 11.53
CA GLY P 101 -58.80 64.22 12.50
C GLY P 101 -58.80 62.76 12.12
N LYS P 102 -59.17 62.48 10.87
CA LYS P 102 -59.19 61.12 10.35
C LYS P 102 -57.74 60.70 10.09
N THR P 103 -57.32 59.61 10.74
CA THR P 103 -55.91 59.19 10.76
C THR P 103 -55.74 57.71 10.43
N ARG P 104 -54.49 57.31 10.19
CA ARG P 104 -54.16 55.95 9.77
C ARG P 104 -52.70 55.60 10.07
N THR P 105 -52.50 54.90 11.18
CA THR P 105 -51.16 54.52 11.65
C THR P 105 -50.74 53.19 11.03
N LEU P 106 -49.52 53.15 10.47
CA LEU P 106 -48.96 51.93 9.87
C LEU P 106 -47.54 51.69 10.38
N ASN P 107 -47.23 50.42 10.65
CA ASN P 107 -46.00 50.03 11.35
C ASN P 107 -45.05 49.25 10.45
N LEU P 108 -43.94 49.90 10.08
CA LEU P 108 -42.88 49.33 9.25
C LEU P 108 -41.54 49.52 9.94
N THR P 109 -40.59 48.63 9.66
CA THR P 109 -39.28 48.64 10.30
C THR P 109 -38.42 49.79 9.75
N VAL P 110 -38.30 50.86 10.55
CA VAL P 110 -37.49 52.03 10.21
C VAL P 110 -36.42 52.22 11.29
N ASN P 111 -35.26 52.72 10.88
CA ASN P 111 -34.11 52.90 11.77
C ASN P 111 -33.56 54.32 11.69
#